data_5AAO
#
_entry.id   5AAO
#
_cell.length_a   93.512
_cell.length_b   109.754
_cell.length_c   100.301
_cell.angle_alpha   90.00
_cell.angle_beta   94.35
_cell.angle_gamma   90.00
#
_symmetry.space_group_name_H-M   'P 1 21 1'
#
loop_
_entity.id
_entity.type
_entity.pdbx_description
1 polymer FAD3210
2 non-polymer 4-[[4-(dimethylamino)cyclohexa-2,5-dien-1-ylidene]-(4-methoxyphenyl)methyl]-N,N-dimethyl-aniline
3 water water
#
_entity_poly.entity_id   1
_entity_poly.type   'polypeptide(L)'
_entity_poly.pdbx_seq_one_letter_code
;MRGSHHHHHHGSDLGKKLLEAARAGQDDEVRILMANGADVNAKDSRGKTPLHLAADYGYLEVAEVLLKHGADVNAHDVYG
DTPLHLTATWGHLEIVEVLLKNGADANAIDFFGWTPLHLAAYFGHLEIVEVLLKYGADVNAQDKFGKTVFDISVYNGDED
LAEILQKLN
;
_entity_poly.pdbx_strand_id   A,B,C,D,E,F,G,H,I,J,K,L
#
loop_
_chem_comp.id
_chem_comp.type
_chem_comp.name
_chem_comp.formula
6FE non-polymer 4-[[4-(dimethylamino)cyclohexa-2,5-dien-1-ylidene]-(4-methoxyphenyl)methyl]-N,N-dimethyl-aniline 'C24 H28 N2 O'
#
# COMPACT_ATOMS: atom_id res chain seq x y z
N SER A 12 -19.97 52.93 -7.09
CA SER A 12 -19.88 53.64 -5.82
C SER A 12 -21.13 53.45 -4.99
N ASP A 13 -21.98 54.49 -4.94
CA ASP A 13 -23.23 54.37 -4.20
C ASP A 13 -24.20 53.41 -4.88
N LEU A 14 -24.29 53.47 -6.20
CA LEU A 14 -25.12 52.52 -6.93
C LEU A 14 -24.51 51.13 -6.91
N GLY A 15 -23.18 51.02 -6.91
CA GLY A 15 -22.54 49.73 -6.82
C GLY A 15 -22.72 49.07 -5.47
N LYS A 16 -22.81 49.87 -4.41
CA LYS A 16 -23.05 49.31 -3.08
C LYS A 16 -24.46 48.75 -2.97
N LYS A 17 -25.46 49.50 -3.45
CA LYS A 17 -26.84 49.02 -3.41
C LYS A 17 -27.03 47.81 -4.29
N LEU A 18 -26.23 47.67 -5.35
CA LEU A 18 -26.31 46.50 -6.21
C LEU A 18 -25.75 45.27 -5.50
N LEU A 19 -24.67 45.44 -4.74
CA LEU A 19 -24.11 44.32 -3.99
C LEU A 19 -25.08 43.84 -2.92
N GLU A 20 -25.76 44.77 -2.24
CA GLU A 20 -26.72 44.38 -1.22
C GLU A 20 -27.97 43.75 -1.85
N ALA A 21 -28.38 44.24 -3.02
CA ALA A 21 -29.53 43.66 -3.69
C ALA A 21 -29.23 42.25 -4.19
N ALA A 22 -28.01 42.03 -4.68
CA ALA A 22 -27.62 40.69 -5.13
C ALA A 22 -27.49 39.74 -3.95
N ARG A 23 -26.97 40.23 -2.82
CA ARG A 23 -26.87 39.39 -1.62
C ARG A 23 -28.25 39.04 -1.08
N ALA A 24 -29.24 39.91 -1.30
CA ALA A 24 -30.60 39.69 -0.81
C ALA A 24 -31.46 38.90 -1.79
N GLY A 25 -30.96 38.61 -2.99
CA GLY A 25 -31.75 37.86 -3.95
C GLY A 25 -32.91 38.63 -4.54
N GLN A 26 -32.81 39.94 -4.63
CA GLN A 26 -33.87 40.79 -5.17
C GLN A 26 -33.55 41.05 -6.64
N ASP A 27 -34.02 40.16 -7.52
CA ASP A 27 -33.75 40.30 -8.94
C ASP A 27 -34.46 41.51 -9.53
N ASP A 28 -35.62 41.88 -8.99
CA ASP A 28 -36.30 43.09 -9.46
C ASP A 28 -35.50 44.34 -9.12
N GLU A 29 -34.93 44.39 -7.92
CA GLU A 29 -34.10 45.53 -7.53
C GLU A 29 -32.83 45.59 -8.38
N VAL A 30 -32.29 44.43 -8.77
CA VAL A 30 -31.10 44.40 -9.62
C VAL A 30 -31.44 44.94 -11.01
N ARG A 31 -32.60 44.58 -11.54
CA ARG A 31 -33.01 45.08 -12.86
C ARG A 31 -33.13 46.60 -12.86
N ILE A 32 -33.70 47.16 -11.80
CA ILE A 32 -33.87 48.61 -11.73
C ILE A 32 -32.50 49.29 -11.67
N LEU A 33 -31.56 48.72 -10.92
CA LEU A 33 -30.23 49.29 -10.84
C LEU A 33 -29.49 49.20 -12.16
N MET A 34 -29.73 48.14 -12.94
CA MET A 34 -29.05 47.99 -14.22
C MET A 34 -29.52 49.05 -15.22
N ALA A 35 -30.81 49.35 -15.23
CA ALA A 35 -31.34 50.36 -16.15
C ALA A 35 -30.85 51.76 -15.83
N ASN A 36 -30.33 51.98 -14.62
CA ASN A 36 -29.84 53.30 -14.20
C ASN A 36 -28.32 53.37 -14.18
N GLY A 37 -27.64 52.46 -14.87
CA GLY A 37 -26.20 52.56 -15.03
C GLY A 37 -25.38 52.14 -13.84
N ALA A 38 -25.82 51.14 -13.09
CA ALA A 38 -25.03 50.65 -11.96
C ALA A 38 -23.87 49.81 -12.47
N ASP A 39 -22.74 49.89 -11.75
CA ASP A 39 -21.55 49.16 -12.14
C ASP A 39 -21.77 47.67 -11.87
N VAL A 40 -21.88 46.88 -12.94
CA VAL A 40 -22.18 45.46 -12.81
C VAL A 40 -21.04 44.70 -12.15
N ASN A 41 -19.85 45.28 -12.11
CA ASN A 41 -18.67 44.63 -11.55
C ASN A 41 -18.12 45.39 -10.35
N ALA A 42 -19.03 45.92 -9.53
CA ALA A 42 -18.63 46.55 -8.28
C ALA A 42 -18.17 45.50 -7.27
N LYS A 43 -17.15 45.84 -6.49
CA LYS A 43 -16.52 44.91 -5.57
C LYS A 43 -16.73 45.37 -4.13
N ASP A 44 -16.97 44.41 -3.26
CA ASP A 44 -17.17 44.69 -1.84
C ASP A 44 -15.82 44.70 -1.12
N SER A 45 -15.83 44.54 0.20
CA SER A 45 -14.59 44.58 0.97
C SER A 45 -13.69 43.38 0.68
N ARG A 46 -14.24 42.28 0.17
CA ARG A 46 -13.46 41.10 -0.17
C ARG A 46 -13.34 40.91 -1.68
N GLY A 47 -13.52 41.97 -2.46
CA GLY A 47 -13.37 41.89 -3.89
C GLY A 47 -14.43 41.09 -4.62
N LYS A 48 -15.55 40.79 -3.97
CA LYS A 48 -16.61 40.00 -4.59
C LYS A 48 -17.55 40.90 -5.39
N THR A 49 -17.84 40.49 -6.61
CA THR A 49 -18.78 41.18 -7.48
C THR A 49 -20.21 40.75 -7.13
N PRO A 50 -21.22 41.44 -7.66
CA PRO A 50 -22.60 40.95 -7.47
C PRO A 50 -22.81 39.54 -8.00
N LEU A 51 -22.09 39.16 -9.06
CA LEU A 51 -22.19 37.79 -9.55
C LEU A 51 -21.59 36.80 -8.56
N HIS A 52 -20.56 37.22 -7.81
CA HIS A 52 -20.02 36.37 -6.75
C HIS A 52 -21.09 36.05 -5.71
N LEU A 53 -21.84 37.07 -5.27
CA LEU A 53 -22.82 36.88 -4.22
C LEU A 53 -24.01 36.06 -4.71
N ALA A 54 -24.49 36.34 -5.92
CA ALA A 54 -25.58 35.55 -6.49
C ALA A 54 -25.16 34.10 -6.65
N ALA A 55 -23.91 33.86 -7.03
CA ALA A 55 -23.42 32.49 -7.13
C ALA A 55 -23.18 31.89 -5.75
N ASP A 56 -22.78 32.71 -4.78
CA ASP A 56 -22.51 32.19 -3.44
C ASP A 56 -23.78 31.74 -2.73
N TYR A 57 -24.85 32.52 -2.87
CA TYR A 57 -26.10 32.25 -2.18
C TYR A 57 -27.08 31.41 -3.00
N GLY A 58 -26.76 31.10 -4.25
CA GLY A 58 -27.63 30.28 -5.06
C GLY A 58 -28.79 31.02 -5.70
N TYR A 59 -28.60 32.30 -6.01
CA TYR A 59 -29.65 33.11 -6.62
C TYR A 59 -29.49 33.01 -8.14
N LEU A 60 -30.21 32.05 -8.73
CA LEU A 60 -30.06 31.79 -10.16
C LEU A 60 -30.59 32.96 -10.99
N GLU A 61 -31.79 33.43 -10.69
CA GLU A 61 -32.40 34.48 -11.51
C GLU A 61 -31.64 35.79 -11.39
N VAL A 62 -30.98 36.03 -10.26
CA VAL A 62 -30.14 37.22 -10.12
C VAL A 62 -28.90 37.10 -10.99
N ALA A 63 -28.29 35.92 -11.03
CA ALA A 63 -27.07 35.73 -11.83
C ALA A 63 -27.37 35.86 -13.32
N GLU A 64 -28.53 35.39 -13.77
CA GLU A 64 -28.87 35.51 -15.19
C GLU A 64 -29.11 36.96 -15.57
N VAL A 65 -29.65 37.78 -14.66
CA VAL A 65 -29.82 39.21 -14.94
C VAL A 65 -28.46 39.89 -15.00
N LEU A 66 -27.56 39.56 -14.06
CA LEU A 66 -26.22 40.14 -14.08
C LEU A 66 -25.47 39.77 -15.34
N LEU A 67 -25.50 38.48 -15.71
CA LEU A 67 -24.77 38.03 -16.90
C LEU A 67 -25.33 38.63 -18.18
N LYS A 68 -26.64 38.90 -18.23
CA LYS A 68 -27.22 39.50 -19.42
C LYS A 68 -26.77 40.95 -19.60
N HIS A 69 -26.41 41.63 -18.50
CA HIS A 69 -26.03 43.03 -18.54
C HIS A 69 -24.51 43.23 -18.45
N GLY A 70 -23.73 42.21 -18.79
CA GLY A 70 -22.30 42.37 -18.91
C GLY A 70 -21.48 42.09 -17.67
N ALA A 71 -21.95 41.20 -16.80
CA ALA A 71 -21.17 40.84 -15.63
C ALA A 71 -19.97 39.99 -16.02
N ASP A 72 -18.82 40.29 -15.44
CA ASP A 72 -17.60 39.51 -15.69
C ASP A 72 -17.75 38.13 -15.08
N VAL A 73 -17.89 37.11 -15.94
CA VAL A 73 -18.11 35.76 -15.44
C VAL A 73 -16.86 35.17 -14.80
N ASN A 74 -15.67 35.71 -15.15
CA ASN A 74 -14.42 35.22 -14.59
C ASN A 74 -13.77 36.24 -13.65
N ALA A 75 -14.59 36.99 -12.92
CA ALA A 75 -14.05 37.95 -11.95
C ALA A 75 -13.49 37.21 -10.74
N HIS A 76 -12.35 37.68 -10.25
CA HIS A 76 -11.70 37.11 -9.08
C HIS A 76 -11.85 38.04 -7.89
N ASP A 77 -12.09 37.46 -6.72
CA ASP A 77 -12.11 38.24 -5.48
C ASP A 77 -10.69 38.42 -4.98
N VAL A 78 -10.54 38.91 -3.75
CA VAL A 78 -9.21 39.12 -3.18
C VAL A 78 -8.49 37.82 -2.86
N TYR A 79 -9.19 36.69 -2.88
CA TYR A 79 -8.59 35.38 -2.66
C TYR A 79 -8.50 34.56 -3.94
N GLY A 80 -8.74 35.18 -5.10
CA GLY A 80 -8.63 34.50 -6.37
C GLY A 80 -9.83 33.66 -6.77
N ASP A 81 -10.90 33.68 -5.98
CA ASP A 81 -12.06 32.85 -6.27
C ASP A 81 -12.97 33.53 -7.30
N THR A 82 -13.43 32.73 -8.25
CA THR A 82 -14.42 33.17 -9.24
C THR A 82 -15.81 32.80 -8.77
N PRO A 83 -16.85 33.33 -9.41
CA PRO A 83 -18.21 32.85 -9.10
C PRO A 83 -18.37 31.36 -9.28
N LEU A 84 -17.60 30.74 -10.18
CA LEU A 84 -17.65 29.29 -10.33
C LEU A 84 -17.04 28.57 -9.15
N HIS A 85 -16.03 29.17 -8.51
CA HIS A 85 -15.45 28.57 -7.31
C HIS A 85 -16.47 28.51 -6.18
N LEU A 86 -17.31 29.54 -6.06
CA LEU A 86 -18.28 29.59 -4.96
C LEU A 86 -19.44 28.64 -5.19
N THR A 87 -19.93 28.54 -6.43
CA THR A 87 -21.01 27.60 -6.71
C THR A 87 -20.56 26.16 -6.55
N ALA A 88 -19.33 25.85 -6.97
CA ALA A 88 -18.81 24.50 -6.81
C ALA A 88 -18.63 24.12 -5.35
N THR A 89 -18.54 25.11 -4.46
CA THR A 89 -18.40 24.82 -3.03
C THR A 89 -19.73 24.49 -2.38
N TRP A 90 -20.77 25.25 -2.70
CA TRP A 90 -22.08 25.08 -2.06
C TRP A 90 -22.99 24.11 -2.81
N GLY A 91 -22.61 23.68 -4.00
CA GLY A 91 -23.40 22.69 -4.71
C GLY A 91 -24.56 23.24 -5.51
N HIS A 92 -24.41 24.41 -6.10
CA HIS A 92 -25.45 25.03 -6.91
C HIS A 92 -25.27 24.57 -8.36
N LEU A 93 -25.93 23.48 -8.72
CA LEU A 93 -25.72 22.88 -10.04
C LEU A 93 -26.26 23.77 -11.15
N GLU A 94 -27.41 24.42 -10.93
CA GLU A 94 -28.02 25.22 -12.00
C GLU A 94 -27.17 26.45 -12.31
N ILE A 95 -26.57 27.06 -11.31
CA ILE A 95 -25.75 28.24 -11.55
C ILE A 95 -24.40 27.85 -12.15
N VAL A 96 -23.87 26.67 -11.79
CA VAL A 96 -22.67 26.16 -12.46
C VAL A 96 -22.90 26.04 -13.95
N GLU A 97 -24.10 25.60 -14.33
CA GLU A 97 -24.41 25.47 -15.76
C GLU A 97 -24.52 26.83 -16.43
N VAL A 98 -25.16 27.80 -15.78
CA VAL A 98 -25.32 29.12 -16.38
C VAL A 98 -23.99 29.83 -16.53
N LEU A 99 -23.11 29.69 -15.53
CA LEU A 99 -21.80 30.31 -15.61
C LEU A 99 -20.98 29.73 -16.75
N LEU A 100 -20.94 28.39 -16.85
CA LEU A 100 -20.17 27.75 -17.90
C LEU A 100 -20.73 28.06 -19.29
N LYS A 101 -22.04 28.27 -19.39
CA LYS A 101 -22.61 28.66 -20.67
C LYS A 101 -22.22 30.08 -21.06
N ASN A 102 -22.05 30.96 -20.08
CA ASN A 102 -21.64 32.34 -20.32
C ASN A 102 -20.12 32.52 -20.37
N GLY A 103 -19.37 31.43 -20.48
CA GLY A 103 -17.94 31.52 -20.65
C GLY A 103 -17.10 31.45 -19.40
N ALA A 104 -17.60 30.86 -18.33
CA ALA A 104 -16.82 30.72 -17.11
C ALA A 104 -15.67 29.73 -17.33
N ASP A 105 -14.47 30.12 -16.94
CA ASP A 105 -13.30 29.28 -17.11
C ASP A 105 -13.33 28.15 -16.08
N ALA A 106 -13.47 26.91 -16.56
CA ALA A 106 -13.51 25.76 -15.66
C ALA A 106 -12.20 25.54 -14.94
N ASN A 107 -11.09 26.05 -15.48
CA ASN A 107 -9.77 25.89 -14.88
C ASN A 107 -9.31 27.16 -14.17
N ALA A 108 -10.23 27.99 -13.70
CA ALA A 108 -9.87 29.14 -12.89
C ALA A 108 -9.23 28.66 -11.59
N ILE A 109 -8.28 29.46 -11.09
CA ILE A 109 -7.45 29.06 -9.95
C ILE A 109 -7.40 30.20 -8.95
N ASP A 110 -7.66 29.88 -7.68
CA ASP A 110 -7.61 30.86 -6.61
C ASP A 110 -6.21 30.93 -6.02
N PHE A 111 -6.08 31.58 -4.85
CA PHE A 111 -4.77 31.72 -4.22
C PHE A 111 -4.28 30.42 -3.61
N PHE A 112 -5.15 29.45 -3.39
CA PHE A 112 -4.75 28.14 -2.87
C PHE A 112 -4.40 27.15 -3.97
N GLY A 113 -4.45 27.57 -5.24
CA GLY A 113 -4.23 26.65 -6.33
C GLY A 113 -5.42 25.80 -6.69
N TRP A 114 -6.60 26.10 -6.14
CA TRP A 114 -7.78 25.28 -6.34
C TRP A 114 -8.54 25.70 -7.59
N THR A 115 -8.87 24.72 -8.42
CA THR A 115 -9.85 24.89 -9.47
C THR A 115 -11.24 24.63 -8.90
N PRO A 116 -12.31 25.04 -9.60
CA PRO A 116 -13.65 24.65 -9.15
C PRO A 116 -13.82 23.14 -9.03
N LEU A 117 -13.04 22.37 -9.80
CA LEU A 117 -13.07 20.92 -9.66
C LEU A 117 -12.54 20.47 -8.31
N HIS A 118 -11.51 21.15 -7.80
CA HIS A 118 -11.00 20.83 -6.47
C HIS A 118 -12.07 21.03 -5.40
N LEU A 119 -12.74 22.19 -5.42
CA LEU A 119 -13.74 22.48 -4.41
C LEU A 119 -14.96 21.59 -4.56
N ALA A 120 -15.35 21.28 -5.80
CA ALA A 120 -16.47 20.37 -6.01
C ALA A 120 -16.13 18.96 -5.56
N ALA A 121 -14.88 18.54 -5.73
CA ALA A 121 -14.48 17.21 -5.29
C ALA A 121 -14.34 17.14 -3.78
N TYR A 122 -13.89 18.24 -3.15
CA TYR A 122 -13.77 18.25 -1.70
C TYR A 122 -15.12 18.10 -1.02
N PHE A 123 -16.15 18.78 -1.52
CA PHE A 123 -17.47 18.76 -0.91
C PHE A 123 -18.41 17.75 -1.55
N GLY A 124 -17.86 16.80 -2.31
CA GLY A 124 -18.64 15.67 -2.80
C GLY A 124 -19.78 16.02 -3.73
N HIS A 125 -19.65 17.11 -4.50
CA HIS A 125 -20.68 17.49 -5.46
C HIS A 125 -20.32 16.86 -6.80
N LEU A 126 -20.64 15.56 -6.91
CA LEU A 126 -20.21 14.78 -8.06
C LEU A 126 -20.90 15.23 -9.35
N GLU A 127 -22.17 15.63 -9.24
CA GLU A 127 -22.89 16.12 -10.42
C GLU A 127 -22.23 17.37 -10.99
N ILE A 128 -21.64 18.20 -10.12
CA ILE A 128 -20.89 19.35 -10.59
C ILE A 128 -19.52 18.92 -11.13
N VAL A 129 -18.95 17.87 -10.54
CA VAL A 129 -17.64 17.37 -11.01
C VAL A 129 -17.74 16.93 -12.47
N GLU A 130 -18.79 16.16 -12.81
CA GLU A 130 -18.94 15.69 -14.18
C GLU A 130 -19.23 16.82 -15.15
N VAL A 131 -19.98 17.84 -14.71
CA VAL A 131 -20.25 18.98 -15.58
C VAL A 131 -18.96 19.77 -15.83
N LEU A 132 -18.15 19.96 -14.78
CA LEU A 132 -16.87 20.63 -14.96
C LEU A 132 -15.94 19.84 -15.89
N LEU A 133 -15.97 18.51 -15.78
CA LEU A 133 -15.18 17.67 -16.67
C LEU A 133 -15.64 17.81 -18.12
N LYS A 134 -16.97 17.95 -18.32
CA LYS A 134 -17.48 18.14 -19.66
C LYS A 134 -17.00 19.44 -20.28
N TYR A 135 -16.76 20.47 -19.46
CA TYR A 135 -16.28 21.76 -19.95
C TYR A 135 -14.77 21.90 -19.88
N GLY A 136 -14.04 20.80 -19.71
CA GLY A 136 -12.59 20.82 -19.86
C GLY A 136 -11.79 21.04 -18.60
N ALA A 137 -12.32 20.70 -17.44
CA ALA A 137 -11.55 20.80 -16.21
C ALA A 137 -10.42 19.78 -16.20
N ASP A 138 -9.20 20.25 -15.93
CA ASP A 138 -8.03 19.38 -15.95
C ASP A 138 -7.95 18.61 -14.63
N VAL A 139 -7.98 17.27 -14.73
CA VAL A 139 -7.85 16.43 -13.54
C VAL A 139 -6.43 16.38 -13.01
N ASN A 140 -5.44 16.75 -13.80
CA ASN A 140 -4.05 16.71 -13.39
C ASN A 140 -3.58 18.00 -12.74
N ALA A 141 -4.46 18.98 -12.56
CA ALA A 141 -4.07 20.24 -11.97
C ALA A 141 -3.80 20.08 -10.48
N GLN A 142 -2.63 20.52 -10.04
CA GLN A 142 -2.25 20.45 -8.64
C GLN A 142 -2.40 21.83 -7.99
N ASP A 143 -2.89 21.85 -6.75
CA ASP A 143 -2.96 23.08 -5.99
C ASP A 143 -1.58 23.40 -5.43
N LYS A 144 -1.50 24.42 -4.58
CA LYS A 144 -0.22 24.77 -3.99
C LYS A 144 0.24 23.76 -2.95
N PHE A 145 -0.49 22.66 -2.77
CA PHE A 145 -0.11 21.57 -1.87
C PHE A 145 0.08 20.26 -2.61
N GLY A 146 0.24 20.32 -3.94
CA GLY A 146 0.48 19.13 -4.73
C GLY A 146 -0.70 18.18 -4.81
N LYS A 147 -1.91 18.65 -4.55
CA LYS A 147 -3.08 17.80 -4.50
C LYS A 147 -3.86 17.90 -5.81
N THR A 148 -4.20 16.75 -6.37
CA THR A 148 -5.11 16.65 -7.50
C THR A 148 -6.47 16.17 -7.02
N VAL A 149 -7.42 16.06 -7.95
CA VAL A 149 -8.72 15.50 -7.61
C VAL A 149 -8.59 14.05 -7.18
N PHE A 150 -7.61 13.34 -7.75
CA PHE A 150 -7.35 11.96 -7.33
C PHE A 150 -6.95 11.90 -5.87
N ASP A 151 -6.11 12.84 -5.42
CA ASP A 151 -5.70 12.86 -4.02
C ASP A 151 -6.86 13.20 -3.10
N ILE A 152 -7.83 13.97 -3.59
CA ILE A 152 -9.00 14.30 -2.77
C ILE A 152 -9.88 13.06 -2.58
N SER A 153 -10.06 12.27 -3.65
CA SER A 153 -10.86 11.06 -3.53
C SER A 153 -10.23 10.08 -2.56
N VAL A 154 -8.90 10.01 -2.53
CA VAL A 154 -8.22 9.14 -1.58
C VAL A 154 -8.37 9.68 -0.17
N TYR A 155 -8.18 10.99 0.00
CA TYR A 155 -8.27 11.58 1.33
C TYR A 155 -9.70 11.50 1.87
N ASN A 156 -10.69 11.77 1.02
CA ASN A 156 -12.08 11.71 1.45
C ASN A 156 -12.66 10.30 1.42
N GLY A 157 -11.95 9.34 0.85
CA GLY A 157 -12.49 7.99 0.71
C GLY A 157 -13.72 7.94 -0.17
N ASP A 158 -13.85 8.86 -1.12
CA ASP A 158 -15.02 8.93 -2.00
C ASP A 158 -14.82 7.93 -3.14
N GLU A 159 -15.45 6.76 -3.02
CA GLU A 159 -15.37 5.77 -4.08
C GLU A 159 -16.11 6.24 -5.33
N ASP A 160 -17.26 6.89 -5.14
CA ASP A 160 -18.04 7.36 -6.29
C ASP A 160 -17.28 8.43 -7.07
N LEU A 161 -16.43 9.21 -6.40
CA LEU A 161 -15.58 10.17 -7.11
C LEU A 161 -14.43 9.47 -7.82
N ALA A 162 -13.78 8.53 -7.15
CA ALA A 162 -12.71 7.76 -7.78
C ALA A 162 -13.24 6.94 -8.95
N GLU A 163 -14.48 6.47 -8.85
CA GLU A 163 -15.08 5.74 -9.96
C GLU A 163 -15.31 6.65 -11.17
N ILE A 164 -15.56 7.94 -10.94
CA ILE A 164 -15.69 8.88 -12.04
C ILE A 164 -14.34 9.16 -12.68
N LEU A 165 -13.31 9.35 -11.85
CA LEU A 165 -11.99 9.66 -12.38
C LEU A 165 -11.38 8.48 -13.12
N GLN A 166 -11.76 7.24 -12.76
CA GLN A 166 -11.22 6.08 -13.44
C GLN A 166 -11.64 6.02 -14.91
N LYS A 167 -12.72 6.70 -15.28
CA LYS A 167 -13.16 6.76 -16.66
C LYS A 167 -12.60 8.00 -17.35
N ASP B 13 -3.98 4.96 -21.24
CA ASP B 13 -5.33 5.17 -20.75
C ASP B 13 -6.28 4.14 -21.39
N LEU B 14 -6.47 4.26 -22.71
CA LEU B 14 -7.31 3.30 -23.42
C LEU B 14 -6.68 1.90 -23.41
N GLY B 15 -5.35 1.83 -23.46
CA GLY B 15 -4.68 0.54 -23.41
C GLY B 15 -4.87 -0.17 -22.09
N LYS B 16 -4.92 0.59 -20.99
CA LYS B 16 -5.18 -0.01 -19.68
C LYS B 16 -6.58 -0.61 -19.63
N LYS B 17 -7.57 0.10 -20.17
CA LYS B 17 -8.93 -0.40 -20.17
C LYS B 17 -9.12 -1.58 -21.12
N LEU B 18 -8.28 -1.69 -22.15
CA LEU B 18 -8.35 -2.83 -23.04
C LEU B 18 -7.72 -4.07 -22.40
N LEU B 19 -6.65 -3.89 -21.62
CA LEU B 19 -6.05 -5.02 -20.92
C LEU B 19 -7.00 -5.60 -19.88
N GLU B 20 -7.70 -4.74 -19.14
CA GLU B 20 -8.64 -5.21 -18.13
C GLU B 20 -9.90 -5.80 -18.76
N ALA B 21 -10.19 -5.47 -20.02
CA ALA B 21 -11.35 -6.04 -20.68
C ALA B 21 -11.05 -7.43 -21.24
N ALA B 22 -9.88 -7.58 -21.88
CA ALA B 22 -9.49 -8.90 -22.38
C ALA B 22 -9.23 -9.88 -21.23
N ARG B 23 -8.75 -9.39 -20.09
CA ARG B 23 -8.55 -10.26 -18.94
C ARG B 23 -9.88 -10.73 -18.37
N ALA B 24 -10.93 -9.91 -18.47
CA ALA B 24 -12.24 -10.26 -17.97
C ALA B 24 -13.09 -11.02 -18.98
N GLY B 25 -12.66 -11.09 -20.24
CA GLY B 25 -13.40 -11.82 -21.25
C GLY B 25 -14.60 -11.08 -21.82
N GLN B 26 -14.56 -9.75 -21.82
CA GLN B 26 -15.66 -8.94 -22.34
C GLN B 26 -15.32 -8.52 -23.77
N ASP B 27 -15.52 -9.46 -24.70
CA ASP B 27 -15.27 -9.18 -26.10
C ASP B 27 -16.17 -8.07 -26.62
N ASP B 28 -17.37 -7.93 -26.04
CA ASP B 28 -18.25 -6.82 -26.42
C ASP B 28 -17.66 -5.49 -26.02
N GLU B 29 -17.06 -5.41 -24.83
CA GLU B 29 -16.37 -4.19 -24.42
C GLU B 29 -15.08 -4.00 -25.20
N VAL B 30 -14.43 -5.10 -25.59
CA VAL B 30 -13.21 -4.99 -26.40
C VAL B 30 -13.51 -4.34 -27.74
N ARG B 31 -14.61 -4.74 -28.38
CA ARG B 31 -14.97 -4.16 -29.67
C ARG B 31 -15.20 -2.65 -29.57
N ILE B 32 -15.79 -2.21 -28.45
CA ILE B 32 -16.01 -0.78 -28.27
C ILE B 32 -14.69 -0.04 -28.13
N LEU B 33 -13.75 -0.59 -27.35
CA LEU B 33 -12.46 0.04 -27.19
C LEU B 33 -11.65 0.04 -28.48
N MET B 34 -11.84 -0.98 -29.32
CA MET B 34 -11.13 -1.01 -30.60
C MET B 34 -11.63 0.10 -31.52
N ALA B 35 -12.95 0.32 -31.57
CA ALA B 35 -13.51 1.37 -32.40
C ALA B 35 -13.09 2.76 -31.95
N ASN B 36 -12.74 2.92 -30.67
CA ASN B 36 -12.28 4.19 -30.13
C ASN B 36 -10.78 4.38 -30.27
N GLY B 37 -10.09 3.47 -30.97
CA GLY B 37 -8.68 3.64 -31.24
C GLY B 37 -7.74 3.16 -30.16
N ALA B 38 -8.12 2.16 -29.39
CA ALA B 38 -7.24 1.64 -28.35
C ALA B 38 -6.10 0.84 -28.98
N ASP B 39 -4.92 0.91 -28.36
CA ASP B 39 -3.76 0.18 -28.85
C ASP B 39 -3.99 -1.31 -28.67
N VAL B 40 -4.01 -2.05 -29.79
CA VAL B 40 -4.25 -3.48 -29.73
C VAL B 40 -3.09 -4.20 -29.05
N ASN B 41 -1.88 -3.65 -29.14
CA ASN B 41 -0.68 -4.28 -28.58
C ASN B 41 -0.15 -3.50 -27.38
N ALA B 42 -1.05 -3.05 -26.51
CA ALA B 42 -0.64 -2.42 -25.26
C ALA B 42 -0.15 -3.48 -24.27
N LYS B 43 0.86 -3.11 -23.50
CA LYS B 43 1.50 -4.03 -22.56
C LYS B 43 1.22 -3.60 -21.12
N ASP B 44 1.12 -4.60 -20.24
CA ASP B 44 0.91 -4.36 -18.82
C ASP B 44 2.27 -4.31 -18.12
N SER B 45 2.28 -4.52 -16.81
CA SER B 45 3.53 -4.45 -16.06
C SER B 45 4.49 -5.59 -16.40
N ARG B 46 3.97 -6.72 -16.88
CA ARG B 46 4.79 -7.85 -17.27
C ARG B 46 4.96 -7.97 -18.78
N GLY B 47 4.63 -6.92 -19.53
CA GLY B 47 4.81 -6.94 -20.96
C GLY B 47 3.81 -7.79 -21.72
N LYS B 48 2.68 -8.13 -21.10
CA LYS B 48 1.67 -8.97 -21.74
C LYS B 48 0.67 -8.09 -22.49
N THR B 49 0.37 -8.47 -23.72
CA THR B 49 -0.61 -7.79 -24.56
C THR B 49 -2.00 -8.32 -24.28
N PRO B 50 -3.05 -7.65 -24.78
CA PRO B 50 -4.39 -8.22 -24.63
C PRO B 50 -4.52 -9.62 -25.22
N LEU B 51 -3.78 -9.92 -26.28
CA LEU B 51 -3.79 -11.28 -26.82
C LEU B 51 -3.17 -12.27 -25.85
N HIS B 52 -2.17 -11.83 -25.07
CA HIS B 52 -1.61 -12.69 -24.02
C HIS B 52 -2.68 -13.07 -23.01
N LEU B 53 -3.44 -12.09 -22.52
CA LEU B 53 -4.42 -12.35 -21.47
C LEU B 53 -5.58 -13.20 -21.99
N ALA B 54 -6.05 -12.92 -23.20
CA ALA B 54 -7.11 -13.74 -23.78
C ALA B 54 -6.64 -15.18 -23.98
N ALA B 55 -5.40 -15.35 -24.45
CA ALA B 55 -4.85 -16.69 -24.56
C ALA B 55 -4.57 -17.31 -23.21
N ASP B 56 -4.25 -16.49 -22.21
CA ASP B 56 -3.93 -17.01 -20.88
C ASP B 56 -5.19 -17.52 -20.18
N TYR B 57 -6.30 -16.78 -20.30
CA TYR B 57 -7.53 -17.12 -19.60
C TYR B 57 -8.47 -17.99 -20.41
N GLY B 58 -8.20 -18.21 -21.69
CA GLY B 58 -9.03 -19.08 -22.49
C GLY B 58 -10.23 -18.42 -23.15
N TYR B 59 -10.16 -17.12 -23.40
CA TYR B 59 -11.25 -16.38 -24.04
C TYR B 59 -11.03 -16.42 -25.54
N LEU B 60 -11.77 -17.30 -26.22
CA LEU B 60 -11.56 -17.52 -27.65
C LEU B 60 -12.03 -16.33 -28.46
N GLU B 61 -13.24 -15.83 -28.18
CA GLU B 61 -13.79 -14.75 -28.99
C GLU B 61 -13.01 -13.45 -28.81
N VAL B 62 -12.46 -13.22 -27.61
CA VAL B 62 -11.63 -12.04 -27.40
C VAL B 62 -10.38 -12.11 -28.26
N ALA B 63 -9.76 -13.30 -28.34
CA ALA B 63 -8.54 -13.44 -29.14
C ALA B 63 -8.82 -13.25 -30.62
N GLU B 64 -9.94 -13.79 -31.12
CA GLU B 64 -10.27 -13.65 -32.53
C GLU B 64 -10.57 -12.21 -32.91
N VAL B 65 -11.16 -11.43 -31.98
CA VAL B 65 -11.40 -10.02 -32.24
C VAL B 65 -10.07 -9.25 -32.27
N LEU B 66 -9.17 -9.57 -31.34
CA LEU B 66 -7.88 -8.89 -31.31
C LEU B 66 -7.06 -9.20 -32.56
N LEU B 67 -7.00 -10.49 -32.94
CA LEU B 67 -6.26 -10.88 -34.13
C LEU B 67 -6.84 -10.26 -35.39
N LYS B 68 -8.16 -10.10 -35.44
CA LYS B 68 -8.79 -9.49 -36.62
C LYS B 68 -8.43 -8.02 -36.74
N HIS B 69 -8.12 -7.36 -35.62
CA HIS B 69 -7.77 -5.94 -35.62
C HIS B 69 -6.27 -5.71 -35.46
N GLY B 70 -5.45 -6.69 -35.83
CA GLY B 70 -4.01 -6.49 -35.90
C GLY B 70 -3.23 -6.79 -34.64
N ALA B 71 -3.64 -7.79 -33.87
CA ALA B 71 -2.87 -8.16 -32.69
C ALA B 71 -1.63 -8.94 -33.09
N ASP B 72 -0.49 -8.59 -32.48
CA ASP B 72 0.76 -9.28 -32.76
C ASP B 72 0.68 -10.69 -32.20
N VAL B 73 0.59 -11.68 -33.09
CA VAL B 73 0.42 -13.06 -32.66
C VAL B 73 1.68 -13.62 -32.01
N ASN B 74 2.85 -13.04 -32.32
CA ASN B 74 4.12 -13.50 -31.77
C ASN B 74 4.73 -12.48 -30.80
N ALA B 75 3.89 -11.77 -30.06
CA ALA B 75 4.40 -10.81 -29.09
C ALA B 75 4.97 -11.54 -27.88
N HIS B 76 6.14 -11.09 -27.43
CA HIS B 76 6.78 -11.66 -26.26
C HIS B 76 6.60 -10.72 -25.07
N ASP B 77 6.43 -11.30 -23.89
CA ASP B 77 6.37 -10.54 -22.66
C ASP B 77 7.80 -10.34 -22.14
N VAL B 78 7.93 -9.83 -20.90
CA VAL B 78 9.25 -9.60 -20.34
C VAL B 78 9.98 -10.91 -20.01
N TYR B 79 9.28 -12.04 -20.01
CA TYR B 79 9.90 -13.33 -19.79
C TYR B 79 10.01 -14.15 -21.08
N GLY B 80 9.77 -13.52 -22.23
CA GLY B 80 9.90 -14.18 -23.52
C GLY B 80 8.73 -15.05 -23.93
N ASP B 81 7.64 -15.06 -23.16
CA ASP B 81 6.51 -15.92 -23.47
C ASP B 81 5.61 -15.27 -24.51
N THR B 82 5.20 -16.04 -25.50
CA THR B 82 4.22 -15.62 -26.49
C THR B 82 2.83 -16.03 -26.04
N PRO B 83 1.77 -15.51 -26.70
CA PRO B 83 0.43 -16.02 -26.37
C PRO B 83 0.30 -17.51 -26.56
N LEU B 84 1.05 -18.11 -27.49
CA LEU B 84 1.02 -19.56 -27.66
C LEU B 84 1.66 -20.27 -26.48
N HIS B 85 2.64 -19.64 -25.82
CA HIS B 85 3.22 -20.23 -24.62
C HIS B 85 2.18 -20.35 -23.51
N LEU B 86 1.27 -19.39 -23.41
CA LEU B 86 0.31 -19.39 -22.32
C LEU B 86 -0.82 -20.38 -22.57
N THR B 87 -1.28 -20.50 -23.82
CA THR B 87 -2.33 -21.48 -24.12
C THR B 87 -1.84 -22.90 -23.90
N ALA B 88 -0.61 -23.20 -24.30
CA ALA B 88 -0.05 -24.53 -24.10
C ALA B 88 0.11 -24.87 -22.63
N THR B 89 0.16 -23.86 -21.75
CA THR B 89 0.31 -24.11 -20.32
C THR B 89 -1.02 -24.49 -19.68
N TRP B 90 -2.11 -23.84 -20.08
CA TRP B 90 -3.41 -24.04 -19.47
C TRP B 90 -4.32 -24.98 -20.26
N GLY B 91 -3.89 -25.43 -21.43
CA GLY B 91 -4.65 -26.42 -22.17
C GLY B 91 -5.84 -25.87 -22.93
N HIS B 92 -5.70 -24.68 -23.52
CA HIS B 92 -6.78 -24.08 -24.33
C HIS B 92 -6.52 -24.46 -25.78
N LEU B 93 -7.06 -25.62 -26.18
CA LEU B 93 -6.76 -26.17 -27.50
C LEU B 93 -7.32 -25.30 -28.62
N GLU B 94 -8.51 -24.71 -28.42
CA GLU B 94 -9.11 -23.92 -29.47
C GLU B 94 -8.31 -22.66 -29.79
N ILE B 95 -7.69 -22.06 -28.78
CA ILE B 95 -6.91 -20.85 -29.03
C ILE B 95 -5.54 -21.20 -29.62
N VAL B 96 -5.00 -22.37 -29.28
CA VAL B 96 -3.76 -22.82 -29.92
C VAL B 96 -3.92 -22.87 -31.43
N GLU B 97 -5.09 -23.33 -31.89
CA GLU B 97 -5.34 -23.39 -33.34
C GLU B 97 -5.45 -22.00 -33.94
N VAL B 98 -6.25 -21.13 -33.32
CA VAL B 98 -6.46 -19.79 -33.86
C VAL B 98 -5.15 -19.03 -33.92
N LEU B 99 -4.29 -19.20 -32.93
CA LEU B 99 -2.97 -18.57 -32.96
C LEU B 99 -2.13 -19.13 -34.10
N LEU B 100 -2.07 -20.46 -34.22
CA LEU B 100 -1.31 -21.08 -35.30
C LEU B 100 -1.92 -20.76 -36.67
N LYS B 101 -3.24 -20.62 -36.74
CA LYS B 101 -3.87 -20.22 -38.00
C LYS B 101 -3.48 -18.81 -38.40
N ASN B 102 -3.23 -17.93 -37.43
CA ASN B 102 -2.89 -16.54 -37.70
C ASN B 102 -1.38 -16.31 -37.70
N GLY B 103 -0.58 -17.37 -37.83
CA GLY B 103 0.85 -17.22 -38.00
C GLY B 103 1.70 -17.28 -36.76
N ALA B 104 1.22 -17.92 -35.69
CA ALA B 104 2.02 -18.05 -34.49
C ALA B 104 3.19 -19.00 -34.73
N ASP B 105 4.36 -18.63 -34.20
CA ASP B 105 5.56 -19.45 -34.34
C ASP B 105 5.51 -20.59 -33.33
N ALA B 106 5.39 -21.82 -33.83
CA ALA B 106 5.34 -22.98 -32.94
C ALA B 106 6.65 -23.22 -32.22
N ASN B 107 7.76 -22.65 -32.71
CA ASN B 107 9.06 -22.80 -32.08
C ASN B 107 9.48 -21.53 -31.34
N ALA B 108 8.52 -20.75 -30.87
CA ALA B 108 8.84 -19.59 -30.05
C ALA B 108 9.45 -20.04 -28.73
N ILE B 109 10.44 -19.28 -28.26
CA ILE B 109 11.24 -19.67 -27.10
C ILE B 109 11.25 -18.52 -26.09
N ASP B 110 11.02 -18.85 -24.82
CA ASP B 110 10.99 -17.86 -23.76
C ASP B 110 12.37 -17.74 -23.12
N PHE B 111 12.45 -17.05 -21.97
CA PHE B 111 13.73 -16.87 -21.30
C PHE B 111 14.25 -18.16 -20.66
N PHE B 112 13.38 -19.14 -20.44
CA PHE B 112 13.80 -20.42 -19.90
C PHE B 112 14.22 -21.42 -20.97
N GLY B 113 14.14 -21.05 -22.24
CA GLY B 113 14.43 -21.98 -23.31
C GLY B 113 13.28 -22.86 -23.73
N TRP B 114 12.09 -22.62 -23.20
CA TRP B 114 10.93 -23.46 -23.47
C TRP B 114 10.21 -23.04 -24.74
N THR B 115 9.83 -24.03 -25.53
CA THR B 115 8.86 -23.83 -26.60
C THR B 115 7.46 -24.10 -26.07
N PRO B 116 6.42 -23.74 -26.81
CA PRO B 116 5.07 -24.19 -26.43
C PRO B 116 4.97 -25.71 -26.33
N LEU B 117 5.81 -26.44 -27.07
CA LEU B 117 5.84 -27.88 -26.95
C LEU B 117 6.36 -28.32 -25.58
N HIS B 118 7.34 -27.59 -25.05
CA HIS B 118 7.84 -27.89 -23.70
C HIS B 118 6.75 -27.74 -22.66
N LEU B 119 6.04 -26.61 -22.68
CA LEU B 119 5.01 -26.35 -21.68
C LEU B 119 3.83 -27.29 -21.85
N ALA B 120 3.46 -27.60 -23.10
CA ALA B 120 2.38 -28.55 -23.33
C ALA B 120 2.76 -29.95 -22.87
N ALA B 121 4.03 -30.33 -22.99
CA ALA B 121 4.47 -31.64 -22.52
C ALA B 121 4.53 -31.69 -21.00
N TYR B 122 4.91 -30.59 -20.36
CA TYR B 122 4.97 -30.57 -18.90
C TYR B 122 3.59 -30.76 -18.29
N PHE B 123 2.60 -30.05 -18.81
CA PHE B 123 1.24 -30.09 -18.27
C PHE B 123 0.36 -31.13 -18.94
N GLY B 124 0.96 -32.05 -19.71
CA GLY B 124 0.24 -33.22 -20.21
C GLY B 124 -0.90 -32.92 -21.15
N HIS B 125 -0.81 -31.82 -21.91
CA HIS B 125 -1.84 -31.48 -22.89
C HIS B 125 -1.44 -32.09 -24.22
N LEU B 126 -1.77 -33.38 -24.38
CA LEU B 126 -1.28 -34.14 -25.52
C LEU B 126 -1.94 -33.72 -26.82
N GLU B 127 -3.19 -33.28 -26.77
CA GLU B 127 -3.84 -32.80 -27.99
C GLU B 127 -3.17 -31.53 -28.50
N ILE B 128 -2.73 -30.67 -27.59
CA ILE B 128 -1.95 -29.50 -28.00
C ILE B 128 -0.58 -29.92 -28.52
N VAL B 129 0.01 -30.95 -27.93
CA VAL B 129 1.32 -31.42 -28.36
C VAL B 129 1.28 -31.84 -29.83
N GLU B 130 0.27 -32.63 -30.20
CA GLU B 130 0.19 -33.12 -31.58
C GLU B 130 -0.15 -32.01 -32.55
N VAL B 131 -0.94 -31.02 -32.13
CA VAL B 131 -1.23 -29.89 -33.00
C VAL B 131 0.02 -29.06 -33.22
N LEU B 132 0.82 -28.86 -32.16
CA LEU B 132 2.09 -28.16 -32.32
C LEU B 132 3.04 -28.93 -33.22
N LEU B 133 3.03 -30.27 -33.12
CA LEU B 133 3.88 -31.08 -33.98
C LEU B 133 3.49 -30.93 -35.44
N LYS B 134 2.19 -30.79 -35.72
CA LYS B 134 1.75 -30.61 -37.10
C LYS B 134 2.27 -29.29 -37.67
N TYR B 135 2.33 -28.24 -36.84
CA TYR B 135 2.79 -26.94 -37.27
C TYR B 135 4.30 -26.77 -37.14
N GLY B 136 5.04 -27.86 -36.99
CA GLY B 136 6.49 -27.81 -37.09
C GLY B 136 7.24 -27.63 -35.80
N ALA B 137 6.68 -28.04 -34.66
CA ALA B 137 7.40 -27.96 -33.40
C ALA B 137 8.54 -28.97 -33.39
N ASP B 138 9.74 -28.50 -33.06
CA ASP B 138 10.93 -29.35 -33.06
C ASP B 138 11.02 -30.09 -31.72
N VAL B 139 11.04 -31.42 -31.79
CA VAL B 139 11.14 -32.22 -30.57
C VAL B 139 12.54 -32.20 -29.99
N ASN B 140 13.55 -31.86 -30.79
CA ASN B 140 14.93 -31.85 -30.35
C ASN B 140 15.34 -30.54 -29.69
N ALA B 141 14.42 -29.59 -29.56
CA ALA B 141 14.74 -28.32 -28.93
C ALA B 141 15.00 -28.50 -27.45
N GLN B 142 16.16 -28.03 -26.99
CA GLN B 142 16.52 -28.09 -25.58
C GLN B 142 16.36 -26.73 -24.94
N ASP B 143 15.82 -26.72 -23.71
CA ASP B 143 15.75 -25.47 -22.96
C ASP B 143 17.11 -25.19 -22.33
N LYS B 144 17.17 -24.14 -21.52
CA LYS B 144 18.43 -23.78 -20.87
C LYS B 144 18.83 -24.76 -19.77
N PHE B 145 18.14 -25.89 -19.65
CA PHE B 145 18.48 -26.94 -18.69
C PHE B 145 18.70 -28.28 -19.38
N GLY B 146 18.90 -28.27 -20.71
CA GLY B 146 19.17 -29.50 -21.44
C GLY B 146 18.00 -30.44 -21.56
N LYS B 147 16.78 -29.95 -21.37
CA LYS B 147 15.59 -30.80 -21.37
C LYS B 147 14.89 -30.72 -22.71
N THR B 148 14.53 -31.88 -23.26
CA THR B 148 13.66 -32.00 -24.42
C THR B 148 12.31 -32.55 -23.97
N VAL B 149 11.38 -32.64 -24.91
CA VAL B 149 10.10 -33.28 -24.61
C VAL B 149 10.30 -34.75 -24.29
N PHE B 150 11.37 -35.35 -24.81
CA PHE B 150 11.70 -36.72 -24.41
C PHE B 150 12.07 -36.78 -22.94
N ASP B 151 12.86 -35.81 -22.48
CA ASP B 151 13.24 -35.78 -21.06
C ASP B 151 12.04 -35.46 -20.17
N ILE B 152 11.07 -34.72 -20.68
CA ILE B 152 9.87 -34.41 -19.89
C ILE B 152 9.01 -35.65 -19.72
N SER B 153 8.88 -36.47 -20.76
CA SER B 153 8.06 -37.67 -20.66
C SER B 153 8.66 -38.68 -19.70
N VAL B 154 9.99 -38.75 -19.64
CA VAL B 154 10.63 -39.66 -18.69
C VAL B 154 10.48 -39.13 -17.27
N TYR B 155 10.61 -37.80 -17.10
CA TYR B 155 10.46 -37.21 -15.78
C TYR B 155 9.02 -37.33 -15.28
N ASN B 156 8.06 -36.88 -16.08
CA ASN B 156 6.66 -36.97 -15.69
C ASN B 156 6.12 -38.39 -15.72
N GLY B 157 6.85 -39.33 -16.32
CA GLY B 157 6.34 -40.68 -16.46
C GLY B 157 5.11 -40.79 -17.34
N ASP B 158 5.02 -39.94 -18.36
CA ASP B 158 3.85 -39.90 -19.23
C ASP B 158 3.98 -41.00 -20.29
N GLU B 159 3.23 -42.09 -20.11
CA GLU B 159 3.28 -43.20 -21.05
C GLU B 159 2.75 -42.78 -22.42
N ASP B 160 1.66 -42.02 -22.45
CA ASP B 160 1.05 -41.65 -23.72
C ASP B 160 1.87 -40.62 -24.47
N LEU B 161 2.53 -39.70 -23.75
CA LEU B 161 3.39 -38.74 -24.41
C LEU B 161 4.61 -39.41 -25.04
N ALA B 162 5.21 -40.37 -24.33
CA ALA B 162 6.33 -41.11 -24.89
C ALA B 162 5.90 -41.93 -26.10
N GLU B 163 4.67 -42.44 -26.10
CA GLU B 163 4.16 -43.19 -27.24
C GLU B 163 4.01 -42.29 -28.46
N ILE B 164 3.69 -41.01 -28.26
CA ILE B 164 3.56 -40.08 -29.38
C ILE B 164 4.92 -39.77 -29.98
N LEU B 165 5.94 -39.62 -29.13
CA LEU B 165 7.26 -39.22 -29.61
C LEU B 165 8.00 -40.33 -30.34
N GLN B 166 7.58 -41.58 -30.17
CA GLN B 166 8.24 -42.70 -30.84
C GLN B 166 8.01 -42.66 -32.35
N ASP C 13 -19.68 -5.35 -7.63
CA ASP C 13 -19.00 -4.27 -8.32
C ASP C 13 -17.77 -3.81 -7.56
N LEU C 14 -17.88 -3.72 -6.23
CA LEU C 14 -16.75 -3.33 -5.41
C LEU C 14 -15.68 -4.42 -5.37
N GLY C 15 -16.10 -5.69 -5.41
CA GLY C 15 -15.13 -6.77 -5.43
C GLY C 15 -14.33 -6.81 -6.71
N LYS C 16 -14.98 -6.53 -7.85
CA LYS C 16 -14.26 -6.48 -9.12
C LYS C 16 -13.24 -5.35 -9.12
N LYS C 17 -13.59 -4.20 -8.54
CA LYS C 17 -12.67 -3.08 -8.50
C LYS C 17 -11.47 -3.37 -7.60
N LEU C 18 -11.71 -4.04 -6.46
CA LEU C 18 -10.61 -4.38 -5.57
C LEU C 18 -9.64 -5.35 -6.22
N LEU C 19 -10.15 -6.24 -7.07
CA LEU C 19 -9.27 -7.15 -7.80
C LEU C 19 -8.39 -6.39 -8.79
N GLU C 20 -9.00 -5.46 -9.54
CA GLU C 20 -8.22 -4.68 -10.50
C GLU C 20 -7.28 -3.71 -9.80
N ALA C 21 -7.65 -3.22 -8.60
CA ALA C 21 -6.78 -2.31 -7.88
C ALA C 21 -5.60 -3.04 -7.26
N ALA C 22 -5.83 -4.22 -6.69
CA ALA C 22 -4.74 -5.02 -6.13
C ALA C 22 -3.80 -5.51 -7.23
N ARG C 23 -4.35 -5.84 -8.40
CA ARG C 23 -3.52 -6.28 -9.50
C ARG C 23 -2.63 -5.15 -10.03
N ALA C 24 -3.11 -3.92 -9.99
CA ALA C 24 -2.37 -2.76 -10.45
C ALA C 24 -1.43 -2.19 -9.40
N GLY C 25 -1.51 -2.66 -8.15
CA GLY C 25 -0.64 -2.15 -7.11
C GLY C 25 -0.98 -0.77 -6.62
N GLN C 26 -2.26 -0.41 -6.61
CA GLN C 26 -2.71 0.91 -6.15
C GLN C 26 -3.19 0.76 -4.72
N ASP C 27 -2.25 0.87 -3.78
CA ASP C 27 -2.60 0.69 -2.36
C ASP C 27 -3.54 1.79 -1.87
N ASP C 28 -3.46 2.98 -2.46
CA ASP C 28 -4.40 4.04 -2.09
C ASP C 28 -5.81 3.71 -2.55
N GLU C 29 -5.95 3.22 -3.79
CA GLU C 29 -7.26 2.81 -4.28
C GLU C 29 -7.79 1.61 -3.51
N VAL C 30 -6.91 0.74 -3.03
CA VAL C 30 -7.34 -0.39 -2.21
C VAL C 30 -7.93 0.10 -0.90
N ARG C 31 -7.26 1.05 -0.25
CA ARG C 31 -7.76 1.58 1.02
C ARG C 31 -9.10 2.28 0.86
N ILE C 32 -9.36 2.86 -0.32
CA ILE C 32 -10.66 3.46 -0.58
C ILE C 32 -11.74 2.39 -0.58
N LEU C 33 -11.51 1.31 -1.34
CA LEU C 33 -12.49 0.24 -1.43
C LEU C 33 -12.64 -0.48 -0.09
N MET C 34 -11.58 -0.53 0.72
CA MET C 34 -11.69 -1.13 2.04
C MET C 34 -12.64 -0.33 2.94
N ALA C 35 -12.52 1.00 2.91
CA ALA C 35 -13.37 1.83 3.74
C ALA C 35 -14.82 1.80 3.29
N ASN C 36 -15.06 1.49 2.01
CA ASN C 36 -16.41 1.42 1.46
C ASN C 36 -17.02 0.03 1.56
N GLY C 37 -16.34 -0.91 2.22
CA GLY C 37 -16.91 -2.21 2.46
C GLY C 37 -16.78 -3.21 1.34
N ALA C 38 -15.68 -3.15 0.58
CA ALA C 38 -15.45 -4.13 -0.48
C ALA C 38 -15.05 -5.47 0.12
N ASP C 39 -15.52 -6.54 -0.49
CA ASP C 39 -15.20 -7.89 0.00
C ASP C 39 -13.71 -8.15 -0.18
N VAL C 40 -13.00 -8.29 0.94
CA VAL C 40 -11.56 -8.48 0.89
C VAL C 40 -11.20 -9.81 0.22
N ASN C 41 -12.10 -10.78 0.24
CA ASN C 41 -11.84 -12.10 -0.32
C ASN C 41 -12.66 -12.37 -1.58
N ALA C 42 -12.89 -11.33 -2.38
CA ALA C 42 -13.53 -11.52 -3.67
C ALA C 42 -12.61 -12.25 -4.63
N LYS C 43 -13.20 -13.04 -5.53
CA LYS C 43 -12.43 -13.87 -6.44
C LYS C 43 -12.76 -13.52 -7.89
N ASP C 44 -11.75 -13.65 -8.75
CA ASP C 44 -11.90 -13.39 -10.17
C ASP C 44 -12.33 -14.67 -10.88
N SER C 45 -12.14 -14.74 -12.20
CA SER C 45 -12.56 -15.92 -12.95
C SER C 45 -11.75 -17.15 -12.59
N ARG C 46 -10.49 -16.97 -12.16
CA ARG C 46 -9.64 -18.07 -11.74
C ARG C 46 -9.70 -18.32 -10.24
N GLY C 47 -10.57 -17.62 -9.52
CA GLY C 47 -10.70 -17.82 -8.08
C GLY C 47 -9.59 -17.18 -7.26
N LYS C 48 -8.92 -16.18 -7.79
CA LYS C 48 -7.83 -15.52 -7.08
C LYS C 48 -8.37 -14.33 -6.28
N THR C 49 -7.97 -14.25 -5.01
CA THR C 49 -8.34 -13.14 -4.16
C THR C 49 -7.41 -11.96 -4.43
N PRO C 50 -7.76 -10.76 -3.93
CA PRO C 50 -6.81 -9.64 -4.05
C PRO C 50 -5.46 -9.93 -3.42
N LEU C 51 -5.42 -10.79 -2.40
CA LEU C 51 -4.13 -11.19 -1.83
C LEU C 51 -3.34 -12.06 -2.80
N HIS C 52 -4.02 -12.87 -3.61
CA HIS C 52 -3.33 -13.62 -4.65
C HIS C 52 -2.63 -12.69 -5.63
N LEU C 53 -3.34 -11.67 -6.11
CA LEU C 53 -2.78 -10.76 -7.09
C LEU C 53 -1.67 -9.90 -6.51
N ALA C 54 -1.86 -9.42 -5.27
CA ALA C 54 -0.81 -8.64 -4.62
C ALA C 54 0.43 -9.48 -4.40
N ALA C 55 0.26 -10.76 -4.08
CA ALA C 55 1.39 -11.67 -3.94
C ALA C 55 1.96 -12.08 -5.30
N ASP C 56 1.11 -12.21 -6.31
CA ASP C 56 1.58 -12.62 -7.63
C ASP C 56 2.48 -11.56 -8.26
N TYR C 57 2.12 -10.30 -8.16
CA TYR C 57 2.86 -9.22 -8.78
C TYR C 57 3.89 -8.59 -7.85
N GLY C 58 3.96 -9.01 -6.59
CA GLY C 58 4.98 -8.50 -5.69
C GLY C 58 4.68 -7.14 -5.11
N TYR C 59 3.43 -6.86 -4.76
CA TYR C 59 3.04 -5.59 -4.16
C TYR C 59 2.96 -5.81 -2.64
N LEU C 60 4.05 -5.49 -1.95
CA LEU C 60 4.14 -5.75 -0.53
C LEU C 60 3.18 -4.88 0.27
N GLU C 61 3.10 -3.58 -0.09
CA GLU C 61 2.25 -2.67 0.66
C GLU C 61 0.77 -3.03 0.53
N VAL C 62 0.37 -3.56 -0.63
CA VAL C 62 -1.03 -3.95 -0.81
C VAL C 62 -1.34 -5.21 -0.02
N ALA C 63 -0.39 -6.15 0.02
CA ALA C 63 -0.62 -7.41 0.74
C ALA C 63 -0.78 -7.15 2.24
N GLU C 64 0.00 -6.22 2.79
CA GLU C 64 -0.10 -5.93 4.22
C GLU C 64 -1.41 -5.22 4.55
N VAL C 65 -1.90 -4.36 3.65
CA VAL C 65 -3.18 -3.70 3.87
C VAL C 65 -4.32 -4.70 3.80
N LEU C 66 -4.26 -5.62 2.84
CA LEU C 66 -5.29 -6.66 2.75
C LEU C 66 -5.26 -7.57 3.98
N LEU C 67 -4.07 -7.98 4.40
CA LEU C 67 -3.96 -8.86 5.57
C LEU C 67 -4.42 -8.16 6.84
N LYS C 68 -4.16 -6.86 6.95
CA LYS C 68 -4.59 -6.12 8.14
C LYS C 68 -6.11 -6.05 8.24
N HIS C 69 -6.79 -6.03 7.10
CA HIS C 69 -8.25 -5.95 7.07
C HIS C 69 -8.91 -7.32 6.93
N GLY C 70 -8.19 -8.39 7.25
CA GLY C 70 -8.81 -9.70 7.36
C GLY C 70 -8.84 -10.52 6.08
N ALA C 71 -7.78 -10.44 5.28
CA ALA C 71 -7.67 -11.27 4.09
C ALA C 71 -7.28 -12.68 4.47
N ASP C 72 -7.86 -13.65 3.76
CA ASP C 72 -7.55 -15.06 4.02
C ASP C 72 -6.14 -15.35 3.50
N VAL C 73 -5.22 -15.63 4.42
CA VAL C 73 -3.83 -15.88 4.03
C VAL C 73 -3.67 -17.25 3.37
N ASN C 74 -4.66 -18.14 3.52
CA ASN C 74 -4.62 -19.48 2.96
C ASN C 74 -5.77 -19.70 1.99
N ALA C 75 -6.09 -18.69 1.19
CA ALA C 75 -7.12 -18.83 0.17
C ALA C 75 -6.59 -19.59 -1.02
N HIS C 76 -7.43 -20.43 -1.61
CA HIS C 76 -7.07 -21.25 -2.76
C HIS C 76 -7.85 -20.80 -3.98
N ASP C 77 -7.18 -20.78 -5.13
CA ASP C 77 -7.84 -20.50 -6.41
C ASP C 77 -8.44 -21.79 -6.94
N VAL C 78 -8.91 -21.76 -8.20
CA VAL C 78 -9.52 -22.95 -8.78
C VAL C 78 -8.49 -24.05 -9.03
N TYR C 79 -7.20 -23.72 -9.03
CA TYR C 79 -6.15 -24.70 -9.19
C TYR C 79 -5.50 -25.07 -7.86
N GLY C 80 -6.02 -24.55 -6.74
CA GLY C 80 -5.52 -24.90 -5.43
C GLY C 80 -4.32 -24.10 -4.96
N ASP C 81 -3.92 -23.08 -5.70
CA ASP C 81 -2.74 -22.30 -5.32
C ASP C 81 -3.11 -21.25 -4.29
N THR C 82 -2.29 -21.17 -3.24
CA THR C 82 -2.40 -20.13 -2.23
C THR C 82 -1.57 -18.92 -2.64
N PRO C 83 -1.76 -17.77 -1.98
CA PRO C 83 -0.84 -16.65 -2.23
C PRO C 83 0.62 -17.02 -2.02
N LEU C 84 0.91 -17.96 -1.11
CA LEU C 84 2.28 -18.39 -0.92
C LEU C 84 2.82 -19.16 -2.11
N HIS C 85 1.93 -19.87 -2.83
CA HIS C 85 2.35 -20.56 -4.05
C HIS C 85 2.81 -19.58 -5.11
N LEU C 86 2.13 -18.44 -5.22
CA LEU C 86 2.44 -17.49 -6.29
C LEU C 86 3.71 -16.71 -5.97
N THR C 87 3.92 -16.33 -4.71
CA THR C 87 5.16 -15.64 -4.34
C THR C 87 6.36 -16.55 -4.51
N ALA C 88 6.23 -17.82 -4.14
CA ALA C 88 7.34 -18.76 -4.30
C ALA C 88 7.67 -19.01 -5.76
N THR C 89 6.72 -18.75 -6.67
CA THR C 89 6.98 -18.92 -8.09
C THR C 89 7.73 -17.72 -8.67
N TRP C 90 7.36 -16.51 -8.28
CA TRP C 90 7.96 -15.29 -8.83
C TRP C 90 9.05 -14.71 -7.95
N GLY C 91 9.43 -15.39 -6.87
CA GLY C 91 10.59 -14.98 -6.10
C GLY C 91 10.42 -13.71 -5.30
N HIS C 92 9.22 -13.43 -4.80
CA HIS C 92 8.98 -12.25 -3.97
C HIS C 92 9.24 -12.64 -2.53
N LEU C 93 10.50 -12.45 -2.09
CA LEU C 93 10.92 -12.95 -0.79
C LEU C 93 10.24 -12.20 0.35
N GLU C 94 10.05 -10.89 0.21
CA GLU C 94 9.49 -10.10 1.30
C GLU C 94 8.05 -10.49 1.59
N ILE C 95 7.28 -10.81 0.56
CA ILE C 95 5.90 -11.23 0.79
C ILE C 95 5.85 -12.65 1.33
N VAL C 96 6.83 -13.50 1.00
CA VAL C 96 6.88 -14.85 1.55
C VAL C 96 6.99 -14.78 3.07
N GLU C 97 7.80 -13.86 3.59
CA GLU C 97 7.92 -13.72 5.03
C GLU C 97 6.65 -13.14 5.64
N VAL C 98 6.05 -12.15 4.99
CA VAL C 98 4.83 -11.53 5.52
C VAL C 98 3.69 -12.54 5.56
N LEU C 99 3.57 -13.36 4.52
CA LEU C 99 2.53 -14.39 4.51
C LEU C 99 2.77 -15.42 5.60
N LEU C 100 4.01 -15.89 5.73
CA LEU C 100 4.33 -16.88 6.75
C LEU C 100 4.15 -16.32 8.16
N LYS C 101 4.37 -15.02 8.34
CA LYS C 101 4.16 -14.42 9.65
C LYS C 101 2.68 -14.33 10.00
N ASN C 102 1.82 -14.20 8.99
CA ASN C 102 0.38 -14.10 9.19
C ASN C 102 -0.31 -15.47 9.20
N GLY C 103 0.46 -16.54 9.29
CA GLY C 103 -0.13 -17.87 9.43
C GLY C 103 -0.35 -18.62 8.15
N ALA C 104 0.45 -18.37 7.12
CA ALA C 104 0.30 -19.10 5.87
C ALA C 104 0.78 -20.54 6.03
N ASP C 105 0.09 -21.46 5.37
CA ASP C 105 0.44 -22.88 5.42
C ASP C 105 1.63 -23.11 4.49
N ALA C 106 2.79 -23.42 5.09
CA ALA C 106 4.00 -23.63 4.30
C ALA C 106 3.98 -24.94 3.53
N ASN C 107 3.08 -25.85 3.88
CA ASN C 107 2.98 -27.15 3.21
C ASN C 107 1.67 -27.31 2.45
N ALA C 108 1.00 -26.21 2.11
CA ALA C 108 -0.23 -26.28 1.34
C ALA C 108 0.05 -26.78 -0.06
N ILE C 109 -0.87 -27.57 -0.59
CA ILE C 109 -0.70 -28.17 -1.90
C ILE C 109 -1.79 -27.65 -2.83
N ASP C 110 -1.47 -27.60 -4.13
CA ASP C 110 -2.41 -27.21 -5.16
C ASP C 110 -2.95 -28.47 -5.84
N PHE C 111 -3.56 -28.31 -7.03
CA PHE C 111 -4.11 -29.47 -7.71
C PHE C 111 -3.04 -30.37 -8.30
N PHE C 112 -1.78 -29.95 -8.28
CA PHE C 112 -0.67 -30.78 -8.73
C PHE C 112 0.08 -31.42 -7.57
N GLY C 113 -0.38 -31.23 -6.33
CA GLY C 113 0.36 -31.68 -5.17
C GLY C 113 1.59 -30.86 -4.87
N TRP C 114 1.72 -29.68 -5.46
CA TRP C 114 2.90 -28.85 -5.25
C TRP C 114 2.76 -28.02 -3.98
N THR C 115 3.75 -28.13 -3.11
CA THR C 115 3.89 -27.17 -2.02
C THR C 115 4.65 -25.95 -2.52
N PRO C 116 4.56 -24.82 -1.82
CA PRO C 116 5.40 -23.67 -2.18
C PRO C 116 6.88 -23.99 -2.22
N LEU C 117 7.32 -25.03 -1.50
CA LEU C 117 8.71 -25.45 -1.58
C LEU C 117 9.03 -26.05 -2.94
N HIS C 118 8.07 -26.78 -3.53
CA HIS C 118 8.28 -27.33 -4.87
C HIS C 118 8.47 -26.22 -5.90
N LEU C 119 7.57 -25.23 -5.88
CA LEU C 119 7.64 -24.16 -6.87
C LEU C 119 8.90 -23.31 -6.69
N ALA C 120 9.28 -23.04 -5.44
CA ALA C 120 10.49 -22.27 -5.19
C ALA C 120 11.73 -23.03 -5.64
N ALA C 121 11.73 -24.35 -5.53
CA ALA C 121 12.87 -25.14 -5.97
C ALA C 121 12.93 -25.23 -7.50
N TYR C 122 11.77 -25.27 -8.16
CA TYR C 122 11.76 -25.36 -9.61
C TYR C 122 12.35 -24.12 -10.26
N PHE C 123 12.02 -22.94 -9.74
CA PHE C 123 12.46 -21.68 -10.32
C PHE C 123 13.72 -21.13 -9.66
N GLY C 124 14.39 -21.94 -8.84
CA GLY C 124 15.69 -21.55 -8.29
C GLY C 124 15.65 -20.36 -7.36
N HIS C 125 14.59 -20.22 -6.56
CA HIS C 125 14.49 -19.15 -5.56
C HIS C 125 14.93 -19.74 -4.22
N LEU C 126 16.26 -19.74 -4.02
CA LEU C 126 16.84 -20.43 -2.89
C LEU C 126 16.63 -19.70 -1.56
N GLU C 127 16.55 -18.37 -1.59
CA GLU C 127 16.24 -17.64 -0.36
C GLU C 127 14.87 -18.01 0.16
N ILE C 128 13.88 -18.14 -0.73
CA ILE C 128 12.55 -18.55 -0.31
C ILE C 128 12.56 -20.00 0.17
N VAL C 129 13.39 -20.85 -0.46
CA VAL C 129 13.49 -22.24 -0.03
C VAL C 129 13.93 -22.32 1.43
N GLU C 130 14.96 -21.55 1.79
CA GLU C 130 15.43 -21.57 3.17
C GLU C 130 14.39 -20.99 4.12
N VAL C 131 13.70 -19.93 3.71
CA VAL C 131 12.67 -19.33 4.56
C VAL C 131 11.53 -20.31 4.79
N LEU C 132 11.15 -21.06 3.74
CA LEU C 132 10.10 -22.06 3.91
C LEU C 132 10.54 -23.19 4.82
N LEU C 133 11.81 -23.60 4.73
CA LEU C 133 12.30 -24.66 5.60
C LEU C 133 12.30 -24.22 7.06
N LYS C 134 12.64 -22.95 7.31
CA LYS C 134 12.62 -22.43 8.66
C LYS C 134 11.21 -22.27 9.22
N TYR C 135 10.19 -22.36 8.39
CA TYR C 135 8.80 -22.28 8.84
C TYR C 135 8.09 -23.63 8.77
N GLY C 136 8.81 -24.72 8.58
CA GLY C 136 8.24 -26.04 8.67
C GLY C 136 7.87 -26.71 7.37
N ALA C 137 8.49 -26.32 6.25
CA ALA C 137 8.21 -26.98 4.98
C ALA C 137 8.83 -28.37 4.96
N ASP C 138 8.05 -29.34 4.49
CA ASP C 138 8.49 -30.74 4.45
C ASP C 138 9.28 -30.98 3.18
N VAL C 139 10.53 -31.43 3.33
CA VAL C 139 11.35 -31.76 2.17
C VAL C 139 10.96 -33.09 1.55
N ASN C 140 10.29 -33.96 2.31
CA ASN C 140 9.91 -35.28 1.83
C ASN C 140 8.51 -35.30 1.23
N ALA C 141 7.88 -34.13 1.07
CA ALA C 141 6.55 -34.07 0.48
C ALA C 141 6.65 -34.38 -1.01
N GLN C 142 5.89 -35.37 -1.46
CA GLN C 142 5.84 -35.74 -2.87
C GLN C 142 4.61 -35.16 -3.53
N ASP C 143 4.79 -34.62 -4.73
CA ASP C 143 3.67 -34.15 -5.52
C ASP C 143 2.97 -35.35 -6.18
N LYS C 144 1.98 -35.06 -7.03
CA LYS C 144 1.24 -36.14 -7.68
C LYS C 144 2.07 -36.87 -8.73
N PHE C 145 3.34 -36.50 -8.92
CA PHE C 145 4.24 -37.19 -9.82
C PHE C 145 5.38 -37.87 -9.07
N GLY C 146 5.29 -37.97 -7.76
CA GLY C 146 6.31 -38.63 -6.96
C GLY C 146 7.60 -37.84 -6.82
N LYS C 147 7.57 -36.53 -7.09
CA LYS C 147 8.76 -35.70 -7.08
C LYS C 147 8.88 -34.96 -5.75
N THR C 148 10.07 -34.99 -5.17
CA THR C 148 10.40 -34.18 -4.00
C THR C 148 11.31 -33.03 -4.43
N VAL C 149 11.71 -32.22 -3.46
CA VAL C 149 12.66 -31.16 -3.74
C VAL C 149 14.02 -31.75 -4.12
N PHE C 150 14.36 -32.91 -3.55
CA PHE C 150 15.59 -33.58 -3.95
C PHE C 150 15.56 -33.96 -5.43
N ASP C 151 14.43 -34.48 -5.90
CA ASP C 151 14.30 -34.85 -7.30
C ASP C 151 14.40 -33.61 -8.21
N ILE C 152 13.88 -32.48 -7.73
CA ILE C 152 13.97 -31.24 -8.51
C ILE C 152 15.43 -30.80 -8.62
N SER C 153 16.18 -30.93 -7.53
CA SER C 153 17.60 -30.57 -7.58
C SER C 153 18.38 -31.47 -8.53
N VAL C 154 17.99 -32.76 -8.61
CA VAL C 154 18.63 -33.65 -9.56
C VAL C 154 18.21 -33.31 -10.98
N TYR C 155 16.93 -32.98 -11.17
CA TYR C 155 16.44 -32.69 -12.52
C TYR C 155 17.03 -31.38 -13.04
N ASN C 156 17.07 -30.34 -12.21
CA ASN C 156 17.63 -29.06 -12.63
C ASN C 156 19.14 -28.99 -12.48
N GLY C 157 19.76 -29.97 -11.83
CA GLY C 157 21.19 -29.91 -11.60
C GLY C 157 21.61 -28.76 -10.72
N ASP C 158 20.77 -28.40 -9.74
CA ASP C 158 21.02 -27.25 -8.88
C ASP C 158 21.87 -27.70 -7.70
N GLU C 159 23.17 -27.40 -7.75
CA GLU C 159 24.04 -27.77 -6.64
C GLU C 159 23.76 -26.93 -5.41
N ASP C 160 23.50 -25.64 -5.59
CA ASP C 160 23.21 -24.78 -4.45
C ASP C 160 21.93 -25.19 -3.74
N LEU C 161 20.97 -25.73 -4.48
CA LEU C 161 19.76 -26.27 -3.85
C LEU C 161 20.06 -27.59 -3.14
N ALA C 162 20.80 -28.48 -3.79
CA ALA C 162 21.18 -29.73 -3.15
C ALA C 162 22.07 -29.51 -1.94
N GLU C 163 22.89 -28.45 -1.97
CA GLU C 163 23.73 -28.13 -0.82
C GLU C 163 22.89 -27.70 0.38
N ILE C 164 21.75 -27.04 0.14
CA ILE C 164 20.85 -26.68 1.22
C ILE C 164 20.19 -27.93 1.80
N LEU C 165 19.76 -28.85 0.93
CA LEU C 165 19.07 -30.05 1.38
C LEU C 165 20.02 -31.00 2.12
N GLN C 166 21.30 -31.00 1.75
CA GLN C 166 22.25 -31.89 2.40
C GLN C 166 22.55 -31.45 3.84
N LYS C 167 22.39 -30.17 4.14
CA LYS C 167 22.67 -29.65 5.47
C LYS C 167 21.56 -29.95 6.48
N LEU C 168 20.54 -30.70 6.09
CA LEU C 168 19.44 -31.03 7.00
C LEU C 168 19.65 -32.40 7.63
N ASP D 13 -21.33 -10.75 42.52
CA ASP D 13 -19.97 -10.27 42.29
C ASP D 13 -19.42 -10.80 40.97
N LEU D 14 -19.68 -12.08 40.69
CA LEU D 14 -19.23 -12.66 39.43
C LEU D 14 -20.04 -12.12 38.25
N GLY D 15 -21.32 -11.83 38.46
CA GLY D 15 -22.13 -11.24 37.41
C GLY D 15 -21.71 -9.83 37.07
N LYS D 16 -21.26 -9.07 38.07
CA LYS D 16 -20.79 -7.71 37.80
C LYS D 16 -19.49 -7.71 37.00
N LYS D 17 -18.62 -8.68 37.26
CA LYS D 17 -17.39 -8.78 36.48
C LYS D 17 -17.67 -9.28 35.06
N LEU D 18 -18.70 -10.10 34.88
CA LEU D 18 -19.04 -10.57 33.55
C LEU D 18 -19.62 -9.44 32.69
N LEU D 19 -20.37 -8.53 33.31
CA LEU D 19 -20.89 -7.38 32.58
C LEU D 19 -19.78 -6.45 32.14
N GLU D 20 -18.82 -6.17 33.03
CA GLU D 20 -17.70 -5.31 32.67
C GLU D 20 -16.79 -5.97 31.65
N ALA D 21 -16.69 -7.30 31.68
CA ALA D 21 -15.87 -8.00 30.69
C ALA D 21 -16.54 -8.01 29.33
N ALA D 22 -17.87 -8.21 29.30
CA ALA D 22 -18.59 -8.16 28.03
C ALA D 22 -18.60 -6.76 27.44
N ARG D 23 -18.65 -5.73 28.29
CA ARG D 23 -18.60 -4.35 27.80
C ARG D 23 -17.24 -4.03 27.21
N ALA D 24 -16.18 -4.68 27.68
CA ALA D 24 -14.83 -4.47 27.19
C ALA D 24 -14.47 -5.37 26.02
N GLY D 25 -15.27 -6.38 25.73
CA GLY D 25 -14.99 -7.27 24.62
C GLY D 25 -13.85 -8.23 24.85
N GLN D 26 -13.69 -8.71 26.09
CA GLN D 26 -12.63 -9.65 26.44
C GLN D 26 -13.24 -11.05 26.46
N ASP D 27 -13.30 -11.69 25.29
CA ASP D 27 -13.87 -13.03 25.21
C ASP D 27 -13.06 -14.05 26.00
N ASP D 28 -11.77 -13.79 26.20
CA ASP D 28 -10.96 -14.66 27.06
C ASP D 28 -11.37 -14.52 28.51
N GLU D 29 -11.58 -13.28 28.97
CA GLU D 29 -12.03 -13.08 30.35
C GLU D 29 -13.45 -13.58 30.56
N VAL D 30 -14.28 -13.53 29.51
CA VAL D 30 -15.64 -14.02 29.62
C VAL D 30 -15.65 -15.53 29.84
N ARG D 31 -14.86 -16.27 29.06
CA ARG D 31 -14.80 -17.72 29.21
C ARG D 31 -14.33 -18.13 30.59
N ILE D 32 -13.40 -17.37 31.17
CA ILE D 32 -12.91 -17.69 32.52
C ILE D 32 -14.02 -17.54 33.54
N LEU D 33 -14.82 -16.47 33.42
CA LEU D 33 -15.91 -16.27 34.35
C LEU D 33 -17.02 -17.29 34.16
N MET D 34 -17.23 -17.75 32.93
CA MET D 34 -18.24 -18.78 32.68
C MET D 34 -17.87 -20.09 33.37
N ALA D 35 -16.59 -20.47 33.31
CA ALA D 35 -16.18 -21.73 33.93
C ALA D 35 -16.26 -21.67 35.45
N ASN D 36 -16.16 -20.48 36.03
CA ASN D 36 -16.26 -20.33 37.48
C ASN D 36 -17.70 -20.20 37.96
N GLY D 37 -18.68 -20.30 37.06
CA GLY D 37 -20.07 -20.30 37.46
C GLY D 37 -20.73 -18.93 37.52
N ALA D 38 -20.30 -18.00 36.69
CA ALA D 38 -20.92 -16.68 36.65
C ALA D 38 -22.27 -16.76 35.95
N ASP D 39 -23.23 -15.97 36.44
CA ASP D 39 -24.57 -15.96 35.87
C ASP D 39 -24.52 -15.36 34.47
N VAL D 40 -24.89 -16.16 33.46
CA VAL D 40 -24.84 -15.71 32.08
C VAL D 40 -25.88 -14.62 31.81
N ASN D 41 -26.95 -14.57 32.60
CA ASN D 41 -28.02 -13.60 32.42
C ASN D 41 -28.05 -12.57 33.55
N ALA D 42 -26.88 -12.14 33.99
CA ALA D 42 -26.79 -11.11 35.02
C ALA D 42 -27.12 -9.75 34.42
N LYS D 43 -27.91 -8.96 35.15
CA LYS D 43 -28.39 -7.67 34.67
C LYS D 43 -27.72 -6.54 35.44
N ASP D 44 -27.48 -5.43 34.74
CA ASP D 44 -26.88 -4.26 35.35
C ASP D 44 -27.98 -3.35 35.88
N SER D 45 -27.67 -2.07 36.10
CA SER D 45 -28.67 -1.15 36.63
C SER D 45 -29.82 -0.90 35.66
N ARG D 46 -29.59 -1.10 34.36
CA ARG D 46 -30.63 -0.92 33.35
C ARG D 46 -31.16 -2.25 32.83
N GLY D 47 -30.89 -3.35 33.54
CA GLY D 47 -31.42 -4.64 33.15
C GLY D 47 -30.81 -5.26 31.92
N LYS D 48 -29.61 -4.82 31.53
CA LYS D 48 -28.94 -5.35 30.35
C LYS D 48 -28.10 -6.56 30.73
N THR D 49 -28.22 -7.63 29.96
CA THR D 49 -27.43 -8.83 30.15
C THR D 49 -26.09 -8.69 29.46
N PRO D 50 -25.14 -9.58 29.73
CA PRO D 50 -23.88 -9.55 28.97
C PRO D 50 -24.10 -9.70 27.47
N LEU D 51 -25.15 -10.41 27.05
CA LEU D 51 -25.47 -10.48 25.63
C LEU D 51 -25.94 -9.13 25.09
N HIS D 52 -26.62 -8.34 25.92
CA HIS D 52 -26.99 -6.98 25.51
C HIS D 52 -25.75 -6.15 25.19
N LEU D 53 -24.76 -6.19 26.08
CA LEU D 53 -23.57 -5.36 25.90
C LEU D 53 -22.74 -5.82 24.72
N ALA D 54 -22.55 -7.14 24.57
CA ALA D 54 -21.81 -7.66 23.43
C ALA D 54 -22.51 -7.30 22.12
N ALA D 55 -23.84 -7.31 22.13
CA ALA D 55 -24.59 -6.87 20.95
C ALA D 55 -24.60 -5.36 20.80
N ASP D 56 -24.50 -4.63 21.91
CA ASP D 56 -24.53 -3.17 21.85
C ASP D 56 -23.23 -2.63 21.26
N TYR D 57 -22.10 -3.23 21.61
CA TYR D 57 -20.80 -2.75 21.17
C TYR D 57 -20.25 -3.47 19.95
N GLY D 58 -20.90 -4.54 19.52
CA GLY D 58 -20.45 -5.24 18.32
C GLY D 58 -19.36 -6.26 18.54
N TYR D 59 -19.35 -6.93 19.70
CA TYR D 59 -18.35 -7.96 19.99
C TYR D 59 -18.94 -9.30 19.60
N LEU D 60 -18.64 -9.75 18.38
CA LEU D 60 -19.24 -10.97 17.85
C LEU D 60 -18.77 -12.20 18.60
N GLU D 61 -17.46 -12.29 18.88
CA GLU D 61 -16.93 -13.46 19.57
C GLU D 61 -17.48 -13.60 20.98
N VAL D 62 -17.70 -12.47 21.67
CA VAL D 62 -18.28 -12.53 23.00
C VAL D 62 -19.73 -12.98 22.95
N ALA D 63 -20.46 -12.60 21.90
CA ALA D 63 -21.87 -12.96 21.81
C ALA D 63 -22.05 -14.46 21.59
N GLU D 64 -21.21 -15.06 20.73
CA GLU D 64 -21.35 -16.48 20.46
C GLU D 64 -20.93 -17.32 21.66
N VAL D 65 -19.98 -16.84 22.46
CA VAL D 65 -19.59 -17.56 23.67
C VAL D 65 -20.73 -17.53 24.69
N LEU D 66 -21.40 -16.38 24.81
CA LEU D 66 -22.55 -16.29 25.71
C LEU D 66 -23.69 -17.18 25.23
N LEU D 67 -24.00 -17.13 23.93
CA LEU D 67 -25.08 -17.94 23.40
C LEU D 67 -24.78 -19.43 23.49
N LYS D 68 -23.49 -19.81 23.44
CA LYS D 68 -23.13 -21.21 23.54
C LYS D 68 -23.37 -21.76 24.94
N HIS D 69 -23.23 -20.91 25.96
CA HIS D 69 -23.39 -21.33 27.35
C HIS D 69 -24.77 -20.99 27.92
N GLY D 70 -25.76 -20.78 27.06
CA GLY D 70 -27.13 -20.65 27.50
C GLY D 70 -27.59 -19.25 27.84
N ALA D 71 -27.14 -18.26 27.07
CA ALA D 71 -27.61 -16.90 27.26
C ALA D 71 -29.00 -16.74 26.65
N ASP D 72 -29.84 -15.96 27.31
CA ASP D 72 -31.18 -15.68 26.82
C ASP D 72 -31.08 -14.76 25.60
N VAL D 73 -31.43 -15.29 24.43
CA VAL D 73 -31.36 -14.49 23.22
C VAL D 73 -32.47 -13.43 23.18
N ASN D 74 -33.55 -13.64 23.92
CA ASN D 74 -34.69 -12.72 23.95
C ASN D 74 -34.84 -12.04 25.31
N ALA D 75 -33.72 -11.71 25.94
CA ALA D 75 -33.75 -11.00 27.21
C ALA D 75 -34.11 -9.54 26.99
N HIS D 76 -34.88 -8.98 27.93
CA HIS D 76 -35.31 -7.60 27.86
C HIS D 76 -34.69 -6.79 29.00
N ASP D 77 -34.41 -5.52 28.72
CA ASP D 77 -33.90 -4.61 29.74
C ASP D 77 -35.07 -3.88 30.40
N VAL D 78 -34.79 -2.80 31.11
CA VAL D 78 -35.86 -2.06 31.78
C VAL D 78 -36.71 -1.28 30.78
N TYR D 79 -36.23 -1.09 29.56
CA TYR D 79 -36.98 -0.40 28.51
C TYR D 79 -37.57 -1.36 27.50
N GLY D 80 -37.48 -2.67 27.75
CA GLY D 80 -38.07 -3.66 26.85
C GLY D 80 -37.24 -4.00 25.64
N ASP D 81 -35.99 -3.54 25.57
CA ASP D 81 -35.15 -3.79 24.41
C ASP D 81 -34.44 -5.13 24.54
N THR D 82 -34.41 -5.86 23.43
CA THR D 82 -33.68 -7.12 23.34
C THR D 82 -32.30 -6.88 22.76
N PRO D 83 -31.40 -7.86 22.86
CA PRO D 83 -30.11 -7.71 22.17
C PRO D 83 -30.25 -7.46 20.67
N LEU D 84 -31.32 -7.97 20.05
CA LEU D 84 -31.55 -7.68 18.64
C LEU D 84 -31.95 -6.22 18.42
N HIS D 85 -32.62 -5.61 19.40
CA HIS D 85 -32.93 -4.18 19.29
C HIS D 85 -31.67 -3.34 19.26
N LEU D 86 -30.64 -3.75 20.00
CA LEU D 86 -29.43 -2.95 20.09
C LEU D 86 -28.56 -3.08 18.84
N THR D 87 -28.47 -4.29 18.27
CA THR D 87 -27.68 -4.48 17.06
C THR D 87 -28.30 -3.76 15.87
N ALA D 88 -29.63 -3.78 15.77
CA ALA D 88 -30.29 -3.05 14.70
C ALA D 88 -30.12 -1.55 14.82
N THR D 89 -29.82 -1.06 16.02
CA THR D 89 -29.60 0.37 16.22
C THR D 89 -28.19 0.78 15.78
N TRP D 90 -27.19 -0.04 16.09
CA TRP D 90 -25.79 0.29 15.83
C TRP D 90 -25.27 -0.32 14.54
N GLY D 91 -26.08 -1.10 13.82
CA GLY D 91 -25.68 -1.59 12.52
C GLY D 91 -24.71 -2.74 12.51
N HIS D 92 -24.73 -3.58 13.54
CA HIS D 92 -23.84 -4.75 13.61
C HIS D 92 -24.55 -5.90 12.91
N LEU D 93 -24.29 -6.03 11.61
CA LEU D 93 -25.02 -7.00 10.80
C LEU D 93 -24.68 -8.44 11.17
N GLU D 94 -23.42 -8.70 11.52
CA GLU D 94 -23.01 -10.07 11.82
C GLU D 94 -23.71 -10.61 13.05
N ILE D 95 -23.88 -9.77 14.08
CA ILE D 95 -24.54 -10.23 15.30
C ILE D 95 -26.04 -10.35 15.08
N VAL D 96 -26.61 -9.54 14.18
CA VAL D 96 -28.03 -9.67 13.85
C VAL D 96 -28.33 -11.07 13.32
N GLU D 97 -27.46 -11.58 12.44
CA GLU D 97 -27.68 -12.92 11.90
C GLU D 97 -27.45 -13.99 12.96
N VAL D 98 -26.46 -13.78 13.84
CA VAL D 98 -26.17 -14.76 14.87
C VAL D 98 -27.33 -14.85 15.87
N LEU D 99 -27.90 -13.71 16.24
CA LEU D 99 -29.04 -13.72 17.14
C LEU D 99 -30.25 -14.40 16.51
N LEU D 100 -30.53 -14.09 15.24
CA LEU D 100 -31.67 -14.69 14.56
C LEU D 100 -31.49 -16.20 14.39
N LYS D 101 -30.25 -16.66 14.21
CA LYS D 101 -30.02 -18.09 14.10
C LYS D 101 -30.24 -18.80 15.43
N ASN D 102 -30.04 -18.12 16.54
CA ASN D 102 -30.24 -18.68 17.87
C ASN D 102 -31.66 -18.45 18.40
N GLY D 103 -32.60 -18.08 17.53
CA GLY D 103 -33.99 -17.96 17.92
C GLY D 103 -34.41 -16.61 18.45
N ALA D 104 -33.77 -15.53 18.01
CA ALA D 104 -34.18 -14.21 18.45
C ALA D 104 -35.53 -13.84 17.84
N ASP D 105 -36.34 -13.13 18.61
CA ASP D 105 -37.65 -12.69 18.14
C ASP D 105 -37.47 -11.47 17.25
N ALA D 106 -37.66 -11.67 15.93
CA ALA D 106 -37.49 -10.57 14.97
C ALA D 106 -38.54 -9.49 15.13
N ASN D 107 -39.67 -9.80 15.77
CA ASN D 107 -40.74 -8.84 15.97
C ASN D 107 -40.92 -8.46 17.43
N ALA D 108 -39.87 -8.58 18.24
CA ALA D 108 -39.94 -8.17 19.63
C ALA D 108 -40.09 -6.67 19.73
N ILE D 109 -40.88 -6.22 20.70
CA ILE D 109 -41.15 -4.80 20.89
C ILE D 109 -40.63 -4.36 22.25
N ASP D 110 -40.26 -3.09 22.34
CA ASP D 110 -39.82 -2.49 23.57
C ASP D 110 -40.99 -1.71 24.19
N PHE D 111 -40.69 -0.78 25.10
CA PHE D 111 -41.74 0.03 25.70
C PHE D 111 -42.27 1.11 24.75
N PHE D 112 -41.56 1.41 23.67
CA PHE D 112 -42.04 2.33 22.66
C PHE D 112 -42.79 1.63 21.53
N GLY D 113 -42.93 0.31 21.59
CA GLY D 113 -43.54 -0.44 20.51
C GLY D 113 -42.64 -0.64 19.31
N TRP D 114 -41.34 -0.46 19.47
CA TRP D 114 -40.40 -0.54 18.36
C TRP D 114 -39.93 -1.98 18.17
N THR D 115 -40.10 -2.50 16.95
CA THR D 115 -39.46 -3.74 16.58
C THR D 115 -38.02 -3.45 16.13
N PRO D 116 -37.16 -4.47 16.10
CA PRO D 116 -35.83 -4.26 15.51
C PRO D 116 -35.88 -3.74 14.09
N LEU D 117 -36.97 -3.98 13.36
CA LEU D 117 -37.13 -3.41 12.03
C LEU D 117 -37.30 -1.90 12.07
N HIS D 118 -37.97 -1.38 13.12
CA HIS D 118 -38.11 0.06 13.26
C HIS D 118 -36.76 0.73 13.52
N LEU D 119 -35.98 0.18 14.45
CA LEU D 119 -34.69 0.80 14.79
C LEU D 119 -33.71 0.70 13.62
N ALA D 120 -33.75 -0.41 12.88
CA ALA D 120 -32.87 -0.53 11.71
C ALA D 120 -33.32 0.40 10.59
N ALA D 121 -34.61 0.71 10.52
CA ALA D 121 -35.10 1.63 9.49
C ALA D 121 -34.85 3.08 9.87
N TYR D 122 -34.90 3.41 11.16
CA TYR D 122 -34.61 4.79 11.58
C TYR D 122 -33.17 5.18 11.27
N PHE D 123 -32.23 4.27 11.54
CA PHE D 123 -30.82 4.57 11.37
C PHE D 123 -30.27 4.13 10.02
N GLY D 124 -31.14 3.80 9.07
CA GLY D 124 -30.72 3.54 7.70
C GLY D 124 -29.82 2.33 7.53
N HIS D 125 -30.02 1.29 8.33
CA HIS D 125 -29.24 0.05 8.19
C HIS D 125 -30.03 -0.88 7.27
N LEU D 126 -29.84 -0.70 5.96
CA LEU D 126 -30.67 -1.38 4.98
C LEU D 126 -30.38 -2.87 4.93
N GLU D 127 -29.10 -3.26 5.08
CA GLU D 127 -28.76 -4.68 5.05
C GLU D 127 -29.41 -5.41 6.22
N ILE D 128 -29.46 -4.78 7.39
CA ILE D 128 -30.13 -5.40 8.53
C ILE D 128 -31.63 -5.45 8.31
N VAL D 129 -32.20 -4.45 7.63
CA VAL D 129 -33.63 -4.44 7.35
C VAL D 129 -34.01 -5.64 6.50
N GLU D 130 -33.23 -5.92 5.44
CA GLU D 130 -33.54 -7.03 4.55
C GLU D 130 -33.34 -8.38 5.25
N VAL D 131 -32.37 -8.46 6.15
CA VAL D 131 -32.16 -9.71 6.90
C VAL D 131 -33.33 -9.95 7.85
N LEU D 132 -33.81 -8.90 8.52
CA LEU D 132 -34.98 -9.04 9.38
C LEU D 132 -36.21 -9.45 8.59
N LEU D 133 -36.37 -8.89 7.38
CA LEU D 133 -37.49 -9.29 6.52
C LEU D 133 -37.36 -10.74 6.08
N LYS D 134 -36.12 -11.22 5.91
CA LYS D 134 -35.91 -12.62 5.55
C LYS D 134 -36.38 -13.54 6.66
N TYR D 135 -36.18 -13.15 7.91
CA TYR D 135 -36.58 -13.94 9.06
C TYR D 135 -37.99 -13.64 9.54
N GLY D 136 -38.78 -12.91 8.74
CA GLY D 136 -40.19 -12.73 9.03
C GLY D 136 -40.54 -11.53 9.89
N ALA D 137 -39.94 -10.39 9.59
CA ALA D 137 -40.29 -9.16 10.29
C ALA D 137 -41.51 -8.51 9.64
N ASP D 138 -42.50 -8.17 10.46
CA ASP D 138 -43.74 -7.58 9.96
C ASP D 138 -43.50 -6.13 9.58
N VAL D 139 -43.70 -5.81 8.30
CA VAL D 139 -43.54 -4.42 7.84
C VAL D 139 -44.68 -3.55 8.34
N ASN D 140 -45.88 -4.14 8.52
CA ASN D 140 -47.04 -3.39 8.93
C ASN D 140 -47.12 -3.18 10.44
N ALA D 141 -46.07 -3.51 11.17
CA ALA D 141 -46.07 -3.33 12.62
C ALA D 141 -46.03 -1.85 12.97
N GLN D 142 -46.97 -1.41 13.80
CA GLN D 142 -47.04 -0.02 14.26
C GLN D 142 -46.53 0.07 15.69
N ASP D 143 -45.78 1.13 15.98
CA ASP D 143 -45.35 1.42 17.34
C ASP D 143 -46.48 2.15 18.06
N LYS D 144 -46.21 2.64 19.27
CA LYS D 144 -47.24 3.35 20.02
C LYS D 144 -47.54 4.73 19.46
N PHE D 145 -46.90 5.12 18.36
CA PHE D 145 -47.17 6.38 17.68
C PHE D 145 -47.76 6.17 16.29
N GLY D 146 -48.26 4.96 16.01
CA GLY D 146 -48.85 4.67 14.73
C GLY D 146 -47.89 4.67 13.56
N LYS D 147 -46.60 4.44 13.82
CA LYS D 147 -45.59 4.53 12.79
C LYS D 147 -45.17 3.14 12.33
N THR D 148 -45.23 2.90 11.02
CA THR D 148 -44.68 1.71 10.40
C THR D 148 -43.30 2.03 9.84
N VAL D 149 -42.66 1.01 9.25
CA VAL D 149 -41.41 1.25 8.56
C VAL D 149 -41.64 2.13 7.34
N PHE D 150 -42.82 2.04 6.72
CA PHE D 150 -43.14 2.92 5.59
C PHE D 150 -43.14 4.38 6.03
N ASP D 151 -43.70 4.68 7.20
CA ASP D 151 -43.72 6.05 7.69
C ASP D 151 -42.31 6.55 7.99
N ILE D 152 -41.41 5.65 8.40
CA ILE D 152 -40.05 6.07 8.69
C ILE D 152 -39.30 6.43 7.40
N SER D 153 -39.53 5.66 6.34
CA SER D 153 -38.87 5.96 5.07
C SER D 153 -39.33 7.30 4.51
N VAL D 154 -40.61 7.64 4.68
CA VAL D 154 -41.10 8.93 4.21
C VAL D 154 -40.57 10.06 5.08
N TYR D 155 -40.57 9.85 6.40
CA TYR D 155 -40.09 10.89 7.31
C TYR D 155 -38.59 11.14 7.13
N ASN D 156 -37.79 10.07 7.05
CA ASN D 156 -36.36 10.21 6.85
C ASN D 156 -35.98 10.57 5.42
N GLY D 157 -36.91 10.47 4.47
CA GLY D 157 -36.57 10.70 3.09
C GLY D 157 -35.63 9.67 2.51
N ASP D 158 -35.66 8.44 3.03
CA ASP D 158 -34.76 7.38 2.59
C ASP D 158 -35.29 6.81 1.28
N GLU D 159 -34.61 7.13 0.18
CA GLU D 159 -35.03 6.62 -1.12
C GLU D 159 -34.81 5.12 -1.23
N ASP D 160 -33.67 4.64 -0.74
CA ASP D 160 -33.33 3.22 -0.89
C ASP D 160 -34.22 2.35 0.00
N LEU D 161 -34.57 2.84 1.19
CA LEU D 161 -35.45 2.07 2.06
C LEU D 161 -36.85 1.98 1.47
N ALA D 162 -37.36 3.08 0.92
CA ALA D 162 -38.69 3.06 0.32
C ALA D 162 -38.73 2.18 -0.92
N GLU D 163 -37.59 2.02 -1.61
CA GLU D 163 -37.54 1.14 -2.77
C GLU D 163 -37.63 -0.33 -2.37
N ILE D 164 -37.04 -0.69 -1.21
CA ILE D 164 -37.13 -2.06 -0.74
C ILE D 164 -38.56 -2.40 -0.33
N LEU D 165 -39.26 -1.44 0.27
CA LEU D 165 -40.61 -1.67 0.78
C LEU D 165 -41.61 -1.67 -0.37
N GLN D 166 -41.54 -2.73 -1.18
CA GLN D 166 -42.45 -2.90 -2.31
C GLN D 166 -42.38 -4.32 -2.86
N SER E 12 -5.88 6.44 32.44
CA SER E 12 -5.50 5.07 32.12
C SER E 12 -6.17 4.08 33.07
N ASP E 13 -5.44 3.67 34.10
CA ASP E 13 -5.98 2.73 35.08
C ASP E 13 -6.94 3.44 36.03
N LEU E 14 -6.59 4.64 36.49
CA LEU E 14 -7.49 5.40 37.35
C LEU E 14 -8.69 5.93 36.57
N GLY E 15 -8.49 6.28 35.30
CA GLY E 15 -9.61 6.76 34.50
C GLY E 15 -10.63 5.66 34.23
N LYS E 16 -10.17 4.43 34.04
CA LYS E 16 -11.10 3.32 33.84
C LYS E 16 -11.96 3.09 35.07
N LYS E 17 -11.35 3.14 36.26
CA LYS E 17 -12.13 2.97 37.48
C LYS E 17 -13.07 4.15 37.72
N LEU E 18 -12.70 5.35 37.25
CA LEU E 18 -13.60 6.48 37.37
C LEU E 18 -14.77 6.36 36.42
N LEU E 19 -14.55 5.82 35.22
CA LEU E 19 -15.65 5.59 34.30
C LEU E 19 -16.62 4.55 34.85
N GLU E 20 -16.09 3.48 35.47
CA GLU E 20 -16.96 2.46 36.04
C GLU E 20 -17.63 2.94 37.33
N ALA E 21 -16.97 3.86 38.06
CA ALA E 21 -17.60 4.41 39.26
C ALA E 21 -18.73 5.35 38.90
N ALA E 22 -18.53 6.20 37.89
CA ALA E 22 -19.60 7.10 37.45
C ALA E 22 -20.75 6.32 36.81
N ARG E 23 -20.45 5.20 36.15
CA ARG E 23 -21.51 4.39 35.56
C ARG E 23 -22.35 3.73 36.63
N ALA E 24 -21.76 3.40 37.78
CA ALA E 24 -22.48 2.77 38.88
C ALA E 24 -23.13 3.77 39.82
N GLY E 25 -22.88 5.06 39.65
CA GLY E 25 -23.49 6.06 40.51
C GLY E 25 -22.88 6.16 41.89
N GLN E 26 -21.62 5.75 42.06
CA GLN E 26 -20.95 5.78 43.35
C GLN E 26 -20.20 7.10 43.49
N ASP E 27 -20.93 8.13 43.92
CA ASP E 27 -20.33 9.45 44.09
C ASP E 27 -19.24 9.45 45.15
N ASP E 28 -19.33 8.54 46.13
CA ASP E 28 -18.28 8.43 47.12
C ASP E 28 -16.99 7.92 46.48
N GLU E 29 -17.09 6.91 45.61
CA GLU E 29 -15.90 6.43 44.91
C GLU E 29 -15.40 7.46 43.90
N VAL E 30 -16.29 8.33 43.40
CA VAL E 30 -15.87 9.39 42.50
C VAL E 30 -15.01 10.41 43.24
N ARG E 31 -15.37 10.72 44.48
CA ARG E 31 -14.57 11.65 45.28
C ARG E 31 -13.21 11.06 45.63
N ILE E 32 -13.17 9.76 45.91
CA ILE E 32 -11.91 9.11 46.29
C ILE E 32 -10.96 9.10 45.10
N LEU E 33 -11.45 8.67 43.94
CA LEU E 33 -10.60 8.61 42.76
C LEU E 33 -10.14 9.99 42.31
N MET E 34 -10.99 11.01 42.49
CA MET E 34 -10.61 12.36 42.10
C MET E 34 -9.48 12.90 42.96
N ALA E 35 -9.51 12.60 44.26
CA ALA E 35 -8.45 13.07 45.16
C ALA E 35 -7.14 12.37 44.87
N ASN E 36 -7.18 11.14 44.35
CA ASN E 36 -5.98 10.40 44.00
C ASN E 36 -5.45 10.76 42.61
N GLY E 37 -6.01 11.78 41.97
CA GLY E 37 -5.49 12.25 40.71
C GLY E 37 -6.03 11.57 39.47
N ALA E 38 -7.26 11.07 39.51
CA ALA E 38 -7.84 10.45 38.33
C ALA E 38 -8.23 11.52 37.30
N ASP E 39 -8.02 11.21 36.03
CA ASP E 39 -8.36 12.14 34.96
C ASP E 39 -9.87 12.28 34.86
N VAL E 40 -10.37 13.50 35.13
CA VAL E 40 -11.82 13.71 35.15
C VAL E 40 -12.42 13.61 33.76
N ASN E 41 -11.62 13.78 32.70
CA ASN E 41 -12.10 13.73 31.33
C ASN E 41 -11.58 12.51 30.58
N ALA E 42 -11.52 11.36 31.28
CA ALA E 42 -11.12 10.12 30.64
C ALA E 42 -12.26 9.58 29.78
N LYS E 43 -11.92 9.06 28.61
CA LYS E 43 -12.89 8.56 27.66
C LYS E 43 -12.84 7.04 27.58
N ASP E 44 -13.99 6.43 27.33
CA ASP E 44 -14.09 4.99 27.19
C ASP E 44 -13.97 4.63 25.70
N SER E 45 -14.48 3.47 25.30
CA SER E 45 -14.34 3.04 23.91
C SER E 45 -15.14 3.91 22.95
N ARG E 46 -16.24 4.51 23.42
CA ARG E 46 -17.07 5.38 22.61
C ARG E 46 -16.80 6.85 22.86
N GLY E 47 -15.71 7.19 23.55
CA GLY E 47 -15.35 8.57 23.78
C GLY E 47 -16.18 9.29 24.81
N LYS E 48 -16.89 8.56 25.67
CA LYS E 48 -17.71 9.18 26.70
C LYS E 48 -16.89 9.43 27.96
N THR E 49 -17.07 10.61 28.53
CA THR E 49 -16.41 11.00 29.77
C THR E 49 -17.23 10.53 30.96
N PRO E 50 -16.68 10.58 32.18
CA PRO E 50 -17.50 10.28 33.35
C PRO E 50 -18.73 11.18 33.46
N LEU E 51 -18.65 12.42 32.98
CA LEU E 51 -19.82 13.28 32.96
C LEU E 51 -20.87 12.78 31.98
N HIS E 52 -20.44 12.19 30.86
CA HIS E 52 -21.38 11.58 29.93
C HIS E 52 -22.20 10.48 30.61
N LEU E 53 -21.52 9.59 31.35
CA LEU E 53 -22.21 8.48 31.99
C LEU E 53 -23.11 8.96 33.13
N ALA E 54 -22.62 9.91 33.93
CA ALA E 54 -23.44 10.44 35.01
C ALA E 54 -24.69 11.12 34.47
N ALA E 55 -24.56 11.82 33.34
CA ALA E 55 -25.72 12.44 32.70
C ALA E 55 -26.57 11.41 31.99
N ASP E 56 -25.96 10.31 31.53
CA ASP E 56 -26.72 9.30 30.80
C ASP E 56 -27.65 8.52 31.71
N TYR E 57 -27.18 8.19 32.91
CA TYR E 57 -27.96 7.37 33.84
C TYR E 57 -28.78 8.19 34.83
N GLY E 58 -28.53 9.49 34.94
CA GLY E 58 -29.30 10.32 35.85
C GLY E 58 -28.71 10.47 37.23
N TYR E 59 -27.39 10.40 37.37
CA TYR E 59 -26.73 10.53 38.67
C TYR E 59 -26.36 12.00 38.86
N LEU E 60 -27.23 12.73 39.55
CA LEU E 60 -27.02 14.16 39.72
C LEU E 60 -25.82 14.45 40.61
N GLU E 61 -25.70 13.75 41.73
CA GLU E 61 -24.61 14.02 42.67
C GLU E 61 -23.25 13.71 42.04
N VAL E 62 -23.18 12.71 41.16
CA VAL E 62 -21.92 12.41 40.49
C VAL E 62 -21.57 13.49 39.49
N ALA E 63 -22.56 13.98 38.75
CA ALA E 63 -22.31 15.03 37.77
C ALA E 63 -21.86 16.32 38.44
N GLU E 64 -22.39 16.62 39.62
CA GLU E 64 -21.97 17.83 40.33
C GLU E 64 -20.54 17.72 40.83
N VAL E 65 -20.16 16.55 41.34
CA VAL E 65 -18.78 16.35 41.81
C VAL E 65 -17.80 16.47 40.67
N LEU E 66 -18.14 15.91 39.51
CA LEU E 66 -17.26 15.99 38.35
C LEU E 66 -17.10 17.43 37.88
N LEU E 67 -18.20 18.18 37.82
CA LEU E 67 -18.13 19.57 37.38
C LEU E 67 -17.34 20.43 38.36
N LYS E 68 -17.46 20.15 39.66
CA LYS E 68 -16.70 20.90 40.65
C LYS E 68 -15.20 20.66 40.51
N HIS E 69 -14.80 19.52 39.94
CA HIS E 69 -13.40 19.19 39.76
C HIS E 69 -12.92 19.36 38.34
N GLY E 70 -13.60 20.20 37.55
CA GLY E 70 -13.11 20.58 36.25
C GLY E 70 -13.46 19.67 35.10
N ALA E 71 -14.60 18.99 35.16
CA ALA E 71 -15.03 18.18 34.03
C ALA E 71 -15.50 19.07 32.90
N ASP E 72 -15.21 18.65 31.66
CA ASP E 72 -15.62 19.41 30.48
C ASP E 72 -17.12 19.25 30.28
N VAL E 73 -17.86 20.34 30.40
CA VAL E 73 -19.31 20.28 30.28
C VAL E 73 -19.74 20.10 28.83
N ASN E 74 -18.87 20.41 27.88
CA ASN E 74 -19.17 20.32 26.45
C ASN E 74 -18.29 19.28 25.76
N ALA E 75 -18.00 18.18 26.46
CA ALA E 75 -17.23 17.10 25.86
C ALA E 75 -18.10 16.33 24.86
N HIS E 76 -17.47 15.91 23.76
CA HIS E 76 -18.16 15.18 22.70
C HIS E 76 -17.63 13.75 22.64
N ASP E 77 -18.54 12.80 22.49
CA ASP E 77 -18.15 11.41 22.27
C ASP E 77 -17.82 11.21 20.79
N VAL E 78 -17.59 9.97 20.38
CA VAL E 78 -17.23 9.69 18.99
C VAL E 78 -18.38 9.95 18.02
N TYR E 79 -19.59 10.17 18.53
CA TYR E 79 -20.74 10.52 17.71
C TYR E 79 -21.14 11.98 17.85
N GLY E 80 -20.34 12.79 18.53
CA GLY E 80 -20.60 14.20 18.68
C GLY E 80 -21.59 14.57 19.76
N ASP E 81 -21.98 13.63 20.62
CA ASP E 81 -22.96 13.91 21.66
C ASP E 81 -22.29 14.50 22.89
N THR E 82 -22.90 15.53 23.44
CA THR E 82 -22.49 16.12 24.70
C THR E 82 -23.27 15.51 25.85
N PRO E 83 -22.81 15.70 27.09
CA PRO E 83 -23.63 15.25 28.22
C PRO E 83 -25.04 15.82 28.21
N LEU E 84 -25.23 17.02 27.64
CA LEU E 84 -26.58 17.56 27.54
C LEU E 84 -27.41 16.80 26.53
N HIS E 85 -26.79 16.22 25.49
CA HIS E 85 -27.53 15.40 24.54
C HIS E 85 -28.09 14.15 25.22
N LEU E 86 -27.33 13.55 26.14
CA LEU E 86 -27.76 12.32 26.78
C LEU E 86 -28.82 12.57 27.84
N THR E 87 -28.77 13.71 28.54
CA THR E 87 -29.76 14.00 29.56
C THR E 87 -31.12 14.33 28.92
N ALA E 88 -31.11 15.07 27.81
CA ALA E 88 -32.36 15.41 27.14
C ALA E 88 -33.03 14.18 26.54
N THR E 89 -32.30 13.07 26.39
CA THR E 89 -32.88 11.85 25.83
C THR E 89 -33.61 11.04 26.89
N TRP E 90 -33.02 10.89 28.08
CA TRP E 90 -33.62 10.11 29.14
C TRP E 90 -34.48 10.92 30.09
N GLY E 91 -34.55 12.23 29.92
CA GLY E 91 -35.46 13.05 30.71
C GLY E 91 -34.99 13.37 32.12
N HIS E 92 -33.70 13.65 32.29
CA HIS E 92 -33.16 14.02 33.60
C HIS E 92 -33.17 15.55 33.69
N LEU E 93 -34.26 16.10 34.23
CA LEU E 93 -34.43 17.55 34.23
C LEU E 93 -33.43 18.24 35.15
N GLU E 94 -33.09 17.62 36.28
CA GLU E 94 -32.20 18.27 37.23
C GLU E 94 -30.77 18.37 36.69
N ILE E 95 -30.33 17.38 35.92
CA ILE E 95 -28.97 17.45 35.38
C ILE E 95 -28.90 18.40 34.19
N VAL E 96 -29.99 18.52 33.41
CA VAL E 96 -30.05 19.53 32.37
C VAL E 96 -29.87 20.92 32.98
N GLU E 97 -30.42 21.13 34.17
CA GLU E 97 -30.26 22.42 34.84
C GLU E 97 -28.82 22.65 35.27
N VAL E 98 -28.17 21.63 35.83
CA VAL E 98 -26.81 21.80 36.32
C VAL E 98 -25.84 21.97 35.16
N LEU E 99 -26.04 21.24 34.06
CA LEU E 99 -25.17 21.37 32.91
C LEU E 99 -25.28 22.77 32.30
N LEU E 100 -26.51 23.25 32.08
CA LEU E 100 -26.68 24.59 31.52
C LEU E 100 -26.14 25.67 32.44
N LYS E 101 -26.21 25.46 33.76
CA LYS E 101 -25.64 26.43 34.69
C LYS E 101 -24.12 26.47 34.61
N ASN E 102 -23.49 25.37 34.22
CA ASN E 102 -22.03 25.29 34.13
C ASN E 102 -21.53 25.55 32.71
N GLY E 103 -22.34 26.16 31.85
CA GLY E 103 -21.88 26.55 30.54
C GLY E 103 -22.06 25.54 29.43
N ALA E 104 -23.03 24.63 29.56
CA ALA E 104 -23.28 23.67 28.49
C ALA E 104 -23.92 24.37 27.30
N ASP E 105 -23.41 24.07 26.11
CA ASP E 105 -23.96 24.67 24.89
C ASP E 105 -25.34 24.09 24.61
N ALA E 106 -26.36 24.95 24.65
CA ALA E 106 -27.73 24.50 24.46
C ALA E 106 -28.03 24.17 23.01
N ASN E 107 -27.19 24.59 22.07
CA ASN E 107 -27.40 24.37 20.64
C ASN E 107 -26.33 23.47 20.04
N ALA E 108 -25.65 22.68 20.87
CA ALA E 108 -24.63 21.76 20.36
C ALA E 108 -25.28 20.69 19.50
N ILE E 109 -24.58 20.28 18.44
CA ILE E 109 -25.08 19.28 17.52
C ILE E 109 -24.17 18.07 17.56
N ASP E 110 -24.73 16.92 17.20
CA ASP E 110 -23.98 15.69 17.09
C ASP E 110 -23.76 15.36 15.61
N PHE E 111 -23.40 14.12 15.32
CA PHE E 111 -23.17 13.72 13.94
C PHE E 111 -24.47 13.61 13.14
N PHE E 112 -25.62 13.55 13.81
CA PHE E 112 -26.90 13.56 13.13
C PHE E 112 -27.48 14.96 12.98
N GLY E 113 -26.77 15.98 13.46
CA GLY E 113 -27.30 17.33 13.46
C GLY E 113 -28.30 17.61 14.55
N TRP E 114 -28.46 16.70 15.51
CA TRP E 114 -29.43 16.86 16.57
C TRP E 114 -28.91 17.81 17.65
N THR E 115 -29.70 18.82 17.98
CA THR E 115 -29.48 19.60 19.18
C THR E 115 -30.15 18.90 20.36
N PRO E 116 -29.79 19.24 21.59
CA PRO E 116 -30.52 18.69 22.75
C PRO E 116 -32.00 18.95 22.70
N LEU E 117 -32.44 19.99 21.97
CA LEU E 117 -33.87 20.24 21.81
C LEU E 117 -34.52 19.20 20.91
N HIS E 118 -33.79 18.69 19.92
CA HIS E 118 -34.33 17.64 19.06
C HIS E 118 -34.58 16.36 19.84
N LEU E 119 -33.62 15.95 20.67
CA LEU E 119 -33.76 14.70 21.42
C LEU E 119 -34.83 14.83 22.49
N ALA E 120 -34.89 15.98 23.17
CA ALA E 120 -35.93 16.18 24.18
C ALA E 120 -37.32 16.23 23.56
N ALA E 121 -37.42 16.71 22.33
CA ALA E 121 -38.72 16.76 21.66
C ALA E 121 -39.13 15.37 21.14
N TYR E 122 -38.17 14.59 20.66
CA TYR E 122 -38.50 13.25 20.17
C TYR E 122 -39.09 12.39 21.28
N PHE E 123 -38.49 12.42 22.47
CA PHE E 123 -38.91 11.57 23.57
C PHE E 123 -39.91 12.26 24.51
N GLY E 124 -40.48 13.39 24.08
CA GLY E 124 -41.54 14.03 24.83
C GLY E 124 -41.18 14.53 26.21
N HIS E 125 -39.98 15.08 26.39
CA HIS E 125 -39.57 15.66 27.66
C HIS E 125 -39.83 17.16 27.61
N LEU E 126 -41.10 17.51 27.82
CA LEU E 126 -41.54 18.89 27.62
C LEU E 126 -40.94 19.85 28.63
N GLU E 127 -40.69 19.40 29.85
CA GLU E 127 -40.03 20.27 30.83
C GLU E 127 -38.62 20.64 30.37
N ILE E 128 -37.88 19.66 29.85
CA ILE E 128 -36.54 19.93 29.34
C ILE E 128 -36.61 20.83 28.11
N VAL E 129 -37.66 20.69 27.30
CA VAL E 129 -37.83 21.55 26.13
C VAL E 129 -37.92 23.01 26.55
N GLU E 130 -38.77 23.31 27.53
CA GLU E 130 -38.93 24.69 27.98
C GLU E 130 -37.66 25.21 28.66
N VAL E 131 -36.94 24.34 29.36
CA VAL E 131 -35.70 24.77 30.01
C VAL E 131 -34.64 25.11 28.97
N LEU E 132 -34.53 24.28 27.92
CA LEU E 132 -33.59 24.58 26.85
C LEU E 132 -33.98 25.86 26.12
N LEU E 133 -35.29 26.09 25.94
CA LEU E 133 -35.74 27.33 25.29
C LEU E 133 -35.38 28.55 26.13
N LYS E 134 -35.41 28.42 27.46
CA LYS E 134 -35.02 29.54 28.30
C LYS E 134 -33.54 29.86 28.15
N TYR E 135 -32.70 28.85 27.92
CA TYR E 135 -31.27 29.04 27.75
C TYR E 135 -30.86 29.28 26.30
N GLY E 136 -31.81 29.60 25.43
CA GLY E 136 -31.49 30.02 24.08
C GLY E 136 -31.41 28.91 23.05
N ALA E 137 -32.21 27.85 23.19
CA ALA E 137 -32.23 26.81 22.18
C ALA E 137 -33.00 27.30 20.96
N ASP E 138 -32.44 27.06 19.77
CA ASP E 138 -33.05 27.52 18.53
C ASP E 138 -34.09 26.50 18.07
N VAL E 139 -35.35 26.96 17.94
CA VAL E 139 -36.41 26.09 17.47
C VAL E 139 -36.31 25.84 15.97
N ASN E 140 -35.64 26.72 15.24
CA ASN E 140 -35.52 26.61 13.79
C ASN E 140 -34.33 25.76 13.35
N ALA E 141 -33.62 25.16 14.30
CA ALA E 141 -32.46 24.34 13.95
C ALA E 141 -32.88 23.07 13.22
N GLN E 142 -32.31 22.85 12.05
CA GLN E 142 -32.58 21.66 11.25
C GLN E 142 -31.43 20.67 11.39
N ASP E 143 -31.77 19.40 11.58
CA ASP E 143 -30.77 18.35 11.57
C ASP E 143 -30.41 18.01 10.12
N LYS E 144 -29.62 16.95 9.92
CA LYS E 144 -29.23 16.57 8.57
C LYS E 144 -30.34 15.92 7.78
N PHE E 145 -31.54 15.82 8.34
CA PHE E 145 -32.71 15.33 7.64
C PHE E 145 -33.76 16.41 7.45
N GLY E 146 -33.39 17.68 7.65
CA GLY E 146 -34.31 18.78 7.47
C GLY E 146 -35.42 18.88 8.48
N LYS E 147 -35.21 18.35 9.69
CA LYS E 147 -36.25 18.28 10.71
C LYS E 147 -36.00 19.31 11.79
N THR E 148 -37.06 20.01 12.18
CA THR E 148 -37.07 20.90 13.33
C THR E 148 -37.95 20.31 14.42
N VAL E 149 -38.02 21.00 15.55
CA VAL E 149 -38.93 20.58 16.62
C VAL E 149 -40.38 20.71 16.18
N PHE E 150 -40.67 21.59 15.21
CA PHE E 150 -42.01 21.66 14.65
C PHE E 150 -42.33 20.38 13.88
N ASP E 151 -41.37 19.89 13.10
CA ASP E 151 -41.57 18.64 12.37
C ASP E 151 -41.70 17.45 13.32
N ILE E 152 -40.98 17.48 14.44
CA ILE E 152 -41.07 16.38 15.41
C ILE E 152 -42.45 16.36 16.06
N SER E 153 -42.98 17.53 16.40
CA SER E 153 -44.31 17.59 17.01
C SER E 153 -45.38 17.06 16.07
N VAL E 154 -45.24 17.35 14.78
CA VAL E 154 -46.19 16.83 13.80
C VAL E 154 -46.03 15.32 13.63
N TYR E 155 -44.78 14.86 13.56
CA TYR E 155 -44.53 13.43 13.39
C TYR E 155 -44.98 12.64 14.61
N ASN E 156 -44.60 13.09 15.82
CA ASN E 156 -45.01 12.40 17.04
C ASN E 156 -46.46 12.66 17.41
N GLY E 157 -47.13 13.60 16.75
CA GLY E 157 -48.48 13.95 17.12
C GLY E 157 -48.60 14.56 18.50
N ASP E 158 -47.55 15.23 18.97
CA ASP E 158 -47.53 15.80 20.32
C ASP E 158 -48.19 17.18 20.28
N GLU E 159 -49.45 17.24 20.71
CA GLU E 159 -50.15 18.52 20.74
C GLU E 159 -49.59 19.43 21.85
N ASP E 160 -49.20 18.84 22.98
CA ASP E 160 -48.64 19.64 24.07
C ASP E 160 -47.33 20.30 23.66
N LEU E 161 -46.49 19.57 22.91
CA LEU E 161 -45.26 20.17 22.40
C LEU E 161 -45.56 21.25 21.36
N ALA E 162 -46.53 20.99 20.47
CA ALA E 162 -46.90 21.98 19.48
C ALA E 162 -47.48 23.23 20.13
N GLU E 163 -48.26 23.05 21.20
CA GLU E 163 -48.80 24.20 21.92
C GLU E 163 -47.71 25.03 22.56
N ILE E 164 -46.61 24.39 22.98
CA ILE E 164 -45.47 25.14 23.51
C ILE E 164 -44.82 25.97 22.40
N LEU E 165 -44.69 25.39 21.20
CA LEU E 165 -44.08 26.12 20.09
C LEU E 165 -44.99 27.22 19.57
N GLN E 166 -46.31 27.07 19.74
CA GLN E 166 -47.23 28.09 19.28
C GLN E 166 -47.09 29.39 20.07
N LYS E 167 -46.76 29.29 21.36
CA LYS E 167 -46.65 30.46 22.22
C LYS E 167 -45.33 31.23 22.03
N LEU E 168 -44.62 31.02 20.92
CA LEU E 168 -43.36 31.73 20.70
C LEU E 168 -43.52 32.83 19.66
N ASP F 13 -3.42 -58.00 26.17
CA ASP F 13 -1.96 -57.87 26.24
C ASP F 13 -1.32 -58.36 24.94
N LEU F 14 -1.42 -59.66 24.69
CA LEU F 14 -0.90 -60.22 23.45
C LEU F 14 -1.69 -59.76 22.25
N GLY F 15 -2.99 -59.53 22.42
CA GLY F 15 -3.80 -59.06 21.30
C GLY F 15 -3.45 -57.64 20.89
N LYS F 16 -3.11 -56.79 21.85
CA LYS F 16 -2.70 -55.42 21.52
C LYS F 16 -1.43 -55.41 20.70
N LYS F 17 -0.44 -56.22 21.08
CA LYS F 17 0.82 -56.25 20.35
C LYS F 17 0.65 -56.87 18.96
N LEU F 18 -0.30 -57.79 18.81
CA LEU F 18 -0.56 -58.35 17.48
C LEU F 18 -1.19 -57.32 16.56
N LEU F 19 -2.04 -56.44 17.11
CA LEU F 19 -2.60 -55.37 16.31
C LEU F 19 -1.53 -54.38 15.86
N GLU F 20 -0.60 -54.04 16.75
CA GLU F 20 0.48 -53.14 16.38
C GLU F 20 1.44 -53.80 15.40
N ALA F 21 1.64 -55.11 15.52
CA ALA F 21 2.54 -55.80 14.60
C ALA F 21 1.93 -55.93 13.21
N ALA F 22 0.63 -56.24 13.14
CA ALA F 22 -0.04 -56.32 11.84
C ALA F 22 -0.13 -54.95 11.18
N ARG F 23 -0.29 -53.89 11.97
CA ARG F 23 -0.33 -52.54 11.42
C ARG F 23 1.04 -52.15 10.85
N ALA F 24 2.11 -52.65 11.44
CA ALA F 24 3.46 -52.36 10.98
C ALA F 24 3.94 -53.33 9.90
N GLY F 25 3.21 -54.42 9.67
CA GLY F 25 3.61 -55.37 8.64
C GLY F 25 4.80 -56.23 9.01
N GLN F 26 4.92 -56.62 10.27
CA GLN F 26 6.03 -57.44 10.74
C GLN F 26 5.54 -58.87 10.84
N ASP F 27 5.60 -59.60 9.71
CA ASP F 27 5.12 -60.98 9.69
C ASP F 27 5.93 -61.87 10.62
N ASP F 28 7.21 -61.55 10.84
CA ASP F 28 8.00 -62.30 11.81
C ASP F 28 7.49 -62.04 13.23
N GLU F 29 7.18 -60.78 13.55
CA GLU F 29 6.60 -60.48 14.85
C GLU F 29 5.18 -61.02 15.00
N VAL F 30 4.48 -61.23 13.89
CA VAL F 30 3.15 -61.85 13.95
C VAL F 30 3.28 -63.33 14.29
N ARG F 31 4.21 -64.03 13.63
CA ARG F 31 4.32 -65.47 13.82
C ARG F 31 4.73 -65.82 15.24
N ILE F 32 5.62 -65.04 15.84
CA ILE F 32 6.03 -65.31 17.22
C ILE F 32 4.87 -65.07 18.18
N LEU F 33 3.99 -64.10 17.87
CA LEU F 33 2.82 -63.88 18.71
C LEU F 33 1.79 -64.97 18.51
N MET F 34 1.68 -65.52 17.30
CA MET F 34 0.76 -66.63 17.06
C MET F 34 1.19 -67.87 17.83
N ALA F 35 2.49 -68.14 17.87
CA ALA F 35 2.99 -69.30 18.60
C ALA F 35 2.77 -69.14 20.11
N ASN F 36 2.72 -67.92 20.61
CA ASN F 36 2.47 -67.65 22.02
C ASN F 36 1.00 -67.58 22.36
N GLY F 37 0.12 -67.91 21.41
CA GLY F 37 -1.30 -67.99 21.70
C GLY F 37 -2.04 -66.68 21.69
N ALA F 38 -1.60 -65.71 20.88
CA ALA F 38 -2.31 -64.45 20.77
C ALA F 38 -3.62 -64.64 20.02
N ASP F 39 -4.64 -63.88 20.43
CA ASP F 39 -5.94 -63.98 19.81
C ASP F 39 -5.90 -63.39 18.40
N VAL F 40 -6.16 -64.22 17.39
CA VAL F 40 -6.12 -63.77 16.01
C VAL F 40 -7.24 -62.79 15.69
N ASN F 41 -8.34 -62.84 16.46
CA ASN F 41 -9.50 -61.99 16.21
C ASN F 41 -9.61 -60.86 17.24
N ALA F 42 -8.47 -60.40 17.76
CA ALA F 42 -8.47 -59.25 18.67
C ALA F 42 -8.86 -57.99 17.91
N LYS F 43 -9.50 -57.06 18.62
CA LYS F 43 -10.01 -55.85 18.01
C LYS F 43 -9.48 -54.62 18.75
N ASP F 44 -9.23 -53.56 17.99
CA ASP F 44 -8.73 -52.30 18.54
C ASP F 44 -9.92 -51.42 18.94
N SER F 45 -9.68 -50.11 19.11
CA SER F 45 -10.76 -49.22 19.53
C SER F 45 -11.84 -49.11 18.46
N ARG F 46 -11.48 -49.27 17.18
CA ARG F 46 -12.43 -49.22 16.09
C ARG F 46 -12.92 -50.60 15.68
N GLY F 47 -12.63 -51.63 16.47
CA GLY F 47 -13.12 -52.97 16.18
C GLY F 47 -12.44 -53.65 15.01
N LYS F 48 -11.26 -53.20 14.62
CA LYS F 48 -10.53 -53.79 13.51
C LYS F 48 -9.64 -54.93 14.01
N THR F 49 -9.68 -56.06 13.31
CA THR F 49 -8.86 -57.21 13.61
C THR F 49 -7.49 -57.07 12.97
N PRO F 50 -6.53 -57.92 13.34
CA PRO F 50 -5.25 -57.92 12.62
C PRO F 50 -5.41 -58.15 11.13
N LEU F 51 -6.41 -58.92 10.71
CA LEU F 51 -6.67 -59.09 9.28
C LEU F 51 -7.19 -57.79 8.67
N HIS F 52 -7.93 -56.99 9.43
CA HIS F 52 -8.34 -55.68 8.94
C HIS F 52 -7.12 -54.80 8.65
N LEU F 53 -6.18 -54.75 9.59
CA LEU F 53 -5.03 -53.86 9.45
C LEU F 53 -4.10 -54.34 8.34
N ALA F 54 -3.84 -55.65 8.27
CA ALA F 54 -2.99 -56.18 7.21
C ALA F 54 -3.61 -55.93 5.83
N ALA F 55 -4.94 -56.03 5.73
CA ALA F 55 -5.61 -55.74 4.48
C ALA F 55 -5.70 -54.24 4.23
N ASP F 56 -5.75 -53.44 5.31
CA ASP F 56 -5.85 -51.99 5.16
C ASP F 56 -4.56 -51.40 4.58
N TYR F 57 -3.41 -51.87 5.05
CA TYR F 57 -2.13 -51.34 4.62
C TYR F 57 -1.50 -52.14 3.48
N GLY F 58 -2.13 -53.23 3.04
CA GLY F 58 -1.61 -53.99 1.92
C GLY F 58 -0.53 -54.99 2.25
N TYR F 59 -0.47 -55.45 3.49
CA TYR F 59 0.54 -56.44 3.90
C TYR F 59 0.01 -57.82 3.54
N LEU F 60 0.41 -58.30 2.36
CA LEU F 60 -0.11 -59.57 1.86
C LEU F 60 0.37 -60.75 2.70
N GLU F 61 1.66 -60.78 3.04
CA GLU F 61 2.21 -61.91 3.77
C GLU F 61 1.61 -62.02 5.16
N VAL F 62 1.35 -60.88 5.81
CA VAL F 62 0.75 -60.89 7.14
C VAL F 62 -0.68 -61.43 7.07
N ALA F 63 -1.41 -61.08 6.02
CA ALA F 63 -2.81 -61.53 5.90
C ALA F 63 -2.88 -63.04 5.68
N GLU F 64 -1.94 -63.59 4.91
CA GLU F 64 -1.95 -65.03 4.66
C GLU F 64 -1.60 -65.82 5.93
N VAL F 65 -0.72 -65.28 6.77
CA VAL F 65 -0.38 -65.95 8.02
C VAL F 65 -1.57 -65.94 8.96
N LEU F 66 -2.29 -64.82 9.03
CA LEU F 66 -3.46 -64.74 9.89
C LEU F 66 -4.56 -65.67 9.41
N LEU F 67 -4.85 -65.67 8.11
CA LEU F 67 -5.87 -66.54 7.57
C LEU F 67 -5.52 -68.02 7.76
N LYS F 68 -4.24 -68.36 7.72
CA LYS F 68 -3.84 -69.74 7.94
C LYS F 68 -4.10 -70.18 9.37
N HIS F 69 -3.98 -69.27 10.33
CA HIS F 69 -4.18 -69.58 11.74
C HIS F 69 -5.58 -69.23 12.22
N GLY F 70 -6.56 -69.18 11.33
CA GLY F 70 -7.95 -69.05 11.73
C GLY F 70 -8.45 -67.64 11.93
N ALA F 71 -8.03 -66.71 11.06
CA ALA F 71 -8.56 -65.35 11.12
C ALA F 71 -9.94 -65.29 10.49
N ASP F 72 -10.78 -64.43 11.03
CA ASP F 72 -12.13 -64.24 10.52
C ASP F 72 -12.07 -63.41 9.25
N VAL F 73 -12.35 -64.04 8.11
CA VAL F 73 -12.31 -63.32 6.84
C VAL F 73 -13.49 -62.36 6.70
N ASN F 74 -14.57 -62.59 7.43
CA ASN F 74 -15.77 -61.76 7.37
C ASN F 74 -16.01 -61.02 8.68
N ALA F 75 -14.95 -60.63 9.38
CA ALA F 75 -15.08 -59.85 10.60
C ALA F 75 -15.45 -58.42 10.26
N HIS F 76 -16.31 -57.83 11.10
CA HIS F 76 -16.78 -56.46 10.90
C HIS F 76 -16.26 -55.58 12.02
N ASP F 77 -15.90 -54.34 11.67
CA ASP F 77 -15.48 -53.36 12.65
C ASP F 77 -16.73 -52.66 13.22
N VAL F 78 -16.52 -51.58 14.00
CA VAL F 78 -17.65 -50.88 14.59
C VAL F 78 -18.47 -50.14 13.53
N TYR F 79 -17.93 -49.97 12.32
CA TYR F 79 -18.65 -49.36 11.22
C TYR F 79 -19.16 -50.39 10.21
N GLY F 80 -19.02 -51.68 10.52
CA GLY F 80 -19.54 -52.72 9.66
C GLY F 80 -18.65 -53.08 8.48
N ASP F 81 -17.41 -52.60 8.45
CA ASP F 81 -16.51 -52.89 7.34
C ASP F 81 -15.78 -54.20 7.56
N THR F 82 -15.69 -54.98 6.49
CA THR F 82 -14.92 -56.21 6.46
C THR F 82 -13.52 -55.95 5.95
N PRO F 83 -12.58 -56.88 6.14
CA PRO F 83 -11.26 -56.71 5.51
C PRO F 83 -11.33 -56.55 4.00
N LEU F 84 -12.38 -57.07 3.37
CA LEU F 84 -12.54 -56.87 1.93
C LEU F 84 -12.93 -55.44 1.60
N HIS F 85 -13.66 -54.77 2.50
CA HIS F 85 -13.99 -53.37 2.28
C HIS F 85 -12.74 -52.50 2.29
N LEU F 86 -11.79 -52.82 3.17
CA LEU F 86 -10.59 -51.99 3.29
C LEU F 86 -9.66 -52.17 2.11
N THR F 87 -9.52 -53.40 1.61
CA THR F 87 -8.67 -53.63 0.44
C THR F 87 -9.25 -52.97 -0.80
N ALA F 88 -10.56 -53.05 -0.98
CA ALA F 88 -11.21 -52.39 -2.10
C ALA F 88 -11.08 -50.87 -2.03
N THR F 89 -10.89 -50.31 -0.84
CA THR F 89 -10.75 -48.87 -0.69
C THR F 89 -9.36 -48.41 -1.11
N TRP F 90 -8.32 -49.17 -0.77
CA TRP F 90 -6.94 -48.77 -1.00
C TRP F 90 -6.31 -49.44 -2.21
N GLY F 91 -7.08 -50.21 -2.97
CA GLY F 91 -6.58 -50.77 -4.22
C GLY F 91 -5.51 -51.84 -4.08
N HIS F 92 -5.67 -52.74 -3.10
CA HIS F 92 -4.73 -53.85 -2.90
C HIS F 92 -5.33 -55.08 -3.58
N LEU F 93 -5.01 -55.24 -4.87
CA LEU F 93 -5.64 -56.27 -5.68
C LEU F 93 -5.28 -57.68 -5.21
N GLU F 94 -4.03 -57.88 -4.81
CA GLU F 94 -3.58 -59.23 -4.44
C GLU F 94 -4.32 -59.74 -3.21
N ILE F 95 -4.54 -58.87 -2.22
CA ILE F 95 -5.23 -59.31 -1.01
C ILE F 95 -6.72 -59.50 -1.28
N VAL F 96 -7.28 -58.77 -2.25
CA VAL F 96 -8.67 -58.98 -2.62
C VAL F 96 -8.89 -60.41 -3.11
N GLU F 97 -7.97 -60.91 -3.93
CA GLU F 97 -8.09 -62.28 -4.42
C GLU F 97 -7.87 -63.29 -3.29
N VAL F 98 -6.98 -62.98 -2.35
CA VAL F 98 -6.73 -63.89 -1.24
C VAL F 98 -7.93 -63.95 -0.31
N LEU F 99 -8.54 -62.80 -0.02
CA LEU F 99 -9.73 -62.79 0.83
C LEU F 99 -10.88 -63.54 0.18
N LEU F 100 -11.15 -63.25 -1.10
CA LEU F 100 -12.20 -63.97 -1.81
C LEU F 100 -11.90 -65.45 -1.93
N LYS F 101 -10.62 -65.82 -2.01
CA LYS F 101 -10.25 -67.22 -2.07
C LYS F 101 -10.44 -67.92 -0.73
N ASN F 102 -10.41 -67.18 0.37
CA ASN F 102 -10.64 -67.74 1.70
C ASN F 102 -12.09 -67.64 2.15
N GLY F 103 -13.00 -67.29 1.25
CA GLY F 103 -14.42 -67.27 1.59
C GLY F 103 -14.96 -65.95 2.05
N ALA F 104 -14.41 -64.84 1.58
CA ALA F 104 -14.93 -63.53 1.96
C ALA F 104 -16.25 -63.26 1.24
N ASP F 105 -17.15 -62.57 1.94
CA ASP F 105 -18.45 -62.22 1.37
C ASP F 105 -18.26 -61.01 0.45
N ALA F 106 -18.40 -61.23 -0.86
CA ALA F 106 -18.20 -60.16 -1.83
C ALA F 106 -19.32 -59.12 -1.78
N ASN F 107 -20.45 -59.44 -1.16
CA ASN F 107 -21.59 -58.54 -1.06
C ASN F 107 -21.83 -58.07 0.37
N ALA F 108 -20.81 -58.12 1.22
CA ALA F 108 -20.96 -57.63 2.58
C ALA F 108 -21.18 -56.13 2.59
N ILE F 109 -21.99 -55.65 3.52
CA ILE F 109 -22.33 -54.24 3.62
C ILE F 109 -21.88 -53.71 4.97
N ASP F 110 -21.65 -52.41 5.02
CA ASP F 110 -21.25 -51.72 6.24
C ASP F 110 -22.43 -50.92 6.78
N PHE F 111 -22.15 -49.96 7.68
CA PHE F 111 -23.22 -49.13 8.22
C PHE F 111 -23.76 -48.12 7.22
N PHE F 112 -23.08 -47.94 6.08
CA PHE F 112 -23.55 -47.05 5.02
C PHE F 112 -24.20 -47.82 3.87
N GLY F 113 -24.33 -49.14 3.99
CA GLY F 113 -24.86 -49.93 2.90
C GLY F 113 -23.91 -50.17 1.76
N TRP F 114 -22.61 -49.94 1.97
CA TRP F 114 -21.62 -50.06 0.91
C TRP F 114 -21.11 -51.50 0.83
N THR F 115 -21.22 -52.09 -0.37
CA THR F 115 -20.49 -53.31 -0.66
C THR F 115 -19.06 -52.97 -1.04
N PRO F 116 -18.15 -53.94 -0.99
CA PRO F 116 -16.79 -53.69 -1.50
C PRO F 116 -16.77 -53.23 -2.95
N LEU F 117 -17.83 -53.52 -3.71
CA LEU F 117 -17.93 -53.00 -5.08
C LEU F 117 -18.18 -51.51 -5.08
N HIS F 118 -18.89 -50.99 -4.08
CA HIS F 118 -19.12 -49.54 -3.99
C HIS F 118 -17.82 -48.80 -3.70
N LEU F 119 -17.05 -49.29 -2.72
CA LEU F 119 -15.81 -48.62 -2.36
C LEU F 119 -14.78 -48.71 -3.48
N ALA F 120 -14.73 -49.86 -4.17
CA ALA F 120 -13.82 -49.98 -5.31
C ALA F 120 -14.24 -49.08 -6.46
N ALA F 121 -15.54 -48.87 -6.65
CA ALA F 121 -16.00 -48.00 -7.72
C ALA F 121 -15.78 -46.53 -7.38
N TYR F 122 -15.92 -46.16 -6.11
CA TYR F 122 -15.70 -44.77 -5.72
C TYR F 122 -14.27 -44.35 -5.97
N PHE F 123 -13.30 -45.18 -5.60
CA PHE F 123 -11.89 -44.86 -5.73
C PHE F 123 -11.29 -45.34 -7.04
N GLY F 124 -12.12 -45.77 -8.00
CA GLY F 124 -11.66 -46.06 -9.34
C GLY F 124 -10.70 -47.22 -9.47
N HIS F 125 -10.82 -48.22 -8.60
CA HIS F 125 -9.97 -49.42 -8.69
C HIS F 125 -10.68 -50.42 -9.59
N LEU F 126 -10.43 -50.30 -10.90
CA LEU F 126 -11.21 -51.05 -11.89
C LEU F 126 -10.85 -52.54 -11.87
N GLU F 127 -9.57 -52.86 -11.65
CA GLU F 127 -9.18 -54.27 -11.59
C GLU F 127 -9.89 -54.98 -10.45
N ILE F 128 -10.06 -54.30 -9.32
CA ILE F 128 -10.78 -54.90 -8.20
C ILE F 128 -12.27 -55.03 -8.51
N VAL F 129 -12.82 -54.07 -9.26
CA VAL F 129 -14.23 -54.13 -9.63
C VAL F 129 -14.52 -55.38 -10.43
N GLU F 130 -13.66 -55.69 -11.41
CA GLU F 130 -13.88 -56.86 -12.25
C GLU F 130 -13.70 -58.15 -11.46
N VAL F 131 -12.75 -58.17 -10.52
CA VAL F 131 -12.53 -59.37 -9.70
C VAL F 131 -13.74 -59.61 -8.80
N LEU F 132 -14.29 -58.54 -8.23
CA LEU F 132 -15.48 -58.69 -7.40
C LEU F 132 -16.66 -59.20 -8.22
N LEU F 133 -16.77 -58.77 -9.47
CA LEU F 133 -17.84 -59.26 -10.35
C LEU F 133 -17.62 -60.73 -10.71
N LYS F 134 -16.36 -61.19 -10.70
CA LYS F 134 -16.09 -62.60 -10.94
C LYS F 134 -16.61 -63.47 -9.81
N TYR F 135 -16.56 -62.97 -8.57
CA TYR F 135 -16.99 -63.73 -7.40
C TYR F 135 -18.42 -63.42 -6.98
N GLY F 136 -19.20 -62.78 -7.84
CA GLY F 136 -20.62 -62.62 -7.59
C GLY F 136 -21.01 -61.35 -6.85
N ALA F 137 -20.43 -60.22 -7.23
CA ALA F 137 -20.83 -58.95 -6.66
C ALA F 137 -22.04 -58.40 -7.41
N ASP F 138 -23.08 -58.05 -6.67
CA ASP F 138 -24.32 -57.55 -7.27
C ASP F 138 -24.12 -56.10 -7.69
N VAL F 139 -24.26 -55.82 -8.99
CA VAL F 139 -24.11 -54.46 -9.49
C VAL F 139 -25.30 -53.61 -9.08
N ASN F 140 -26.47 -54.21 -8.90
CA ASN F 140 -27.69 -53.49 -8.58
C ASN F 140 -27.85 -53.26 -7.08
N ALA F 141 -26.83 -53.55 -6.28
CA ALA F 141 -26.92 -53.34 -4.84
C ALA F 141 -26.95 -51.85 -4.54
N GLN F 142 -27.96 -51.43 -3.79
CA GLN F 142 -28.12 -50.04 -3.38
C GLN F 142 -27.66 -49.87 -1.94
N ASP F 143 -27.03 -48.74 -1.65
CA ASP F 143 -26.65 -48.39 -0.29
C ASP F 143 -27.82 -47.65 0.36
N LYS F 144 -27.58 -47.09 1.55
CA LYS F 144 -28.63 -46.34 2.24
C LYS F 144 -28.90 -44.99 1.61
N PHE F 145 -28.26 -44.67 0.48
CA PHE F 145 -28.52 -43.43 -0.25
C PHE F 145 -29.02 -43.71 -1.65
N GLY F 146 -29.51 -44.93 -1.91
CA GLY F 146 -30.04 -45.27 -3.22
C GLY F 146 -29.03 -45.25 -4.33
N LYS F 147 -27.77 -45.54 -4.03
CA LYS F 147 -26.68 -45.44 -5.00
C LYS F 147 -26.19 -46.83 -5.38
N THR F 148 -26.05 -47.06 -6.67
CA THR F 148 -25.43 -48.26 -7.21
C THR F 148 -24.07 -47.89 -7.80
N VAL F 149 -23.35 -48.90 -8.29
CA VAL F 149 -22.10 -48.63 -8.97
C VAL F 149 -22.33 -47.86 -10.27
N PHE F 150 -23.54 -47.95 -10.84
CA PHE F 150 -23.87 -47.11 -11.99
C PHE F 150 -23.95 -45.64 -11.58
N ASP F 151 -24.57 -45.35 -10.44
CA ASP F 151 -24.65 -43.97 -9.98
C ASP F 151 -23.28 -43.42 -9.64
N ILE F 152 -22.37 -44.27 -9.15
CA ILE F 152 -21.02 -43.83 -8.84
C ILE F 152 -20.27 -43.47 -10.12
N SER F 153 -20.44 -44.29 -11.17
CA SER F 153 -19.75 -44.02 -12.43
C SER F 153 -20.22 -42.71 -13.05
N VAL F 154 -21.52 -42.38 -12.90
CA VAL F 154 -22.02 -41.11 -13.42
C VAL F 154 -21.59 -39.95 -12.53
N TYR F 155 -21.59 -40.16 -11.22
CA TYR F 155 -21.22 -39.10 -10.29
C TYR F 155 -19.73 -38.77 -10.39
N ASN F 156 -18.89 -39.77 -10.60
CA ASN F 156 -17.45 -39.56 -10.73
C ASN F 156 -17.01 -39.23 -12.13
N GLY F 157 -17.88 -39.40 -13.13
CA GLY F 157 -17.48 -39.22 -14.51
C GLY F 157 -16.46 -40.23 -14.98
N ASP F 158 -16.44 -41.42 -14.38
CA ASP F 158 -15.48 -42.46 -14.73
C ASP F 158 -15.92 -43.13 -16.03
N GLU F 159 -15.23 -42.81 -17.13
CA GLU F 159 -15.58 -43.39 -18.42
C GLU F 159 -15.30 -44.88 -18.45
N ASP F 160 -14.15 -45.29 -17.92
CA ASP F 160 -13.76 -46.70 -17.99
C ASP F 160 -14.65 -47.57 -17.10
N LEU F 161 -15.03 -47.05 -15.93
CA LEU F 161 -15.92 -47.80 -15.05
C LEU F 161 -17.29 -47.98 -15.69
N ALA F 162 -17.80 -46.95 -16.37
CA ALA F 162 -19.08 -47.05 -17.04
C ALA F 162 -19.03 -48.03 -18.21
N GLU F 163 -17.86 -48.17 -18.84
CA GLU F 163 -17.71 -49.13 -19.93
C GLU F 163 -17.63 -50.55 -19.42
N ILE F 164 -17.13 -50.77 -18.21
CA ILE F 164 -17.03 -52.12 -17.69
C ILE F 164 -18.42 -52.67 -17.37
N LEU F 165 -19.29 -51.84 -16.80
CA LEU F 165 -20.65 -52.25 -16.45
C LEU F 165 -21.50 -52.66 -17.65
N GLN F 166 -21.01 -52.48 -18.89
CA GLN F 166 -21.77 -52.90 -20.06
C GLN F 166 -21.22 -54.18 -20.68
N ASP G 13 13.02 -44.42 16.69
CA ASP G 13 12.39 -45.25 17.71
C ASP G 13 11.42 -44.44 18.56
N LEU G 14 11.82 -43.21 18.91
CA LEU G 14 10.94 -42.34 19.69
C LEU G 14 9.75 -41.88 18.85
N GLY G 15 9.97 -41.62 17.56
CA GLY G 15 8.87 -41.21 16.71
C GLY G 15 7.84 -42.30 16.51
N LYS G 16 8.31 -43.54 16.38
CA LYS G 16 7.37 -44.66 16.27
C LYS G 16 6.56 -44.82 17.54
N LYS G 17 7.20 -44.68 18.70
CA LYS G 17 6.48 -44.79 19.97
C LYS G 17 5.48 -43.65 20.14
N LEU G 18 5.81 -42.46 19.66
CA LEU G 18 4.88 -41.34 19.78
C LEU G 18 3.66 -41.53 18.90
N LEU G 19 3.81 -42.17 17.73
CA LEU G 19 2.66 -42.45 16.89
C LEU G 19 1.73 -43.46 17.53
N GLU G 20 2.28 -44.55 18.08
CA GLU G 20 1.47 -45.55 18.75
C GLU G 20 0.85 -45.03 20.05
N ALA G 21 1.46 -44.01 20.66
CA ALA G 21 0.87 -43.42 21.87
C ALA G 21 -0.31 -42.52 21.52
N ALA G 22 -0.19 -41.72 20.47
CA ALA G 22 -1.30 -40.89 20.03
C ALA G 22 -2.43 -41.72 19.45
N ARG G 23 -2.11 -42.83 18.78
CA ARG G 23 -3.15 -43.71 18.27
C ARG G 23 -3.92 -44.38 19.41
N ALA G 24 -3.27 -44.62 20.54
CA ALA G 24 -3.91 -45.24 21.69
C ALA G 24 -4.57 -44.24 22.62
N GLY G 25 -4.37 -42.95 22.41
CA GLY G 25 -4.98 -41.94 23.25
C GLY G 25 -4.33 -41.77 24.61
N GLN G 26 -3.04 -42.11 24.73
CA GLN G 26 -2.32 -42.01 25.99
C GLN G 26 -1.61 -40.66 26.03
N ASP G 27 -2.36 -39.62 26.40
CA ASP G 27 -1.79 -38.28 26.50
C ASP G 27 -0.71 -38.20 27.56
N ASP G 28 -0.82 -39.04 28.60
CA ASP G 28 0.23 -39.09 29.62
C ASP G 28 1.52 -39.71 29.07
N GLU G 29 1.40 -40.68 28.17
CA GLU G 29 2.58 -41.25 27.53
C GLU G 29 3.15 -40.29 26.48
N VAL G 30 2.29 -39.45 25.89
CA VAL G 30 2.76 -38.49 24.90
C VAL G 30 3.66 -37.44 25.56
N ARG G 31 3.30 -37.02 26.78
CA ARG G 31 4.12 -36.04 27.49
C ARG G 31 5.50 -36.58 27.81
N ILE G 32 5.61 -37.88 28.10
CA ILE G 32 6.90 -38.47 28.41
C ILE G 32 7.79 -38.49 27.16
N LEU G 33 7.28 -39.03 26.06
CA LEU G 33 8.05 -39.06 24.83
C LEU G 33 8.39 -37.66 24.34
N MET G 34 7.50 -36.70 24.56
CA MET G 34 7.80 -35.33 24.20
C MET G 34 8.96 -34.78 25.02
N ALA G 35 8.96 -35.05 26.32
CA ALA G 35 10.05 -34.57 27.18
C ALA G 35 11.36 -35.27 26.87
N ASN G 36 11.30 -36.48 26.29
CA ASN G 36 12.49 -37.21 25.89
C ASN G 36 12.95 -36.85 24.49
N GLY G 37 12.42 -35.79 23.90
CA GLY G 37 12.90 -35.32 22.62
C GLY G 37 12.40 -36.08 21.41
N ALA G 38 11.18 -36.61 21.46
CA ALA G 38 10.62 -37.28 20.30
C ALA G 38 10.07 -36.25 19.32
N ASP G 39 10.23 -36.55 18.03
CA ASP G 39 9.77 -35.64 16.99
C ASP G 39 8.24 -35.54 17.03
N VAL G 40 7.74 -34.33 17.30
CA VAL G 40 6.30 -34.11 17.35
C VAL G 40 5.66 -34.24 15.97
N ASN G 41 6.47 -34.15 14.91
CA ASN G 41 5.97 -34.25 13.53
C ASN G 41 6.43 -35.54 12.85
N ALA G 42 6.66 -36.60 13.63
CA ALA G 42 7.02 -37.89 13.07
C ALA G 42 5.85 -38.48 12.31
N LYS G 43 6.14 -39.12 11.17
CA LYS G 43 5.11 -39.66 10.30
C LYS G 43 5.23 -41.17 10.18
N ASP G 44 4.09 -41.82 9.94
CA ASP G 44 4.02 -43.26 9.81
C ASP G 44 4.16 -43.65 8.33
N SER G 45 3.73 -44.86 7.98
CA SER G 45 3.85 -45.32 6.60
C SER G 45 2.98 -44.51 5.64
N ARG G 46 1.92 -43.89 6.15
CA ARG G 46 1.03 -43.07 5.32
C ARG G 46 1.22 -41.58 5.58
N GLY G 47 2.35 -41.20 6.19
CA GLY G 47 2.65 -39.80 6.40
C GLY G 47 1.80 -39.10 7.42
N LYS G 48 1.16 -39.83 8.33
CA LYS G 48 0.31 -39.24 9.34
C LYS G 48 1.13 -38.90 10.59
N THR G 49 0.98 -37.67 11.07
CA THR G 49 1.64 -37.24 12.29
C THR G 49 0.84 -37.69 13.50
N PRO G 50 1.40 -37.58 14.71
CA PRO G 50 0.59 -37.87 15.91
C PRO G 50 -0.65 -36.99 16.00
N LEU G 51 -0.59 -35.77 15.48
CA LEU G 51 -1.78 -34.92 15.46
C LEU G 51 -2.83 -35.47 14.49
N HIS G 52 -2.39 -36.11 13.39
CA HIS G 52 -3.35 -36.77 12.50
C HIS G 52 -4.10 -37.87 13.23
N LEU G 53 -3.37 -38.71 13.98
CA LEU G 53 -4.01 -39.83 14.66
C LEU G 53 -4.91 -39.35 15.81
N ALA G 54 -4.45 -38.35 16.57
CA ALA G 54 -5.27 -37.79 17.63
C ALA G 54 -6.55 -37.18 17.06
N ALA G 55 -6.45 -36.55 15.90
CA ALA G 55 -7.64 -36.02 15.25
C ALA G 55 -8.46 -37.12 14.59
N ASP G 56 -7.80 -38.17 14.12
CA ASP G 56 -8.50 -39.26 13.44
C ASP G 56 -9.36 -40.06 14.42
N TYR G 57 -8.84 -40.33 15.62
CA TYR G 57 -9.55 -41.13 16.60
C TYR G 57 -10.37 -40.30 17.58
N GLY G 58 -10.24 -38.98 17.57
CA GLY G 58 -11.02 -38.14 18.45
C GLY G 58 -10.44 -37.95 19.83
N TYR G 59 -9.12 -37.91 19.97
CA TYR G 59 -8.46 -37.75 21.26
C TYR G 59 -8.15 -36.26 21.44
N LEU G 60 -9.05 -35.55 22.13
CA LEU G 60 -8.91 -34.11 22.28
C LEU G 60 -7.70 -33.74 23.14
N GLU G 61 -7.50 -34.45 24.25
CA GLU G 61 -6.41 -34.11 25.16
C GLU G 61 -5.06 -34.36 24.50
N VAL G 62 -4.96 -35.42 23.70
CA VAL G 62 -3.71 -35.71 22.99
C VAL G 62 -3.43 -34.62 21.95
N ALA G 63 -4.48 -34.14 21.26
CA ALA G 63 -4.29 -33.13 20.25
C ALA G 63 -3.86 -31.80 20.86
N GLU G 64 -4.39 -31.48 22.05
CA GLU G 64 -4.02 -30.23 22.70
C GLU G 64 -2.59 -30.26 23.24
N VAL G 65 -2.11 -31.44 23.66
CA VAL G 65 -0.73 -31.56 24.12
C VAL G 65 0.23 -31.42 22.94
N LEU G 66 -0.10 -32.05 21.81
CA LEU G 66 0.76 -31.96 20.63
C LEU G 66 0.84 -30.54 20.12
N LEU G 67 -0.32 -29.87 20.00
CA LEU G 67 -0.34 -28.49 19.51
C LEU G 67 0.44 -27.57 20.45
N LYS G 68 0.39 -27.83 21.75
CA LYS G 68 1.12 -26.99 22.70
C LYS G 68 2.62 -27.18 22.59
N HIS G 69 3.06 -28.35 22.14
CA HIS G 69 4.48 -28.65 22.00
C HIS G 69 4.98 -28.44 20.58
N GLY G 70 4.25 -27.67 19.77
CA GLY G 70 4.74 -27.29 18.46
C GLY G 70 4.41 -28.25 17.33
N ALA G 71 3.28 -28.96 17.40
CA ALA G 71 2.89 -29.82 16.30
C ALA G 71 2.33 -28.98 15.16
N ASP G 72 2.69 -29.36 13.93
CA ASP G 72 2.21 -28.65 12.75
C ASP G 72 0.72 -28.88 12.58
N VAL G 73 -0.07 -27.83 12.76
CA VAL G 73 -1.52 -27.96 12.65
C VAL G 73 -1.96 -28.21 11.22
N ASN G 74 -1.14 -27.85 10.24
CA ASN G 74 -1.46 -28.02 8.82
C ASN G 74 -0.53 -29.04 8.16
N ALA G 75 -0.21 -30.11 8.87
CA ALA G 75 0.59 -31.17 8.29
C ALA G 75 -0.23 -32.00 7.32
N HIS G 76 0.39 -32.43 6.23
CA HIS G 76 -0.27 -33.23 5.20
C HIS G 76 0.32 -34.62 5.15
N ASP G 77 -0.54 -35.62 4.98
CA ASP G 77 -0.08 -37.00 4.82
C ASP G 77 0.28 -37.23 3.36
N VAL G 78 0.51 -38.50 2.99
CA VAL G 78 0.88 -38.82 1.61
C VAL G 78 -0.26 -38.59 0.63
N TYR G 79 -1.49 -38.42 1.11
CA TYR G 79 -2.62 -38.14 0.26
C TYR G 79 -3.06 -36.68 0.35
N GLY G 80 -2.31 -35.84 1.06
CA GLY G 80 -2.62 -34.43 1.18
C GLY G 80 -3.61 -34.07 2.26
N ASP G 81 -3.98 -35.01 3.12
CA ASP G 81 -4.98 -34.75 4.16
C ASP G 81 -4.34 -34.10 5.37
N THR G 82 -5.00 -33.07 5.88
CA THR G 82 -4.60 -32.39 7.11
C THR G 82 -5.31 -33.03 8.30
N PRO G 83 -4.87 -32.73 9.53
CA PRO G 83 -5.64 -33.18 10.69
C PRO G 83 -7.08 -32.69 10.67
N LEU G 84 -7.34 -31.52 10.08
CA LEU G 84 -8.70 -31.03 9.97
C LEU G 84 -9.52 -31.87 8.98
N HIS G 85 -8.88 -32.42 7.95
CA HIS G 85 -9.58 -33.32 7.03
C HIS G 85 -10.12 -34.55 7.75
N LEU G 86 -9.35 -35.09 8.69
CA LEU G 86 -9.73 -36.34 9.34
C LEU G 86 -10.82 -36.12 10.38
N THR G 87 -10.79 -35.00 11.10
CA THR G 87 -11.84 -34.71 12.07
C THR G 87 -13.17 -34.45 11.38
N ALA G 88 -13.15 -33.78 10.23
CA ALA G 88 -14.37 -33.55 9.48
C ALA G 88 -14.97 -34.84 8.93
N THR G 89 -14.17 -35.90 8.79
CA THR G 89 -14.68 -37.16 8.30
C THR G 89 -15.39 -37.95 9.39
N TRP G 90 -14.81 -38.00 10.60
CA TRP G 90 -15.34 -38.81 11.68
C TRP G 90 -16.27 -38.04 12.62
N GLY G 91 -16.44 -36.73 12.41
CA GLY G 91 -17.40 -35.97 13.19
C GLY G 91 -16.95 -35.58 14.58
N HIS G 92 -15.67 -35.25 14.74
CA HIS G 92 -15.14 -34.82 16.04
C HIS G 92 -15.18 -33.29 16.08
N LEU G 93 -16.30 -32.76 16.58
CA LEU G 93 -16.52 -31.32 16.54
C LEU G 93 -15.56 -30.56 17.43
N GLU G 94 -15.26 -31.10 18.62
CA GLU G 94 -14.42 -30.38 19.57
C GLU G 94 -13.02 -30.17 19.02
N ILE G 95 -12.47 -31.16 18.31
CA ILE G 95 -11.14 -31.02 17.76
C ILE G 95 -11.15 -30.09 16.55
N VAL G 96 -12.27 -30.03 15.82
CA VAL G 96 -12.37 -29.11 14.70
C VAL G 96 -12.19 -27.67 15.16
N GLU G 97 -12.79 -27.34 16.30
CA GLU G 97 -12.64 -25.97 16.83
C GLU G 97 -11.22 -25.73 17.34
N VAL G 98 -10.63 -26.73 18.00
CA VAL G 98 -9.27 -26.58 18.53
C VAL G 98 -8.27 -26.40 17.40
N LEU G 99 -8.43 -27.17 16.32
CA LEU G 99 -7.55 -27.02 15.16
C LEU G 99 -7.71 -25.63 14.53
N LEU G 100 -8.96 -25.20 14.34
CA LEU G 100 -9.20 -23.88 13.77
C LEU G 100 -8.73 -22.77 14.71
N LYS G 101 -8.77 -22.99 16.02
CA LYS G 101 -8.26 -21.99 16.96
C LYS G 101 -6.74 -21.86 16.86
N ASN G 102 -6.05 -22.93 16.50
CA ASN G 102 -4.59 -22.92 16.39
C ASN G 102 -4.11 -22.54 15.00
N GLY G 103 -5.00 -22.18 14.09
CA GLY G 103 -4.63 -21.71 12.77
C GLY G 103 -4.70 -22.74 11.66
N ALA G 104 -5.59 -23.71 11.74
CA ALA G 104 -5.73 -24.70 10.68
C ALA G 104 -6.37 -24.06 9.45
N ASP G 105 -5.90 -24.47 8.27
CA ASP G 105 -6.44 -23.97 7.01
C ASP G 105 -7.80 -24.62 6.76
N ALA G 106 -8.85 -23.81 6.80
CA ALA G 106 -10.21 -24.32 6.59
C ALA G 106 -10.47 -24.73 5.16
N ASN G 107 -9.67 -24.24 4.21
CA ASN G 107 -9.84 -24.54 2.79
C ASN G 107 -8.69 -25.38 2.25
N ALA G 108 -8.03 -26.14 3.12
CA ALA G 108 -6.96 -27.02 2.67
C ALA G 108 -7.52 -28.16 1.83
N ILE G 109 -6.78 -28.52 0.79
CA ILE G 109 -7.21 -29.56 -0.14
C ILE G 109 -6.24 -30.72 -0.07
N ASP G 110 -6.76 -31.92 -0.35
CA ASP G 110 -5.95 -33.12 -0.45
C ASP G 110 -5.67 -33.41 -1.92
N PHE G 111 -5.27 -34.65 -2.23
CA PHE G 111 -4.99 -35.02 -3.61
C PHE G 111 -6.27 -35.14 -4.43
N PHE G 112 -7.41 -35.38 -3.79
CA PHE G 112 -8.70 -35.43 -4.47
C PHE G 112 -9.33 -34.05 -4.62
N GLY G 113 -8.69 -33.00 -4.13
CA GLY G 113 -9.29 -31.67 -4.15
C GLY G 113 -10.35 -31.45 -3.11
N TRP G 114 -10.42 -32.31 -2.08
CA TRP G 114 -11.42 -32.18 -1.05
C TRP G 114 -10.97 -31.19 0.02
N THR G 115 -11.83 -30.24 0.34
CA THR G 115 -11.67 -29.42 1.53
C THR G 115 -12.32 -30.11 2.71
N PRO G 116 -11.97 -29.72 3.94
CA PRO G 116 -12.69 -30.25 5.11
C PRO G 116 -14.20 -30.04 5.02
N LEU G 117 -14.66 -29.04 4.26
CA LEU G 117 -16.10 -28.86 4.08
C LEU G 117 -16.69 -29.97 3.21
N HIS G 118 -15.92 -30.47 2.24
CA HIS G 118 -16.40 -31.58 1.42
C HIS G 118 -16.59 -32.85 2.24
N LEU G 119 -15.58 -33.20 3.05
CA LEU G 119 -15.66 -34.43 3.83
C LEU G 119 -16.74 -34.33 4.90
N ALA G 120 -16.89 -33.17 5.54
CA ALA G 120 -17.95 -33.00 6.53
C ALA G 120 -19.32 -33.04 5.89
N ALA G 121 -19.44 -32.61 4.63
CA ALA G 121 -20.71 -32.67 3.93
C ALA G 121 -21.02 -34.07 3.43
N TYR G 122 -19.99 -34.84 3.05
CA TYR G 122 -20.23 -36.20 2.58
C TYR G 122 -20.79 -37.09 3.69
N PHE G 123 -20.28 -36.93 4.92
CA PHE G 123 -20.67 -37.79 6.03
C PHE G 123 -21.73 -37.15 6.92
N GLY G 124 -22.36 -36.07 6.47
CA GLY G 124 -23.50 -35.51 7.19
C GLY G 124 -23.18 -34.94 8.55
N HIS G 125 -22.02 -34.30 8.69
CA HIS G 125 -21.63 -33.63 9.94
C HIS G 125 -21.98 -32.16 9.80
N LEU G 126 -23.24 -31.83 10.11
CA LEU G 126 -23.74 -30.49 9.85
C LEU G 126 -23.17 -29.48 10.84
N GLU G 127 -22.99 -29.88 12.10
CA GLU G 127 -22.40 -28.97 13.08
C GLU G 127 -20.98 -28.59 12.71
N ILE G 128 -20.25 -29.50 12.05
CA ILE G 128 -18.91 -29.17 11.57
C ILE G 128 -18.97 -28.29 10.34
N VAL G 129 -19.97 -28.52 9.47
CA VAL G 129 -20.13 -27.69 8.28
C VAL G 129 -20.31 -26.23 8.66
N GLU G 130 -21.17 -25.97 9.65
CA GLU G 130 -21.44 -24.59 10.05
C GLU G 130 -20.24 -23.96 10.74
N VAL G 131 -19.45 -24.75 11.47
CA VAL G 131 -18.24 -24.22 12.11
C VAL G 131 -17.20 -23.87 11.06
N LEU G 132 -17.06 -24.69 10.03
CA LEU G 132 -16.11 -24.39 8.95
C LEU G 132 -16.52 -23.13 8.21
N LEU G 133 -17.82 -22.97 7.93
CA LEU G 133 -18.29 -21.76 7.28
C LEU G 133 -18.06 -20.53 8.15
N LYS G 134 -18.08 -20.70 9.48
CA LYS G 134 -17.78 -19.59 10.38
C LYS G 134 -16.33 -19.14 10.24
N TYR G 135 -15.42 -20.07 9.95
CA TYR G 135 -14.00 -19.75 9.82
C TYR G 135 -13.57 -19.49 8.37
N GLY G 136 -14.53 -19.28 7.47
CA GLY G 136 -14.20 -18.88 6.12
C GLY G 136 -14.04 -19.99 5.10
N ALA G 137 -14.77 -21.09 5.27
CA ALA G 137 -14.71 -22.17 4.28
C ALA G 137 -15.44 -21.77 3.02
N ASP G 138 -14.77 -21.93 1.87
CA ASP G 138 -15.38 -21.57 0.59
C ASP G 138 -16.49 -22.54 0.25
N VAL G 139 -17.69 -22.02 0.03
CA VAL G 139 -18.82 -22.87 -0.29
C VAL G 139 -18.77 -23.33 -1.74
N ASN G 140 -18.12 -22.57 -2.61
CA ASN G 140 -18.07 -22.85 -4.04
C ASN G 140 -16.82 -23.62 -4.45
N ALA G 141 -16.04 -24.10 -3.49
CA ALA G 141 -14.83 -24.85 -3.82
C ALA G 141 -15.17 -26.16 -4.51
N GLN G 142 -14.54 -26.41 -5.65
CA GLN G 142 -14.75 -27.62 -6.41
C GLN G 142 -13.56 -28.56 -6.22
N ASP G 143 -13.85 -29.85 -6.07
CA ASP G 143 -12.81 -30.85 -6.07
C ASP G 143 -12.42 -31.19 -7.50
N LYS G 144 -11.55 -32.19 -7.66
CA LYS G 144 -11.11 -32.57 -9.00
C LYS G 144 -12.18 -33.31 -9.79
N PHE G 145 -13.37 -33.49 -9.23
CA PHE G 145 -14.50 -34.07 -9.92
C PHE G 145 -15.62 -33.06 -10.15
N GLY G 146 -15.32 -31.78 -10.00
CA GLY G 146 -16.31 -30.73 -10.23
C GLY G 146 -17.44 -30.73 -9.23
N LYS G 147 -17.20 -31.20 -8.01
CA LYS G 147 -18.24 -31.34 -6.99
C LYS G 147 -18.06 -30.28 -5.92
N THR G 148 -19.15 -29.59 -5.60
CA THR G 148 -19.22 -28.68 -4.47
C THR G 148 -20.05 -29.31 -3.36
N VAL G 149 -20.19 -28.57 -2.26
CA VAL G 149 -21.07 -29.05 -1.19
C VAL G 149 -22.53 -29.02 -1.62
N PHE G 150 -22.88 -28.21 -2.62
CA PHE G 150 -24.22 -28.26 -3.17
C PHE G 150 -24.46 -29.59 -3.89
N ASP G 151 -23.48 -30.04 -4.68
CA ASP G 151 -23.62 -31.31 -5.38
C ASP G 151 -23.67 -32.49 -4.40
N ILE G 152 -23.00 -32.38 -3.27
CA ILE G 152 -23.00 -33.46 -2.29
C ILE G 152 -24.37 -33.57 -1.61
N SER G 153 -24.98 -32.43 -1.27
CA SER G 153 -26.30 -32.46 -0.64
C SER G 153 -27.35 -33.04 -1.57
N VAL G 154 -27.23 -32.78 -2.87
CA VAL G 154 -28.16 -33.36 -3.83
C VAL G 154 -27.89 -34.85 -4.01
N TYR G 155 -26.60 -35.23 -4.03
CA TYR G 155 -26.26 -36.64 -4.20
C TYR G 155 -26.68 -37.45 -2.98
N ASN G 156 -26.31 -37.00 -1.78
CA ASN G 156 -26.68 -37.70 -0.56
C ASN G 156 -28.14 -37.51 -0.17
N GLY G 157 -28.86 -36.61 -0.83
CA GLY G 157 -30.23 -36.34 -0.44
C GLY G 157 -30.38 -35.73 0.93
N ASP G 158 -29.37 -34.98 1.39
CA ASP G 158 -29.39 -34.37 2.71
C ASP G 158 -30.25 -33.11 2.65
N GLU G 159 -31.45 -33.18 3.20
CA GLU G 159 -32.36 -32.03 3.17
C GLU G 159 -31.89 -30.94 4.13
N ASP G 160 -31.32 -31.33 5.27
CA ASP G 160 -30.86 -30.34 6.24
C ASP G 160 -29.60 -29.63 5.76
N LEU G 161 -28.74 -30.33 5.03
CA LEU G 161 -27.53 -29.69 4.51
C LEU G 161 -27.88 -28.68 3.42
N ALA G 162 -28.82 -29.03 2.54
CA ALA G 162 -29.25 -28.08 1.51
C ALA G 162 -29.96 -26.88 2.13
N GLU G 163 -30.62 -27.07 3.27
CA GLU G 163 -31.25 -25.96 3.95
C GLU G 163 -30.22 -24.99 4.53
N ILE G 164 -29.07 -25.50 4.98
CA ILE G 164 -28.01 -24.63 5.47
C ILE G 164 -27.39 -23.84 4.32
N LEU G 165 -27.14 -24.52 3.19
CA LEU G 165 -26.51 -23.85 2.05
C LEU G 165 -27.46 -22.85 1.39
N GLN G 166 -28.77 -23.09 1.47
CA GLN G 166 -29.72 -22.20 0.83
C GLN G 166 -29.82 -20.86 1.54
N LYS G 167 -29.52 -20.82 2.84
CA LYS G 167 -29.55 -19.60 3.62
C LYS G 167 -28.28 -18.74 3.42
N LEU G 168 -27.47 -19.04 2.42
CA LEU G 168 -26.25 -18.28 2.18
C LEU G 168 -26.39 -17.40 0.94
N ASP H 13 10.62 23.12 -50.03
CA ASP H 13 9.45 22.28 -49.80
C ASP H 13 9.81 21.05 -48.98
N LEU H 14 10.95 20.44 -49.29
CA LEU H 14 11.40 19.27 -48.53
C LEU H 14 11.79 19.64 -47.10
N GLY H 15 12.32 20.86 -46.91
CA GLY H 15 12.68 21.28 -45.56
C GLY H 15 11.46 21.55 -44.70
N LYS H 16 10.38 22.07 -45.29
CA LYS H 16 9.16 22.30 -44.53
C LYS H 16 8.55 21.00 -44.05
N LYS H 17 8.50 19.98 -44.92
CA LYS H 17 7.92 18.71 -44.53
C LYS H 17 8.78 18.00 -43.50
N LEU H 18 10.10 18.19 -43.54
CA LEU H 18 10.97 17.61 -42.52
C LEU H 18 10.74 18.25 -41.16
N LEU H 19 10.45 19.55 -41.13
CA LEU H 19 10.14 20.21 -39.86
C LEU H 19 8.83 19.71 -39.29
N GLU H 20 7.81 19.54 -40.13
CA GLU H 20 6.53 19.05 -39.64
C GLU H 20 6.61 17.58 -39.24
N ALA H 21 7.45 16.80 -39.92
CA ALA H 21 7.61 15.40 -39.55
C ALA H 21 8.38 15.25 -38.25
N ALA H 22 9.43 16.06 -38.07
CA ALA H 22 10.18 16.02 -36.81
C ALA H 22 9.33 16.53 -35.65
N ARG H 23 8.45 17.49 -35.91
CA ARG H 23 7.55 17.98 -34.86
C ARG H 23 6.55 16.92 -34.44
N ALA H 24 6.15 16.05 -35.37
CA ALA H 24 5.19 14.99 -35.08
C ALA H 24 5.84 13.73 -34.53
N GLY H 25 7.16 13.63 -34.54
CA GLY H 25 7.83 12.45 -34.03
C GLY H 25 7.78 11.26 -34.94
N GLN H 26 7.70 11.46 -36.25
CA GLN H 26 7.63 10.37 -37.22
C GLN H 26 9.04 10.07 -37.72
N ASP H 27 9.76 9.27 -36.95
CA ASP H 27 11.13 8.91 -37.32
C ASP H 27 11.18 8.09 -38.61
N ASP H 28 10.08 7.42 -38.98
CA ASP H 28 10.04 6.71 -40.25
C ASP H 28 9.85 7.67 -41.42
N GLU H 29 9.15 8.79 -41.19
CA GLU H 29 8.94 9.77 -42.24
C GLU H 29 10.18 10.63 -42.47
N VAL H 30 10.94 10.94 -41.42
CA VAL H 30 12.13 11.76 -41.60
C VAL H 30 13.22 10.99 -42.32
N ARG H 31 13.24 9.65 -42.19
CA ARG H 31 14.22 8.86 -42.92
C ARG H 31 13.95 8.88 -44.42
N ILE H 32 12.67 8.87 -44.81
CA ILE H 32 12.32 8.94 -46.22
C ILE H 32 12.75 10.28 -46.81
N LEU H 33 12.54 11.37 -46.06
CA LEU H 33 12.94 12.69 -46.52
C LEU H 33 14.46 12.83 -46.56
N MET H 34 15.17 12.15 -45.66
CA MET H 34 16.62 12.17 -45.69
C MET H 34 17.15 11.57 -46.98
N ALA H 35 16.62 10.41 -47.37
CA ALA H 35 17.05 9.76 -48.61
C ALA H 35 16.67 10.56 -49.84
N ASN H 36 15.64 11.41 -49.75
CA ASN H 36 15.23 12.27 -50.86
C ASN H 36 15.96 13.59 -50.89
N GLY H 37 16.96 13.77 -50.03
CA GLY H 37 17.77 14.97 -50.08
C GLY H 37 17.20 16.18 -49.36
N ALA H 38 16.44 15.98 -48.29
CA ALA H 38 15.92 17.09 -47.51
C ALA H 38 17.03 17.70 -46.67
N ASP H 39 17.02 19.03 -46.56
CA ASP H 39 18.03 19.73 -45.78
C ASP H 39 17.84 19.41 -44.30
N VAL H 40 18.86 18.80 -43.70
CA VAL H 40 18.78 18.41 -42.30
C VAL H 40 18.71 19.63 -41.39
N ASN H 41 19.31 20.75 -41.80
CA ASN H 41 19.37 21.96 -41.00
C ASN H 41 18.45 23.04 -41.53
N ALA H 42 17.28 22.64 -42.03
CA ALA H 42 16.28 23.61 -42.45
C ALA H 42 15.62 24.25 -41.23
N LYS H 43 15.30 25.54 -41.35
CA LYS H 43 14.77 26.30 -40.23
C LYS H 43 13.35 26.77 -40.53
N ASP H 44 12.57 26.95 -39.47
CA ASP H 44 11.19 27.42 -39.59
C ASP H 44 11.18 28.95 -39.41
N SER H 45 10.04 29.50 -38.99
CA SER H 45 9.93 30.95 -38.83
C SER H 45 10.75 31.44 -37.64
N ARG H 46 11.00 30.59 -36.65
CA ARG H 46 11.77 30.95 -35.48
C ARG H 46 13.20 30.42 -35.52
N GLY H 47 13.65 29.96 -36.68
CA GLY H 47 15.02 29.49 -36.81
C GLY H 47 15.31 28.17 -36.16
N LYS H 48 14.30 27.36 -35.87
CA LYS H 48 14.49 26.07 -35.24
C LYS H 48 14.68 24.98 -36.30
N THR H 49 15.65 24.12 -36.07
CA THR H 49 15.97 23.01 -36.95
C THR H 49 15.13 21.80 -36.57
N PRO H 50 15.11 20.76 -37.43
CA PRO H 50 14.46 19.50 -37.01
C PRO H 50 15.05 18.93 -35.73
N LEU H 51 16.35 19.15 -35.48
CA LEU H 51 16.93 18.71 -34.22
C LEU H 51 16.41 19.54 -33.05
N HIS H 52 16.10 20.82 -33.28
CA HIS H 52 15.47 21.64 -32.25
C HIS H 52 14.12 21.06 -31.84
N LEU H 53 13.27 20.78 -32.83
CA LEU H 53 11.93 20.27 -32.54
C LEU H 53 11.98 18.88 -31.94
N ALA H 54 12.88 18.02 -32.44
CA ALA H 54 13.03 16.69 -31.87
C ALA H 54 13.50 16.78 -30.41
N ALA H 55 14.37 17.74 -30.11
CA ALA H 55 14.79 17.96 -28.73
C ALA H 55 13.73 18.69 -27.92
N ASP H 56 12.94 19.55 -28.57
CA ASP H 56 11.92 20.30 -27.85
C ASP H 56 10.79 19.40 -27.38
N TYR H 57 10.37 18.46 -28.21
CA TYR H 57 9.26 17.57 -27.87
C TYR H 57 9.72 16.25 -27.25
N GLY H 58 11.01 15.99 -27.19
CA GLY H 58 11.50 14.78 -26.55
C GLY H 58 11.47 13.54 -27.41
N TYR H 59 11.64 13.70 -28.72
CA TYR H 59 11.66 12.55 -29.64
C TYR H 59 13.10 12.08 -29.77
N LEU H 60 13.42 10.98 -29.08
CA LEU H 60 14.80 10.50 -29.05
C LEU H 60 15.21 9.89 -30.38
N GLU H 61 14.35 9.02 -30.94
CA GLU H 61 14.70 8.34 -32.19
C GLU H 61 14.88 9.32 -33.33
N VAL H 62 14.08 10.38 -33.37
CA VAL H 62 14.21 11.38 -34.42
C VAL H 62 15.53 12.13 -34.29
N ALA H 63 15.92 12.46 -33.04
CA ALA H 63 17.15 13.21 -32.83
C ALA H 63 18.38 12.40 -33.25
N GLU H 64 18.36 11.09 -32.99
CA GLU H 64 19.52 10.26 -33.35
C GLU H 64 19.62 10.09 -34.86
N VAL H 65 18.49 9.98 -35.55
CA VAL H 65 18.52 9.86 -37.01
C VAL H 65 19.03 11.13 -37.64
N LEU H 66 18.62 12.29 -37.12
CA LEU H 66 19.11 13.56 -37.65
C LEU H 66 20.60 13.72 -37.41
N LEU H 67 21.06 13.40 -36.19
CA LEU H 67 22.47 13.59 -35.84
C LEU H 67 23.36 12.70 -36.70
N LYS H 68 22.93 11.45 -36.94
CA LYS H 68 23.71 10.54 -37.77
C LYS H 68 23.74 10.97 -39.24
N HIS H 69 22.88 11.88 -39.65
CA HIS H 69 22.85 12.37 -41.02
C HIS H 69 23.33 13.82 -41.13
N GLY H 70 24.15 14.26 -40.18
CA GLY H 70 24.79 15.55 -40.30
C GLY H 70 24.01 16.73 -39.74
N ALA H 71 23.32 16.51 -38.63
CA ALA H 71 22.59 17.60 -37.98
C ALA H 71 23.53 18.45 -37.15
N ASP H 72 23.37 19.77 -37.25
CA ASP H 72 24.18 20.70 -36.47
C ASP H 72 23.73 20.65 -35.01
N VAL H 73 24.55 20.02 -34.16
CA VAL H 73 24.17 19.84 -32.77
C VAL H 73 24.21 21.15 -32.00
N ASN H 74 24.85 22.18 -32.53
CA ASN H 74 24.98 23.48 -31.88
C ASN H 74 24.32 24.57 -32.70
N ALA H 75 23.20 24.25 -33.35
CA ALA H 75 22.45 25.22 -34.12
C ALA H 75 21.67 26.15 -33.19
N HIS H 76 21.57 27.41 -33.56
CA HIS H 76 20.87 28.42 -32.78
C HIS H 76 19.64 28.91 -33.52
N ASP H 77 18.56 29.13 -32.77
CA ASP H 77 17.36 29.72 -33.36
C ASP H 77 17.50 31.24 -33.35
N VAL H 78 16.40 31.95 -33.65
CA VAL H 78 16.45 33.41 -33.68
C VAL H 78 16.61 34.02 -32.30
N TYR H 79 16.52 33.22 -31.24
CA TYR H 79 16.76 33.69 -29.88
C TYR H 79 18.06 33.13 -29.30
N GLY H 80 18.84 32.42 -30.10
CA GLY H 80 20.11 31.89 -29.65
C GLY H 80 20.04 30.58 -28.90
N ASP H 81 18.89 29.92 -28.90
CA ASP H 81 18.74 28.66 -28.17
C ASP H 81 19.21 27.49 -29.02
N THR H 82 20.02 26.62 -28.42
CA THR H 82 20.47 25.39 -29.05
C THR H 82 19.50 24.27 -28.72
N PRO H 83 19.59 23.14 -29.43
CA PRO H 83 18.78 21.97 -29.02
C PRO H 83 19.02 21.55 -27.58
N LEU H 84 20.21 21.80 -27.04
CA LEU H 84 20.47 21.49 -25.64
C LEU H 84 19.72 22.43 -24.71
N HIS H 85 19.51 23.68 -25.14
CA HIS H 85 18.72 24.62 -24.34
C HIS H 85 17.27 24.13 -24.21
N LEU H 86 16.72 23.57 -25.29
CA LEU H 86 15.31 23.17 -25.27
C LEU H 86 15.12 21.91 -24.44
N THR H 87 16.04 20.94 -24.55
CA THR H 87 15.92 19.73 -23.75
C THR H 87 16.08 20.01 -22.27
N ALA H 88 17.03 20.88 -21.89
CA ALA H 88 17.22 21.22 -20.49
C ALA H 88 16.02 21.96 -19.93
N THR H 89 15.18 22.55 -20.79
CA THR H 89 13.99 23.24 -20.31
C THR H 89 12.85 22.26 -20.03
N TRP H 90 12.66 21.27 -20.89
CA TRP H 90 11.54 20.34 -20.78
C TRP H 90 11.88 19.06 -20.03
N GLY H 91 13.13 18.85 -19.66
CA GLY H 91 13.49 17.72 -18.82
C GLY H 91 13.72 16.41 -19.55
N HIS H 92 14.11 16.46 -20.82
CA HIS H 92 14.40 15.25 -21.59
C HIS H 92 15.84 14.85 -21.30
N LEU H 93 16.02 14.08 -20.23
CA LEU H 93 17.36 13.71 -19.78
C LEU H 93 18.10 12.87 -20.80
N GLU H 94 17.39 11.94 -21.46
CA GLU H 94 18.06 11.03 -22.39
C GLU H 94 18.61 11.76 -23.59
N ILE H 95 17.89 12.77 -24.09
CA ILE H 95 18.38 13.51 -25.25
C ILE H 95 19.53 14.43 -24.85
N VAL H 96 19.54 14.90 -23.60
CA VAL H 96 20.67 15.71 -23.12
C VAL H 96 21.96 14.92 -23.22
N GLU H 97 21.93 13.63 -22.85
CA GLU H 97 23.12 12.81 -22.97
C GLU H 97 23.49 12.57 -24.43
N VAL H 98 22.50 12.33 -25.29
CA VAL H 98 22.77 12.10 -26.70
C VAL H 98 23.38 13.33 -27.35
N LEU H 99 22.85 14.52 -27.02
CA LEU H 99 23.38 15.75 -27.58
C LEU H 99 24.82 15.97 -27.12
N LEU H 100 25.07 15.81 -25.82
CA LEU H 100 26.42 16.01 -25.30
C LEU H 100 27.42 15.02 -25.88
N LYS H 101 26.97 13.79 -26.15
CA LYS H 101 27.88 12.79 -26.73
C LYS H 101 28.22 13.14 -28.18
N ASN H 102 27.35 13.88 -28.87
CA ASN H 102 27.60 14.30 -30.24
C ASN H 102 28.32 15.65 -30.32
N GLY H 103 28.84 16.15 -29.20
CA GLY H 103 29.60 17.38 -29.23
C GLY H 103 28.82 18.64 -28.96
N ALA H 104 27.75 18.57 -28.19
CA ALA H 104 26.98 19.77 -27.86
C ALA H 104 27.75 20.65 -26.89
N ASP H 105 27.64 21.96 -27.07
CA ASP H 105 28.30 22.92 -26.19
C ASP H 105 27.48 23.06 -24.92
N ALA H 106 28.03 22.55 -23.81
CA ALA H 106 27.33 22.59 -22.53
C ALA H 106 27.20 24.01 -21.99
N ASN H 107 28.03 24.94 -22.48
CA ASN H 107 28.02 26.32 -22.00
C ASN H 107 27.54 27.29 -23.08
N ALA H 108 26.75 26.80 -24.03
CA ALA H 108 26.16 27.65 -25.05
C ALA H 108 25.19 28.63 -24.41
N ILE H 109 25.18 29.86 -24.91
CA ILE H 109 24.33 30.91 -24.37
C ILE H 109 23.37 31.39 -25.45
N ASP H 110 22.21 31.85 -25.02
CA ASP H 110 21.21 32.42 -25.90
C ASP H 110 21.26 33.95 -25.80
N PHE H 111 20.19 34.62 -26.22
CA PHE H 111 20.15 36.08 -26.15
C PHE H 111 19.90 36.60 -24.74
N PHE H 112 19.52 35.74 -23.80
CA PHE H 112 19.38 36.13 -22.40
C PHE H 112 20.60 35.77 -21.57
N GLY H 113 21.64 35.22 -22.19
CA GLY H 113 22.79 34.75 -21.46
C GLY H 113 22.59 33.44 -20.73
N TRP H 114 21.53 32.71 -21.02
CA TRP H 114 21.23 31.47 -20.33
C TRP H 114 22.01 30.31 -20.94
N THR H 115 22.73 29.58 -20.12
CA THR H 115 23.29 28.30 -20.49
C THR H 115 22.25 27.21 -20.26
N PRO H 116 22.42 26.03 -20.87
CA PRO H 116 21.53 24.91 -20.55
C PRO H 116 21.49 24.59 -19.06
N LEU H 117 22.53 24.95 -18.31
CA LEU H 117 22.50 24.76 -16.86
C LEU H 117 21.54 25.74 -16.19
N HIS H 118 21.38 26.94 -16.74
CA HIS H 118 20.42 27.89 -16.19
C HIS H 118 18.98 27.39 -16.34
N LEU H 119 18.63 26.94 -17.56
CA LEU H 119 17.27 26.51 -17.82
C LEU H 119 16.93 25.22 -17.06
N ALA H 120 17.92 24.34 -16.90
CA ALA H 120 17.68 23.11 -16.13
C ALA H 120 17.52 23.42 -14.65
N ALA H 121 18.24 24.43 -14.15
CA ALA H 121 18.10 24.82 -12.75
C ALA H 121 16.81 25.58 -12.48
N TYR H 122 16.33 26.36 -13.47
CA TYR H 122 15.09 27.11 -13.27
C TYR H 122 13.89 26.16 -13.16
N PHE H 123 13.85 25.13 -13.98
CA PHE H 123 12.74 24.18 -13.99
C PHE H 123 12.98 22.96 -13.12
N GLY H 124 14.02 22.99 -12.28
CA GLY H 124 14.22 21.93 -11.30
C GLY H 124 14.54 20.57 -11.88
N HIS H 125 15.24 20.51 -13.01
CA HIS H 125 15.64 19.23 -13.61
C HIS H 125 17.03 18.89 -13.09
N LEU H 126 17.06 18.25 -11.91
CA LEU H 126 18.33 18.04 -11.22
C LEU H 126 19.19 16.99 -11.93
N GLU H 127 18.56 15.96 -12.49
CA GLU H 127 19.32 14.95 -13.21
C GLU H 127 20.05 15.55 -14.40
N ILE H 128 19.41 16.49 -15.11
CA ILE H 128 20.07 17.17 -16.21
C ILE H 128 21.16 18.11 -15.70
N VAL H 129 20.97 18.70 -14.52
CA VAL H 129 21.98 19.59 -13.95
C VAL H 129 23.27 18.83 -13.69
N GLU H 130 23.18 17.66 -13.05
CA GLU H 130 24.36 16.88 -12.74
C GLU H 130 25.04 16.35 -14.00
N VAL H 131 24.25 16.03 -15.03
CA VAL H 131 24.83 15.57 -16.29
C VAL H 131 25.58 16.71 -16.98
N LEU H 132 25.01 17.91 -16.97
CA LEU H 132 25.69 19.05 -17.58
C LEU H 132 26.97 19.39 -16.82
N LEU H 133 26.95 19.30 -15.49
CA LEU H 133 28.16 19.52 -14.71
C LEU H 133 29.23 18.49 -15.05
N LYS H 134 28.82 17.28 -15.40
CA LYS H 134 29.79 16.26 -15.79
C LYS H 134 30.43 16.56 -17.14
N TYR H 135 29.74 17.31 -18.01
CA TYR H 135 30.23 17.59 -19.36
C TYR H 135 30.81 19.00 -19.49
N GLY H 136 31.21 19.61 -18.39
CA GLY H 136 31.94 20.87 -18.46
C GLY H 136 31.11 22.13 -18.34
N ALA H 137 29.99 22.08 -17.61
CA ALA H 137 29.19 23.28 -17.40
C ALA H 137 29.79 24.14 -16.30
N ASP H 138 29.76 25.45 -16.49
CA ASP H 138 30.30 26.39 -15.53
C ASP H 138 29.20 26.82 -14.57
N VAL H 139 29.39 26.55 -13.27
CA VAL H 139 28.41 26.96 -12.27
C VAL H 139 28.46 28.46 -12.06
N ASN H 140 29.59 29.10 -12.31
CA ASN H 140 29.76 30.53 -12.10
C ASN H 140 29.37 31.36 -13.32
N ALA H 141 28.77 30.74 -14.33
CA ALA H 141 28.36 31.47 -15.53
C ALA H 141 27.15 32.35 -15.20
N GLN H 142 27.28 33.65 -15.45
CA GLN H 142 26.21 34.60 -15.20
C GLN H 142 25.48 34.89 -16.51
N ASP H 143 24.16 35.09 -16.40
CA ASP H 143 23.38 35.55 -17.53
C ASP H 143 23.43 37.08 -17.59
N LYS H 144 22.66 37.68 -18.48
CA LYS H 144 22.65 39.13 -18.60
C LYS H 144 21.93 39.83 -17.46
N PHE H 145 21.44 39.07 -16.47
CA PHE H 145 20.83 39.63 -15.27
C PHE H 145 21.66 39.31 -14.03
N GLY H 146 22.93 38.95 -14.21
CA GLY H 146 23.82 38.67 -13.10
C GLY H 146 23.47 37.43 -12.30
N LYS H 147 22.71 36.51 -12.88
CA LYS H 147 22.23 35.35 -12.16
C LYS H 147 23.08 34.13 -12.49
N THR H 148 23.51 33.42 -11.45
CA THR H 148 24.14 32.12 -11.59
C THR H 148 23.14 31.03 -11.18
N VAL H 149 23.60 29.78 -11.24
CA VAL H 149 22.77 28.70 -10.72
C VAL H 149 22.57 28.84 -9.22
N PHE H 150 23.55 29.43 -8.53
CA PHE H 150 23.40 29.67 -7.10
C PHE H 150 22.23 30.60 -6.83
N ASP H 151 22.08 31.66 -7.64
CA ASP H 151 20.96 32.58 -7.46
C ASP H 151 19.63 31.90 -7.74
N ILE H 152 19.61 30.94 -8.67
CA ILE H 152 18.36 30.27 -9.02
C ILE H 152 17.87 29.39 -7.87
N SER H 153 18.79 28.66 -7.23
CA SER H 153 18.39 27.80 -6.12
C SER H 153 17.87 28.63 -4.94
N VAL H 154 18.44 29.81 -4.72
CA VAL H 154 17.96 30.68 -3.66
C VAL H 154 16.59 31.25 -4.02
N TYR H 155 16.41 31.66 -5.27
CA TYR H 155 15.15 32.25 -5.69
C TYR H 155 14.03 31.22 -5.65
N ASN H 156 14.23 30.06 -6.27
CA ASN H 156 13.21 29.02 -6.28
C ASN H 156 13.09 28.27 -4.96
N GLY H 157 14.01 28.49 -4.03
CA GLY H 157 13.98 27.76 -2.77
C GLY H 157 14.21 26.27 -2.94
N ASP H 158 14.98 25.88 -3.96
CA ASP H 158 15.24 24.47 -4.24
C ASP H 158 16.26 23.96 -3.25
N GLU H 159 15.81 23.13 -2.30
CA GLU H 159 16.71 22.58 -1.29
C GLU H 159 17.69 21.59 -1.91
N ASP H 160 17.21 20.75 -2.83
CA ASP H 160 18.06 19.72 -3.41
C ASP H 160 19.08 20.31 -4.37
N LEU H 161 18.71 21.36 -5.10
CA LEU H 161 19.65 21.98 -6.03
C LEU H 161 20.80 22.64 -5.29
N ALA H 162 20.49 23.34 -4.19
CA ALA H 162 21.54 23.98 -3.40
C ALA H 162 22.45 22.95 -2.75
N GLU H 163 21.92 21.75 -2.46
CA GLU H 163 22.75 20.69 -1.89
C GLU H 163 23.75 20.16 -2.90
N ILE H 164 23.38 20.12 -4.18
CA ILE H 164 24.30 19.68 -5.22
C ILE H 164 25.38 20.73 -5.45
N LEU H 165 25.03 22.02 -5.33
CA LEU H 165 25.98 23.07 -5.64
C LEU H 165 27.10 23.15 -4.61
N GLN H 166 26.83 22.77 -3.36
CA GLN H 166 27.84 22.84 -2.31
C GLN H 166 28.93 21.78 -2.53
N SER I 12 -36.11 41.18 13.35
CA SER I 12 -36.88 41.46 12.15
C SER I 12 -36.36 42.70 11.44
N ASP I 13 -37.02 43.83 11.64
CA ASP I 13 -36.58 45.07 11.01
C ASP I 13 -35.28 45.57 11.65
N LEU I 14 -35.20 45.54 12.98
CA LEU I 14 -33.97 45.96 13.65
C LEU I 14 -32.87 44.91 13.53
N GLY I 15 -33.24 43.63 13.50
CA GLY I 15 -32.24 42.58 13.36
C GLY I 15 -31.55 42.59 12.02
N LYS I 16 -32.28 42.94 10.96
CA LYS I 16 -31.65 43.03 9.63
C LYS I 16 -30.61 44.14 9.60
N LYS I 17 -30.92 45.30 10.20
CA LYS I 17 -29.98 46.41 10.20
C LYS I 17 -28.79 46.12 11.11
N LEU I 18 -28.97 45.29 12.13
CA LEU I 18 -27.85 44.90 12.99
C LEU I 18 -26.90 43.96 12.27
N LEU I 19 -27.44 43.05 11.45
CA LEU I 19 -26.60 42.14 10.68
C LEU I 19 -25.77 42.92 9.66
N GLU I 20 -26.37 43.88 8.97
CA GLU I 20 -25.62 44.69 8.01
C GLU I 20 -24.62 45.60 8.70
N ALA I 21 -24.93 46.06 9.91
CA ALA I 21 -23.98 46.88 10.65
C ALA I 21 -22.79 46.06 11.13
N ALA I 22 -23.03 44.81 11.54
CA ALA I 22 -21.93 43.95 11.95
C ALA I 22 -21.10 43.50 10.76
N ARG I 23 -21.74 43.30 9.60
CA ARG I 23 -20.98 42.92 8.41
C ARG I 23 -20.07 44.05 7.94
N ALA I 24 -20.47 45.30 8.18
CA ALA I 24 -19.69 46.45 7.76
C ALA I 24 -18.68 46.91 8.81
N GLY I 25 -18.75 46.37 10.02
CA GLY I 25 -17.80 46.76 11.05
C GLY I 25 -18.05 48.11 11.65
N GLN I 26 -19.31 48.50 11.82
CA GLN I 26 -19.67 49.81 12.39
C GLN I 26 -20.09 49.57 13.83
N ASP I 27 -19.10 49.54 14.73
CA ASP I 27 -19.38 49.29 16.13
C ASP I 27 -20.22 50.41 16.75
N ASP I 28 -20.11 51.62 16.22
CA ASP I 28 -20.97 52.71 16.71
C ASP I 28 -22.41 52.48 16.31
N GLU I 29 -22.66 52.06 15.07
CA GLU I 29 -24.02 51.76 14.63
C GLU I 29 -24.58 50.55 15.36
N VAL I 30 -23.74 49.61 15.76
CA VAL I 30 -24.20 48.45 16.51
C VAL I 30 -24.70 48.86 17.88
N ARG I 31 -23.93 49.70 18.58
CA ARG I 31 -24.33 50.13 19.92
C ARG I 31 -25.64 50.91 19.90
N ILE I 32 -25.90 51.64 18.81
CA ILE I 32 -27.16 52.37 18.69
C ILE I 32 -28.32 51.39 18.56
N LEU I 33 -28.16 50.36 17.73
CA LEU I 33 -29.21 49.37 17.57
C LEU I 33 -29.39 48.52 18.82
N MET I 34 -28.32 48.31 19.59
CA MET I 34 -28.43 47.56 20.84
C MET I 34 -29.34 48.29 21.84
N ALA I 35 -29.08 49.59 22.04
CA ALA I 35 -29.92 50.38 22.94
C ALA I 35 -31.34 50.54 22.41
N ASN I 36 -31.54 50.39 21.11
CA ASN I 36 -32.86 50.48 20.51
C ASN I 36 -33.67 49.18 20.67
N GLY I 37 -33.07 48.13 21.21
CA GLY I 37 -33.78 46.89 21.43
C GLY I 37 -33.66 45.87 20.32
N ALA I 38 -32.60 45.92 19.52
CA ALA I 38 -32.43 44.97 18.44
C ALA I 38 -32.02 43.60 18.99
N ASP I 39 -32.48 42.55 18.32
CA ASP I 39 -32.17 41.19 18.74
C ASP I 39 -30.69 40.90 18.49
N VAL I 40 -29.95 40.64 19.56
CA VAL I 40 -28.52 40.41 19.44
C VAL I 40 -28.23 39.12 18.67
N ASN I 41 -29.15 38.15 18.70
CA ASN I 41 -28.96 36.87 18.05
C ASN I 41 -29.84 36.73 16.81
N ALA I 42 -30.06 37.82 16.09
CA ALA I 42 -30.78 37.74 14.83
C ALA I 42 -29.94 37.02 13.79
N LYS I 43 -30.61 36.26 12.92
CA LYS I 43 -29.93 35.42 11.95
C LYS I 43 -30.33 35.82 10.54
N ASP I 44 -29.39 35.65 9.61
CA ASP I 44 -29.61 35.96 8.20
C ASP I 44 -30.12 34.71 7.48
N SER I 45 -30.03 34.69 6.15
CA SER I 45 -30.52 33.54 5.40
C SER I 45 -29.70 32.28 5.65
N ARG I 46 -28.43 32.43 6.04
CA ARG I 46 -27.58 31.29 6.35
C ARG I 46 -27.48 31.02 7.85
N GLY I 47 -28.37 31.59 8.65
CA GLY I 47 -28.37 31.34 10.08
C GLY I 47 -27.24 31.96 10.86
N LYS I 48 -26.57 32.96 10.29
CA LYS I 48 -25.44 33.60 10.96
C LYS I 48 -25.91 34.76 11.81
N THR I 49 -25.41 34.83 13.03
CA THR I 49 -25.71 35.92 13.94
C THR I 49 -24.76 37.09 13.68
N PRO I 50 -25.03 38.27 14.26
CA PRO I 50 -24.04 39.36 14.15
C PRO I 50 -22.68 38.97 14.68
N LEU I 51 -22.62 38.12 15.71
CA LEU I 51 -21.34 37.65 16.19
C LEU I 51 -20.65 36.76 15.16
N HIS I 52 -21.42 35.99 14.39
CA HIS I 52 -20.83 35.23 13.29
C HIS I 52 -20.15 36.15 12.29
N LEU I 53 -20.82 37.23 11.90
CA LEU I 53 -20.27 38.12 10.89
C LEU I 53 -19.05 38.87 11.42
N ALA I 54 -19.13 39.35 12.66
CA ALA I 54 -17.98 40.03 13.26
C ALA I 54 -16.78 39.10 13.37
N ALA I 55 -17.04 37.83 13.71
CA ALA I 55 -15.96 36.85 13.76
C ALA I 55 -15.48 36.47 12.36
N ASP I 56 -16.37 36.58 11.36
CA ASP I 56 -15.99 36.19 10.00
C ASP I 56 -15.08 37.22 9.37
N TYR I 57 -15.37 38.51 9.55
CA TYR I 57 -14.60 39.58 8.93
C TYR I 57 -13.50 40.13 9.82
N GLY I 58 -13.41 39.69 11.07
CA GLY I 58 -12.33 40.14 11.94
C GLY I 58 -12.56 41.48 12.59
N TYR I 59 -13.79 41.77 13.01
CA TYR I 59 -14.12 43.03 13.68
C TYR I 59 -14.14 42.76 15.18
N LEU I 60 -12.98 42.93 15.81
CA LEU I 60 -12.82 42.60 17.22
C LEU I 60 -13.69 43.50 18.10
N GLU I 61 -13.71 44.80 17.82
CA GLU I 61 -14.47 45.73 18.65
C GLU I 61 -15.97 45.48 18.53
N VAL I 62 -16.44 45.03 17.37
CA VAL I 62 -17.85 44.70 17.21
C VAL I 62 -18.19 43.43 17.98
N ALA I 63 -17.28 42.45 17.95
CA ALA I 63 -17.54 41.18 18.63
C ALA I 63 -17.58 41.36 20.15
N GLU I 64 -16.76 42.27 20.68
CA GLU I 64 -16.76 42.51 22.12
C GLU I 64 -18.03 43.23 22.56
N VAL I 65 -18.52 44.16 21.74
CA VAL I 65 -19.75 44.87 22.07
C VAL I 65 -20.93 43.91 22.09
N LEU I 66 -20.99 42.99 21.11
CA LEU I 66 -22.07 42.01 21.08
C LEU I 66 -22.01 41.10 22.29
N LEU I 67 -20.82 40.61 22.64
CA LEU I 67 -20.68 39.70 23.77
C LEU I 67 -21.01 40.37 25.10
N LYS I 68 -20.77 41.69 25.20
CA LYS I 68 -21.10 42.39 26.44
C LYS I 68 -22.60 42.56 26.63
N HIS I 69 -23.39 42.45 25.57
CA HIS I 69 -24.84 42.61 25.64
C HIS I 69 -25.58 41.29 25.43
N GLY I 70 -24.95 40.17 25.77
CA GLY I 70 -25.63 38.90 25.79
C GLY I 70 -25.68 38.17 24.46
N ALA I 71 -24.62 38.22 23.68
CA ALA I 71 -24.56 37.46 22.43
C ALA I 71 -24.25 36.00 22.72
N ASP I 72 -24.90 35.10 21.98
CA ASP I 72 -24.65 33.68 22.12
C ASP I 72 -23.28 33.36 21.52
N VAL I 73 -22.31 33.04 22.38
CA VAL I 73 -20.97 32.73 21.91
C VAL I 73 -20.92 31.38 21.20
N ASN I 74 -21.94 30.53 21.42
CA ASN I 74 -21.98 29.19 20.83
C ASN I 74 -23.15 29.04 19.87
N ALA I 75 -23.52 30.11 19.18
CA ALA I 75 -24.58 30.02 18.19
C ALA I 75 -24.10 29.28 16.94
N HIS I 76 -25.00 28.54 16.32
CA HIS I 76 -24.70 27.76 15.13
C HIS I 76 -25.48 28.31 13.94
N ASP I 77 -24.87 28.25 12.76
CA ASP I 77 -25.54 28.65 11.53
C ASP I 77 -26.24 27.42 10.94
N VAL I 78 -26.73 27.54 9.69
CA VAL I 78 -27.42 26.42 9.07
C VAL I 78 -26.48 25.28 8.71
N TYR I 79 -25.16 25.49 8.79
CA TYR I 79 -24.18 24.44 8.56
C TYR I 79 -23.51 23.98 9.84
N GLY I 80 -23.96 24.46 10.99
CA GLY I 80 -23.43 24.04 12.27
C GLY I 80 -22.18 24.76 12.72
N ASP I 81 -21.78 25.84 12.05
CA ASP I 81 -20.57 26.55 12.38
C ASP I 81 -20.83 27.60 13.46
N THR I 82 -19.97 27.62 14.46
CA THR I 82 -20.00 28.64 15.51
C THR I 82 -19.13 29.81 15.10
N PRO I 83 -19.27 30.95 15.79
CA PRO I 83 -18.33 32.06 15.52
C PRO I 83 -16.87 31.66 15.69
N LEU I 84 -16.58 30.66 16.53
CA LEU I 84 -15.21 30.18 16.66
C LEU I 84 -14.78 29.39 15.42
N HIS I 85 -15.72 28.72 14.75
CA HIS I 85 -15.38 28.03 13.50
C HIS I 85 -14.94 29.02 12.43
N LEU I 86 -15.55 30.20 12.40
CA LEU I 86 -15.23 31.18 11.37
C LEU I 86 -13.89 31.86 11.63
N THR I 87 -13.62 32.23 12.88
CA THR I 87 -12.33 32.85 13.19
C THR I 87 -11.18 31.88 12.97
N ALA I 88 -11.39 30.59 13.28
CA ALA I 88 -10.36 29.60 13.05
C ALA I 88 -10.08 29.42 11.56
N THR I 89 -11.06 29.74 10.71
CA THR I 89 -10.87 29.60 9.27
C THR I 89 -10.10 30.78 8.68
N TRP I 90 -10.39 31.99 9.15
CA TRP I 90 -9.81 33.20 8.59
C TRP I 90 -8.60 33.71 9.38
N GLY I 91 -8.21 33.02 10.45
CA GLY I 91 -7.00 33.37 11.16
C GLY I 91 -7.07 34.63 12.00
N HIS I 92 -8.23 34.90 12.60
CA HIS I 92 -8.39 36.07 13.47
C HIS I 92 -8.08 35.63 14.90
N LEU I 93 -6.80 35.75 15.28
CA LEU I 93 -6.35 35.21 16.56
C LEU I 93 -6.94 35.99 17.74
N GLU I 94 -7.06 37.31 17.61
CA GLU I 94 -7.54 38.11 18.72
C GLU I 94 -8.99 37.78 19.08
N ILE I 95 -9.81 37.51 18.07
CA ILE I 95 -11.20 37.16 18.35
C ILE I 95 -11.31 35.73 18.86
N VAL I 96 -10.37 34.86 18.49
CA VAL I 96 -10.38 33.49 19.03
C VAL I 96 -10.24 33.51 20.54
N GLU I 97 -9.31 34.32 21.06
CA GLU I 97 -9.13 34.39 22.50
C GLU I 97 -10.34 35.04 23.19
N VAL I 98 -10.95 36.03 22.54
CA VAL I 98 -12.11 36.70 23.13
C VAL I 98 -13.30 35.74 23.22
N LEU I 99 -13.53 34.96 22.16
CA LEU I 99 -14.62 33.98 22.19
C LEU I 99 -14.39 32.93 23.27
N LEU I 100 -13.16 32.41 23.35
CA LEU I 100 -12.85 31.40 24.36
C LEU I 100 -12.94 31.96 25.77
N LYS I 101 -12.61 33.24 25.96
CA LYS I 101 -12.76 33.86 27.26
C LYS I 101 -14.22 34.06 27.64
N ASN I 102 -15.12 34.13 26.66
CA ASN I 102 -16.55 34.26 26.92
C ASN I 102 -17.28 32.93 26.93
N GLY I 103 -16.56 31.82 27.02
CA GLY I 103 -17.19 30.52 27.14
C GLY I 103 -17.50 29.79 25.86
N ALA I 104 -16.77 30.08 24.78
CA ALA I 104 -16.99 29.37 23.54
C ALA I 104 -16.53 27.92 23.65
N ASP I 105 -17.33 27.01 23.10
CA ASP I 105 -16.99 25.60 23.10
C ASP I 105 -15.85 25.34 22.12
N ALA I 106 -14.67 25.02 22.65
CA ALA I 106 -13.50 24.77 21.81
C ALA I 106 -13.60 23.48 21.02
N ASN I 107 -14.55 22.60 21.35
CA ASN I 107 -14.71 21.33 20.66
C ASN I 107 -16.06 21.23 19.95
N ALA I 108 -16.69 22.37 19.65
CA ALA I 108 -17.95 22.36 18.92
C ALA I 108 -17.72 21.87 17.50
N ILE I 109 -18.72 21.15 16.97
CA ILE I 109 -18.62 20.55 15.64
C ILE I 109 -19.71 21.11 14.76
N ASP I 110 -19.43 21.14 13.46
CA ASP I 110 -20.40 21.57 12.46
C ASP I 110 -21.02 20.34 11.79
N PHE I 111 -21.64 20.52 10.62
CA PHE I 111 -22.23 19.40 9.92
C PHE I 111 -21.20 18.48 9.29
N PHE I 112 -19.94 18.91 9.20
CA PHE I 112 -18.86 18.06 8.72
C PHE I 112 -18.10 17.39 9.84
N GLY I 113 -18.52 17.56 11.09
CA GLY I 113 -17.78 17.04 12.22
C GLY I 113 -16.51 17.81 12.55
N TRP I 114 -16.32 18.99 11.96
CA TRP I 114 -15.11 19.77 12.16
C TRP I 114 -15.19 20.55 13.46
N THR I 115 -14.18 20.41 14.28
CA THR I 115 -13.97 21.32 15.40
C THR I 115 -13.20 22.55 14.92
N PRO I 116 -13.22 23.63 15.69
CA PRO I 116 -12.36 24.77 15.33
C PRO I 116 -10.90 24.41 15.20
N LEU I 117 -10.46 23.35 15.87
CA LEU I 117 -9.08 22.88 15.72
C LEU I 117 -8.86 22.29 14.33
N HIS I 118 -9.87 21.67 13.74
CA HIS I 118 -9.74 21.11 12.39
C HIS I 118 -9.56 22.22 11.36
N LEU I 119 -10.39 23.27 11.45
CA LEU I 119 -10.32 24.34 10.45
C LEU I 119 -9.04 25.15 10.58
N ALA I 120 -8.57 25.37 11.81
CA ALA I 120 -7.31 26.09 11.98
C ALA I 120 -6.14 25.28 11.46
N ALA I 121 -6.18 23.96 11.65
CA ALA I 121 -5.11 23.11 11.14
C ALA I 121 -5.13 23.00 9.62
N TYR I 122 -6.33 23.02 9.02
CA TYR I 122 -6.42 22.97 7.56
C TYR I 122 -5.82 24.20 6.92
N PHE I 123 -6.05 25.38 7.51
CA PHE I 123 -5.58 26.63 6.94
C PHE I 123 -4.27 27.12 7.56
N GLY I 124 -3.57 26.25 8.29
CA GLY I 124 -2.23 26.57 8.77
C GLY I 124 -2.17 27.71 9.76
N HIS I 125 -3.22 27.91 10.55
CA HIS I 125 -3.22 28.96 11.58
C HIS I 125 -2.71 28.35 12.88
N LEU I 126 -1.37 28.32 13.00
CA LEU I 126 -0.74 27.61 14.10
C LEU I 126 -0.93 28.32 15.43
N GLU I 127 -0.98 29.66 15.41
CA GLU I 127 -1.22 30.40 16.65
C GLU I 127 -2.59 30.05 17.23
N ILE I 128 -3.60 29.97 16.37
CA ILE I 128 -4.94 29.59 16.82
C ILE I 128 -4.96 28.13 17.27
N VAL I 129 -4.15 27.27 16.64
CA VAL I 129 -4.09 25.87 17.02
C VAL I 129 -3.64 25.74 18.47
N GLU I 130 -2.55 26.44 18.83
CA GLU I 130 -2.03 26.34 20.19
C GLU I 130 -2.98 26.97 21.19
N VAL I 131 -3.64 28.06 20.82
CA VAL I 131 -4.59 28.71 21.73
C VAL I 131 -5.78 27.80 21.99
N LEU I 132 -6.28 27.11 20.95
CA LEU I 132 -7.36 26.15 21.15
C LEU I 132 -6.90 24.99 22.03
N LEU I 133 -5.64 24.59 21.89
CA LEU I 133 -5.10 23.54 22.76
C LEU I 133 -5.01 24.01 24.21
N LYS I 134 -4.77 25.30 24.43
CA LYS I 134 -4.75 25.82 25.79
C LYS I 134 -6.14 25.78 26.43
N TYR I 135 -7.19 25.81 25.61
CA TYR I 135 -8.57 25.79 26.10
C TYR I 135 -9.22 24.42 25.96
N GLY I 136 -8.42 23.36 25.92
CA GLY I 136 -8.96 22.01 26.00
C GLY I 136 -9.46 21.42 24.71
N ALA I 137 -8.90 21.81 23.57
CA ALA I 137 -9.28 21.19 22.31
C ALA I 137 -8.72 19.78 22.23
N ASP I 138 -9.55 18.85 21.77
CA ASP I 138 -9.16 17.45 21.66
C ASP I 138 -8.41 17.23 20.35
N VAL I 139 -7.18 16.72 20.44
CA VAL I 139 -6.41 16.44 19.24
C VAL I 139 -6.89 15.16 18.58
N ASN I 140 -7.49 14.24 19.34
CA ASN I 140 -7.95 12.95 18.82
C ASN I 140 -9.36 13.03 18.25
N ALA I 141 -9.94 14.21 18.15
CA ALA I 141 -11.30 14.36 17.62
C ALA I 141 -11.31 14.08 16.13
N GLN I 142 -12.14 13.14 15.70
CA GLN I 142 -12.29 12.80 14.30
C GLN I 142 -13.56 13.46 13.75
N ASP I 143 -13.48 13.92 12.51
CA ASP I 143 -14.64 14.43 11.81
C ASP I 143 -15.41 13.25 11.20
N LYS I 144 -16.37 13.54 10.33
CA LYS I 144 -17.14 12.48 9.68
C LYS I 144 -16.35 11.75 8.62
N PHE I 145 -15.10 12.12 8.38
CA PHE I 145 -14.22 11.44 7.44
C PHE I 145 -13.04 10.77 8.13
N GLY I 146 -13.13 10.60 9.45
CA GLY I 146 -12.08 9.93 10.19
C GLY I 146 -10.76 10.68 10.23
N LYS I 147 -10.80 12.01 10.19
CA LYS I 147 -9.61 12.83 10.11
C LYS I 147 -9.38 13.54 11.43
N THR I 148 -8.14 13.49 11.93
CA THR I 148 -7.70 14.27 13.07
C THR I 148 -6.74 15.36 12.58
N VAL I 149 -6.26 16.17 13.52
CA VAL I 149 -5.25 17.16 13.18
C VAL I 149 -3.93 16.50 12.80
N PHE I 150 -3.71 15.26 13.23
CA PHE I 150 -2.54 14.52 12.77
C PHE I 150 -2.67 14.18 11.29
N ASP I 151 -3.87 13.75 10.87
CA ASP I 151 -4.10 13.47 9.45
C ASP I 151 -4.00 14.72 8.60
N ILE I 152 -4.41 15.87 9.16
CA ILE I 152 -4.31 17.12 8.41
C ILE I 152 -2.85 17.54 8.25
N SER I 153 -2.04 17.37 9.30
CA SER I 153 -0.63 17.73 9.21
C SER I 153 0.10 16.88 8.18
N VAL I 154 -0.28 15.60 8.05
CA VAL I 154 0.35 14.75 7.05
C VAL I 154 -0.17 15.07 5.65
N TYR I 155 -1.48 15.32 5.53
CA TYR I 155 -2.05 15.64 4.23
C TYR I 155 -1.53 16.97 3.71
N ASN I 156 -1.50 18.00 4.56
CA ASN I 156 -0.97 19.30 4.15
C ASN I 156 0.55 19.33 4.13
N GLY I 157 1.22 18.32 4.65
CA GLY I 157 2.67 18.35 4.74
C GLY I 157 3.19 19.47 5.63
N ASP I 158 2.45 19.83 6.67
CA ASP I 158 2.81 20.94 7.54
C ASP I 158 3.87 20.45 8.54
N GLU I 159 5.12 20.87 8.33
CA GLU I 159 6.20 20.46 9.23
C GLU I 159 6.01 21.07 10.63
N ASP I 160 5.58 22.33 10.69
CA ASP I 160 5.46 23.00 11.98
C ASP I 160 4.25 22.49 12.77
N LEU I 161 3.18 22.11 12.08
CA LEU I 161 2.01 21.59 12.78
C LEU I 161 2.28 20.23 13.39
N ALA I 162 2.93 19.34 12.62
CA ALA I 162 3.27 18.02 13.15
C ALA I 162 4.28 18.13 14.28
N GLU I 163 5.09 19.20 14.30
CA GLU I 163 6.02 19.40 15.39
C GLU I 163 5.30 19.84 16.66
N ILE I 164 4.20 20.59 16.53
CA ILE I 164 3.42 20.98 17.69
C ILE I 164 2.68 19.79 18.27
N LEU I 165 2.16 18.90 17.41
CA LEU I 165 1.37 17.79 17.89
C LEU I 165 2.22 16.74 18.59
N GLN I 166 3.44 16.52 18.10
CA GLN I 166 4.30 15.50 18.70
C GLN I 166 4.80 15.90 20.08
N LYS I 167 4.80 17.19 20.40
CA LYS I 167 5.25 17.68 21.71
C LYS I 167 4.14 17.65 22.76
N LEU I 168 3.12 16.81 22.58
CA LEU I 168 2.03 16.71 23.53
C LEU I 168 2.15 15.45 24.38
N SER J 12 -10.16 16.30 -35.67
CA SER J 12 -9.40 15.11 -36.03
C SER J 12 -8.49 15.40 -37.23
N ASP J 13 -8.93 15.00 -38.42
CA ASP J 13 -8.14 15.24 -39.62
C ASP J 13 -8.27 16.69 -40.09
N LEU J 14 -9.46 17.26 -39.98
CA LEU J 14 -9.62 18.68 -40.29
C LEU J 14 -8.99 19.56 -39.23
N GLY J 15 -9.07 19.14 -37.96
CA GLY J 15 -8.45 19.91 -36.89
C GLY J 15 -6.94 19.93 -36.96
N LYS J 16 -6.33 18.84 -37.45
CA LYS J 16 -4.89 18.81 -37.60
C LYS J 16 -4.43 19.84 -38.63
N LYS J 17 -5.15 19.95 -39.75
CA LYS J 17 -4.80 20.94 -40.76
C LYS J 17 -5.05 22.36 -40.28
N LEU J 18 -6.05 22.54 -39.40
CA LEU J 18 -6.29 23.87 -38.84
C LEU J 18 -5.19 24.28 -37.88
N LEU J 19 -4.60 23.31 -37.16
CA LEU J 19 -3.46 23.62 -36.30
C LEU J 19 -2.24 24.01 -37.12
N GLU J 20 -1.97 23.28 -38.21
CA GLU J 20 -0.84 23.60 -39.05
C GLU J 20 -1.04 24.90 -39.82
N ALA J 21 -2.31 25.26 -40.09
CA ALA J 21 -2.58 26.52 -40.76
C ALA J 21 -2.40 27.70 -39.81
N ALA J 22 -2.89 27.57 -38.58
CA ALA J 22 -2.72 28.64 -37.60
C ALA J 22 -1.26 28.80 -37.20
N ARG J 23 -0.50 27.71 -37.15
CA ARG J 23 0.92 27.80 -36.85
C ARG J 23 1.68 28.51 -37.94
N ALA J 24 1.24 28.37 -39.20
CA ALA J 24 1.88 29.03 -40.32
C ALA J 24 1.35 30.44 -40.57
N GLY J 25 0.24 30.81 -39.95
CA GLY J 25 -0.31 32.14 -40.13
C GLY J 25 -1.00 32.36 -41.46
N GLN J 26 -1.71 31.36 -41.95
CA GLN J 26 -2.41 31.44 -43.23
C GLN J 26 -3.89 31.68 -42.92
N ASP J 27 -4.25 32.96 -42.72
CA ASP J 27 -5.62 33.29 -42.36
C ASP J 27 -6.60 32.93 -43.48
N ASP J 28 -6.14 32.94 -44.74
CA ASP J 28 -6.99 32.51 -45.83
C ASP J 28 -7.29 31.01 -45.73
N GLU J 29 -6.28 30.21 -45.39
CA GLU J 29 -6.49 28.78 -45.22
C GLU J 29 -7.32 28.48 -43.98
N VAL J 30 -7.23 29.32 -42.96
CA VAL J 30 -8.02 29.12 -41.74
C VAL J 30 -9.51 29.31 -42.03
N ARG J 31 -9.85 30.39 -42.76
CA ARG J 31 -11.25 30.65 -43.06
C ARG J 31 -11.85 29.53 -43.90
N ILE J 32 -11.07 28.97 -44.82
CA ILE J 32 -11.57 27.87 -45.67
C ILE J 32 -11.88 26.65 -44.82
N LEU J 33 -11.00 26.34 -43.86
CA LEU J 33 -11.26 25.21 -42.98
C LEU J 33 -12.40 25.50 -42.01
N MET J 34 -12.66 26.77 -41.72
CA MET J 34 -13.78 27.13 -40.84
C MET J 34 -15.10 26.79 -41.50
N ALA J 35 -15.30 27.24 -42.74
CA ALA J 35 -16.54 26.96 -43.44
C ALA J 35 -16.71 25.47 -43.70
N ASN J 36 -15.60 24.72 -43.75
CA ASN J 36 -15.66 23.28 -43.94
C ASN J 36 -16.12 22.55 -42.69
N GLY J 37 -16.20 23.23 -41.55
CA GLY J 37 -16.65 22.62 -40.32
C GLY J 37 -15.57 22.11 -39.39
N ALA J 38 -14.36 22.65 -39.47
CA ALA J 38 -13.28 22.18 -38.61
C ALA J 38 -13.51 22.63 -37.17
N ASP J 39 -13.01 21.83 -36.23
CA ASP J 39 -13.15 22.14 -34.82
C ASP J 39 -12.24 23.31 -34.46
N VAL J 40 -12.83 24.42 -34.03
CA VAL J 40 -12.04 25.61 -33.72
C VAL J 40 -11.15 25.38 -32.51
N ASN J 41 -11.52 24.46 -31.63
CA ASN J 41 -10.78 24.20 -30.40
C ASN J 41 -10.06 22.85 -30.43
N ALA J 42 -9.61 22.42 -31.61
CA ALA J 42 -8.80 21.22 -31.71
C ALA J 42 -7.45 21.43 -31.05
N LYS J 43 -6.92 20.36 -30.44
CA LYS J 43 -5.69 20.43 -29.67
C LYS J 43 -4.63 19.52 -30.28
N ASP J 44 -3.38 19.93 -30.11
CA ASP J 44 -2.25 19.16 -30.62
C ASP J 44 -1.74 18.23 -29.53
N SER J 45 -0.47 17.84 -29.58
CA SER J 45 0.08 16.92 -28.60
C SER J 45 0.22 17.59 -27.23
N ARG J 46 0.38 18.91 -27.19
CA ARG J 46 0.52 19.65 -25.95
C ARG J 46 -0.76 20.38 -25.55
N GLY J 47 -1.89 20.02 -26.15
CA GLY J 47 -3.16 20.60 -25.79
C GLY J 47 -3.35 22.04 -26.21
N LYS J 48 -2.63 22.50 -27.23
CA LYS J 48 -2.73 23.88 -27.69
C LYS J 48 -3.75 23.98 -28.82
N THR J 49 -4.65 24.95 -28.70
CA THR J 49 -5.66 25.21 -29.72
C THR J 49 -5.07 26.06 -30.83
N PRO J 50 -5.78 26.20 -31.96
CA PRO J 50 -5.31 27.15 -32.98
C PRO J 50 -5.18 28.56 -32.45
N LEU J 51 -5.97 28.94 -31.44
CA LEU J 51 -5.82 30.24 -30.83
C LEU J 51 -4.52 30.33 -30.03
N HIS J 52 -4.07 29.21 -29.45
CA HIS J 52 -2.77 29.18 -28.78
C HIS J 52 -1.65 29.47 -29.78
N LEU J 53 -1.67 28.80 -30.93
CA LEU J 53 -0.61 28.97 -31.91
C LEU J 53 -0.64 30.37 -32.53
N ALA J 54 -1.84 30.89 -32.80
CA ALA J 54 -1.94 32.23 -33.36
C ALA J 54 -1.42 33.27 -32.36
N ALA J 55 -1.67 33.06 -31.07
CA ALA J 55 -1.14 33.95 -30.05
C ALA J 55 0.35 33.71 -29.79
N ASP J 56 0.81 32.47 -29.93
CA ASP J 56 2.21 32.17 -29.65
C ASP J 56 3.12 32.80 -30.69
N TYR J 57 2.71 32.78 -31.95
CA TYR J 57 3.54 33.29 -33.05
C TYR J 57 3.26 34.73 -33.42
N GLY J 58 2.21 35.34 -32.85
CA GLY J 58 1.93 36.74 -33.13
C GLY J 58 1.11 36.98 -34.37
N TYR J 59 0.26 36.03 -34.77
CA TYR J 59 -0.59 36.17 -35.95
C TYR J 59 -1.91 36.79 -35.50
N LEU J 60 -1.99 38.12 -35.61
CA LEU J 60 -3.17 38.84 -35.13
C LEU J 60 -4.39 38.53 -35.98
N GLU J 61 -4.24 38.52 -37.31
CA GLU J 61 -5.39 38.33 -38.18
C GLU J 61 -5.96 36.92 -38.05
N VAL J 62 -5.11 35.93 -37.77
CA VAL J 62 -5.60 34.57 -37.56
C VAL J 62 -6.36 34.47 -36.26
N ALA J 63 -5.89 35.15 -35.21
CA ALA J 63 -6.55 35.09 -33.91
C ALA J 63 -7.93 35.74 -33.96
N GLU J 64 -8.06 36.84 -34.70
CA GLU J 64 -9.35 37.52 -34.79
C GLU J 64 -10.37 36.66 -35.54
N VAL J 65 -9.93 35.92 -36.56
CA VAL J 65 -10.84 35.04 -37.27
C VAL J 65 -11.29 33.89 -36.39
N LEU J 66 -10.36 33.31 -35.63
CA LEU J 66 -10.70 32.22 -34.72
C LEU J 66 -11.70 32.69 -33.65
N LEU J 67 -11.45 33.87 -33.08
CA LEU J 67 -12.32 34.37 -32.01
C LEU J 67 -13.72 34.67 -32.51
N LYS J 68 -13.83 35.17 -33.76
CA LYS J 68 -15.15 35.44 -34.32
C LYS J 68 -15.92 34.16 -34.63
N HIS J 69 -15.23 33.03 -34.78
CA HIS J 69 -15.87 31.75 -35.05
C HIS J 69 -15.98 30.88 -33.81
N GLY J 70 -15.95 31.48 -32.62
CA GLY J 70 -16.21 30.74 -31.41
C GLY J 70 -15.01 30.07 -30.77
N ALA J 71 -13.83 30.66 -30.86
CA ALA J 71 -12.66 30.07 -30.21
C ALA J 71 -12.72 30.27 -28.71
N ASP J 72 -12.32 29.25 -27.96
CA ASP J 72 -12.27 29.35 -26.50
C ASP J 72 -11.12 30.25 -26.10
N VAL J 73 -11.44 31.48 -25.69
CA VAL J 73 -10.41 32.45 -25.36
C VAL J 73 -9.65 32.08 -24.09
N ASN J 74 -10.22 31.22 -23.25
CA ASN J 74 -9.60 30.81 -21.99
C ASN J 74 -9.24 29.32 -22.01
N ALA J 75 -8.88 28.79 -23.17
CA ALA J 75 -8.49 27.40 -23.27
C ALA J 75 -7.11 27.18 -22.66
N HIS J 76 -6.96 26.08 -21.93
CA HIS J 76 -5.70 25.73 -21.28
C HIS J 76 -5.06 24.56 -22.00
N ASP J 77 -3.73 24.60 -22.12
CA ASP J 77 -2.97 23.49 -22.66
C ASP J 77 -2.69 22.48 -21.55
N VAL J 78 -1.86 21.47 -21.83
CA VAL J 78 -1.54 20.46 -20.83
C VAL J 78 -0.69 21.02 -19.69
N TYR J 79 -0.16 22.23 -19.84
CA TYR J 79 0.60 22.89 -18.78
C TYR J 79 -0.17 24.05 -18.17
N GLY J 80 -1.44 24.20 -18.50
CA GLY J 80 -2.28 25.23 -17.92
C GLY J 80 -2.16 26.60 -18.57
N ASP J 81 -1.40 26.75 -19.64
CA ASP J 81 -1.20 28.05 -20.27
C ASP J 81 -2.37 28.37 -21.19
N THR J 82 -2.90 29.57 -21.06
CA THR J 82 -3.91 30.09 -21.97
C THR J 82 -3.25 30.81 -23.13
N PRO J 83 -3.99 31.13 -24.19
CA PRO J 83 -3.41 31.96 -25.26
C PRO J 83 -2.88 33.29 -24.75
N LEU J 84 -3.45 33.83 -23.67
CA LEU J 84 -2.93 35.06 -23.10
C LEU J 84 -1.59 34.84 -22.41
N HIS J 85 -1.38 33.65 -21.84
CA HIS J 85 -0.07 33.34 -21.26
C HIS J 85 1.02 33.37 -22.31
N LEU J 86 0.72 32.88 -23.52
CA LEU J 86 1.75 32.81 -24.57
C LEU J 86 2.06 34.20 -25.12
N THR J 87 1.04 35.04 -25.30
CA THR J 87 1.27 36.38 -25.83
C THR J 87 2.06 37.23 -24.84
N ALA J 88 1.75 37.12 -23.55
CA ALA J 88 2.47 37.89 -22.54
C ALA J 88 3.94 37.49 -22.45
N THR J 89 4.29 36.29 -22.92
CA THR J 89 5.68 35.85 -22.87
C THR J 89 6.48 36.41 -24.05
N TRP J 90 5.89 36.41 -25.25
CA TRP J 90 6.59 36.85 -26.44
C TRP J 90 6.42 38.33 -26.74
N GLY J 91 5.57 39.03 -26.00
CA GLY J 91 5.44 40.46 -26.17
C GLY J 91 4.55 40.91 -27.30
N HIS J 92 3.54 40.13 -27.66
CA HIS J 92 2.60 40.50 -28.72
C HIS J 92 1.49 41.34 -28.10
N LEU J 93 1.71 42.66 -28.09
CA LEU J 93 0.81 43.56 -27.38
C LEU J 93 -0.57 43.62 -28.05
N GLU J 94 -0.61 43.61 -29.38
CA GLU J 94 -1.89 43.76 -30.07
C GLU J 94 -2.82 42.58 -29.80
N ILE J 95 -2.27 41.36 -29.76
CA ILE J 95 -3.10 40.19 -29.50
C ILE J 95 -3.53 40.16 -28.04
N VAL J 96 -2.72 40.72 -27.14
CA VAL J 96 -3.10 40.81 -25.73
C VAL J 96 -4.38 41.60 -25.58
N GLU J 97 -4.46 42.75 -26.26
CA GLU J 97 -5.67 43.56 -26.18
C GLU J 97 -6.85 42.88 -26.86
N VAL J 98 -6.61 42.18 -27.97
CA VAL J 98 -7.69 41.49 -28.65
C VAL J 98 -8.23 40.35 -27.79
N LEU J 99 -7.35 39.61 -27.12
CA LEU J 99 -7.79 38.54 -26.23
C LEU J 99 -8.60 39.10 -25.06
N LEU J 100 -8.09 40.16 -24.43
CA LEU J 100 -8.78 40.76 -23.29
C LEU J 100 -10.12 41.34 -23.68
N LYS J 101 -10.25 41.84 -24.92
CA LYS J 101 -11.54 42.36 -25.37
C LYS J 101 -12.54 41.24 -25.64
N ASN J 102 -12.06 40.03 -25.93
CA ASN J 102 -12.92 38.90 -26.19
C ASN J 102 -13.09 38.00 -24.95
N GLY J 103 -12.82 38.52 -23.76
CA GLY J 103 -13.10 37.80 -22.54
C GLY J 103 -12.00 36.94 -22.00
N ALA J 104 -10.73 37.26 -22.30
CA ALA J 104 -9.63 36.50 -21.75
C ALA J 104 -9.46 36.84 -20.27
N ASP J 105 -9.34 35.80 -19.44
CA ASP J 105 -9.18 36.00 -18.00
C ASP J 105 -7.78 36.49 -17.72
N ALA J 106 -7.67 37.72 -17.19
CA ALA J 106 -6.37 38.29 -16.90
C ALA J 106 -5.67 37.59 -15.74
N ASN J 107 -6.42 36.85 -14.92
CA ASN J 107 -5.85 36.12 -13.79
C ASN J 107 -5.84 34.61 -14.03
N ALA J 108 -5.80 34.19 -15.29
CA ALA J 108 -5.61 32.78 -15.60
C ALA J 108 -4.27 32.30 -15.06
N ILE J 109 -4.23 31.05 -14.63
CA ILE J 109 -3.07 30.51 -13.94
C ILE J 109 -2.72 29.16 -14.55
N ASP J 110 -1.43 28.95 -14.81
CA ASP J 110 -0.93 27.70 -15.38
C ASP J 110 -0.49 26.75 -14.27
N PHE J 111 0.21 25.69 -14.64
CA PHE J 111 0.63 24.69 -13.66
C PHE J 111 1.72 25.20 -12.72
N PHE J 112 2.45 26.24 -13.11
CA PHE J 112 3.48 26.83 -12.28
C PHE J 112 2.96 27.91 -11.34
N GLY J 113 1.65 28.19 -11.38
CA GLY J 113 1.09 29.25 -10.58
C GLY J 113 1.18 30.63 -11.19
N TRP J 114 1.60 30.73 -12.45
CA TRP J 114 1.84 32.01 -13.08
C TRP J 114 0.57 32.57 -13.73
N THR J 115 0.32 33.85 -13.51
CA THR J 115 -0.63 34.61 -14.30
C THR J 115 0.05 35.17 -15.52
N PRO J 116 -0.70 35.65 -16.51
CA PRO J 116 -0.08 36.39 -17.61
C PRO J 116 0.72 37.60 -17.12
N LEU J 117 0.42 38.12 -15.94
CA LEU J 117 1.20 39.22 -15.38
C LEU J 117 2.58 38.75 -14.92
N HIS J 118 2.68 37.51 -14.44
CA HIS J 118 3.98 36.98 -14.05
C HIS J 118 4.90 36.87 -15.27
N LEU J 119 4.40 36.28 -16.36
CA LEU J 119 5.22 36.08 -17.54
C LEU J 119 5.60 37.41 -18.19
N ALA J 120 4.67 38.37 -18.22
CA ALA J 120 4.97 39.67 -18.79
C ALA J 120 6.00 40.42 -17.97
N ALA J 121 5.98 40.24 -16.64
CA ALA J 121 6.97 40.88 -15.78
C ALA J 121 8.32 40.19 -15.88
N TYR J 122 8.34 38.86 -16.05
CA TYR J 122 9.59 38.14 -16.18
C TYR J 122 10.36 38.56 -17.42
N PHE J 123 9.66 38.75 -18.54
CA PHE J 123 10.29 39.06 -19.81
C PHE J 123 10.26 40.56 -20.12
N GLY J 124 10.01 41.40 -19.12
CA GLY J 124 10.15 42.83 -19.28
C GLY J 124 9.21 43.47 -20.27
N HIS J 125 8.01 42.91 -20.45
CA HIS J 125 7.01 43.46 -21.35
C HIS J 125 6.12 44.41 -20.55
N LEU J 126 6.65 45.62 -20.32
CA LEU J 126 5.97 46.58 -19.44
C LEU J 126 4.66 47.06 -20.05
N GLU J 127 4.61 47.21 -21.37
CA GLU J 127 3.39 47.66 -22.02
C GLU J 127 2.26 46.66 -21.82
N ILE J 128 2.58 45.37 -21.88
CA ILE J 128 1.57 44.34 -21.61
C ILE J 128 1.19 44.34 -20.14
N VAL J 129 2.15 44.64 -19.26
CA VAL J 129 1.86 44.66 -17.82
C VAL J 129 0.79 45.70 -17.51
N GLU J 130 0.94 46.91 -18.05
CA GLU J 130 -0.02 47.96 -17.77
C GLU J 130 -1.39 47.66 -18.36
N VAL J 131 -1.44 46.97 -19.49
CA VAL J 131 -2.72 46.57 -20.06
C VAL J 131 -3.37 45.49 -19.21
N LEU J 132 -2.58 44.54 -18.72
CA LEU J 132 -3.12 43.50 -17.85
C LEU J 132 -3.63 44.11 -16.55
N LEU J 133 -2.90 45.07 -15.98
CA LEU J 133 -3.37 45.74 -14.78
C LEU J 133 -4.66 46.51 -15.03
N LYS J 134 -4.83 47.07 -16.23
CA LYS J 134 -6.06 47.77 -16.57
C LYS J 134 -7.24 46.82 -16.59
N TYR J 135 -7.03 45.56 -16.98
CA TYR J 135 -8.10 44.57 -17.05
C TYR J 135 -8.22 43.74 -15.79
N GLY J 136 -7.59 44.16 -14.69
CA GLY J 136 -7.83 43.55 -13.41
C GLY J 136 -6.86 42.46 -12.99
N ALA J 137 -5.62 42.51 -13.47
CA ALA J 137 -4.63 41.53 -13.05
C ALA J 137 -4.21 41.80 -11.60
N ASP J 138 -4.27 40.75 -10.77
CA ASP J 138 -3.95 40.89 -9.35
C ASP J 138 -2.43 40.88 -9.16
N VAL J 139 -1.90 41.94 -8.57
CA VAL J 139 -0.46 42.01 -8.32
C VAL J 139 -0.05 41.14 -7.15
N ASN J 140 -0.98 40.80 -6.26
CA ASN J 140 -0.68 40.03 -5.06
C ASN J 140 -0.75 38.53 -5.30
N ALA J 141 -0.98 38.10 -6.54
CA ALA J 141 -1.07 36.68 -6.83
C ALA J 141 0.31 36.04 -6.75
N GLN J 142 0.41 34.94 -6.02
CA GLN J 142 1.66 34.21 -5.85
C GLN J 142 1.64 32.96 -6.71
N ASP J 143 2.80 32.65 -7.31
CA ASP J 143 2.95 31.40 -8.04
C ASP J 143 3.24 30.27 -7.03
N LYS J 144 3.50 29.08 -7.54
CA LYS J 144 3.80 27.96 -6.65
C LYS J 144 5.18 28.07 -6.00
N PHE J 145 5.87 29.19 -6.19
CA PHE J 145 7.13 29.47 -5.52
C PHE J 145 7.05 30.68 -4.61
N GLY J 146 5.85 31.18 -4.33
CA GLY J 146 5.68 32.32 -3.46
C GLY J 146 6.10 33.65 -4.06
N LYS J 147 6.14 33.75 -5.38
CA LYS J 147 6.65 34.93 -6.06
C LYS J 147 5.50 35.75 -6.61
N THR J 148 5.49 37.05 -6.32
CA THR J 148 4.58 37.99 -6.93
C THR J 148 5.34 38.80 -7.99
N VAL J 149 4.63 39.74 -8.61
CA VAL J 149 5.28 40.63 -9.57
C VAL J 149 6.30 41.52 -8.88
N PHE J 150 6.06 41.85 -7.61
CA PHE J 150 7.04 42.63 -6.85
C PHE J 150 8.34 41.85 -6.68
N ASP J 151 8.23 40.54 -6.43
CA ASP J 151 9.44 39.72 -6.29
C ASP J 151 10.18 39.60 -7.62
N ILE J 152 9.45 39.63 -8.74
CA ILE J 152 10.10 39.54 -10.05
C ILE J 152 10.92 40.80 -10.33
N SER J 153 10.37 41.97 -9.97
CA SER J 153 11.08 43.22 -10.22
C SER J 153 12.37 43.29 -9.41
N VAL J 154 12.35 42.80 -8.17
CA VAL J 154 13.56 42.79 -7.36
C VAL J 154 14.58 41.81 -7.93
N TYR J 155 14.12 40.63 -8.36
CA TYR J 155 15.03 39.63 -8.91
C TYR J 155 15.64 40.11 -10.22
N ASN J 156 14.81 40.52 -11.17
CA ASN J 156 15.32 41.00 -12.45
C ASN J 156 15.99 42.36 -12.36
N GLY J 157 15.85 43.06 -11.24
CA GLY J 157 16.39 44.40 -11.12
C GLY J 157 15.72 45.40 -12.04
N ASP J 158 14.45 45.17 -12.39
CA ASP J 158 13.73 46.05 -13.31
C ASP J 158 13.24 47.27 -12.54
N GLU J 159 13.97 48.38 -12.67
CA GLU J 159 13.57 49.60 -12.00
C GLU J 159 12.31 50.20 -12.61
N ASP J 160 12.10 50.01 -13.91
CA ASP J 160 10.90 50.54 -14.55
C ASP J 160 9.66 49.75 -14.13
N LEU J 161 9.80 48.44 -13.91
CA LEU J 161 8.67 47.65 -13.46
C LEU J 161 8.29 48.00 -12.03
N ALA J 162 9.28 48.14 -11.14
CA ALA J 162 8.98 48.50 -9.77
C ALA J 162 8.38 49.90 -9.67
N GLU J 163 8.74 50.80 -10.59
CA GLU J 163 8.14 52.12 -10.61
C GLU J 163 6.67 52.06 -10.99
N ILE J 164 6.30 51.13 -11.88
CA ILE J 164 4.90 50.96 -12.23
C ILE J 164 4.13 50.36 -11.05
N LEU J 165 4.77 49.47 -10.29
CA LEU J 165 4.08 48.81 -9.19
C LEU J 165 3.87 49.77 -8.01
N GLN J 166 4.84 50.64 -7.74
CA GLN J 166 4.73 51.53 -6.58
C GLN J 166 3.65 52.58 -6.77
N LYS J 167 3.24 52.87 -8.01
CA LYS J 167 2.20 53.84 -8.29
C LYS J 167 0.79 53.27 -8.12
N LEU J 168 0.65 52.16 -7.38
CA LEU J 168 -0.66 51.56 -7.16
C LEU J 168 -1.08 51.75 -5.70
N ASP K 13 25.49 -10.30 -5.41
CA ASP K 13 25.75 -9.99 -6.81
C ASP K 13 25.84 -8.48 -7.01
N LEU K 14 24.76 -7.77 -6.67
CA LEU K 14 24.78 -6.31 -6.75
C LEU K 14 25.69 -5.70 -5.70
N GLY K 15 25.83 -6.35 -4.54
CA GLY K 15 26.72 -5.83 -3.52
C GLY K 15 28.18 -5.94 -3.88
N LYS K 16 28.56 -6.99 -4.62
CA LYS K 16 29.94 -7.14 -5.04
C LYS K 16 30.33 -6.04 -6.02
N LYS K 17 29.44 -5.72 -6.97
CA LYS K 17 29.75 -4.67 -7.94
C LYS K 17 29.78 -3.30 -7.29
N LEU K 18 29.03 -3.10 -6.19
CA LEU K 18 29.07 -1.84 -5.49
C LEU K 18 30.39 -1.67 -4.72
N LEU K 19 30.94 -2.76 -4.19
CA LEU K 19 32.23 -2.68 -3.52
C LEU K 19 33.34 -2.36 -4.51
N GLU K 20 33.30 -2.96 -5.69
CA GLU K 20 34.33 -2.68 -6.69
C GLU K 20 34.15 -1.30 -7.31
N ALA K 21 32.92 -0.79 -7.34
CA ALA K 21 32.70 0.56 -7.85
C ALA K 21 33.14 1.60 -6.84
N ALA K 22 32.86 1.38 -5.55
CA ALA K 22 33.32 2.31 -4.52
C ALA K 22 34.84 2.27 -4.36
N ARG K 23 35.45 1.10 -4.60
CA ARG K 23 36.90 1.02 -4.54
C ARG K 23 37.56 1.76 -5.70
N ALA K 24 36.90 1.81 -6.85
CA ALA K 24 37.42 2.51 -8.02
C ALA K 24 37.05 3.99 -8.05
N GLY K 25 36.21 4.45 -7.14
CA GLY K 25 35.83 5.86 -7.10
C GLY K 25 34.92 6.28 -8.24
N GLN K 26 33.98 5.43 -8.63
CA GLN K 26 33.04 5.73 -9.71
C GLN K 26 31.70 6.09 -9.07
N ASP K 27 31.55 7.39 -8.75
CA ASP K 27 30.31 7.85 -8.13
C ASP K 27 29.12 7.70 -9.08
N ASP K 28 29.36 7.74 -10.39
CA ASP K 28 28.29 7.51 -11.34
C ASP K 28 27.86 6.04 -11.35
N GLU K 29 28.84 5.13 -11.32
CA GLU K 29 28.52 3.71 -11.26
C GLU K 29 27.92 3.31 -9.93
N VAL K 30 28.14 4.10 -8.88
CA VAL K 30 27.51 3.81 -7.59
C VAL K 30 26.05 4.22 -7.59
N ARG K 31 25.75 5.41 -8.15
CA ARG K 31 24.37 5.90 -8.14
C ARG K 31 23.44 4.96 -8.91
N ILE K 32 23.91 4.43 -10.04
CA ILE K 32 23.06 3.54 -10.84
C ILE K 32 22.83 2.23 -10.09
N LEU K 33 23.79 1.80 -9.26
CA LEU K 33 23.59 0.59 -8.48
C LEU K 33 22.65 0.84 -7.30
N MET K 34 22.67 2.05 -6.74
CA MET K 34 21.74 2.38 -5.66
C MET K 34 20.30 2.39 -6.16
N ALA K 35 20.07 2.90 -7.37
CA ALA K 35 18.72 2.92 -7.92
C ALA K 35 18.24 1.52 -8.27
N ASN K 36 19.16 0.60 -8.52
CA ASN K 36 18.82 -0.80 -8.82
C ASN K 36 18.65 -1.64 -7.56
N GLY K 37 18.69 -1.02 -6.38
CA GLY K 37 18.44 -1.75 -5.15
C GLY K 37 19.61 -2.52 -4.60
N ALA K 38 20.83 -2.01 -4.77
CA ALA K 38 22.00 -2.67 -4.21
C ALA K 38 22.11 -2.37 -2.71
N ASP K 39 22.57 -3.36 -1.96
CA ASP K 39 22.72 -3.19 -0.52
C ASP K 39 23.84 -2.19 -0.22
N VAL K 40 23.50 -1.08 0.43
CA VAL K 40 24.48 -0.05 0.73
C VAL K 40 25.51 -0.56 1.72
N ASN K 41 25.13 -1.50 2.58
CA ASN K 41 26.02 -2.03 3.61
C ASN K 41 26.50 -3.44 3.28
N ALA K 42 26.78 -3.70 2.01
CA ALA K 42 27.37 -4.97 1.61
C ALA K 42 28.83 -5.03 2.01
N LYS K 43 29.28 -6.19 2.47
CA LYS K 43 30.62 -6.35 2.99
C LYS K 43 31.41 -7.35 2.13
N ASP K 44 32.72 -7.13 2.07
CA ASP K 44 33.62 -7.98 1.31
C ASP K 44 34.16 -9.08 2.23
N SER K 45 35.30 -9.68 1.87
CA SER K 45 35.88 -10.73 2.68
C SER K 45 36.40 -10.22 4.02
N ARG K 46 36.73 -8.93 4.12
CA ARG K 46 37.21 -8.34 5.35
C ARG K 46 36.15 -7.49 6.05
N GLY K 47 34.88 -7.67 5.69
CA GLY K 47 33.80 -6.98 6.37
C GLY K 47 33.74 -5.49 6.13
N LYS K 48 34.32 -5.00 5.04
CA LYS K 48 34.32 -3.58 4.75
C LYS K 48 33.14 -3.23 3.84
N THR K 49 32.41 -2.19 4.22
CA THR K 49 31.31 -1.68 3.43
C THR K 49 31.83 -0.76 2.33
N PRO K 50 31.00 -0.40 1.35
CA PRO K 50 31.43 0.60 0.37
C PRO K 50 31.83 1.92 1.01
N LEU K 51 31.25 2.26 2.16
CA LEU K 51 31.69 3.46 2.87
C LEU K 51 33.09 3.30 3.44
N HIS K 52 33.45 2.08 3.85
CA HIS K 52 34.83 1.82 4.27
C HIS K 52 35.81 2.10 3.15
N LEU K 53 35.53 1.58 1.95
CA LEU K 53 36.44 1.74 0.83
C LEU K 53 36.48 3.19 0.35
N ALA K 54 35.31 3.84 0.31
CA ALA K 54 35.27 5.25 -0.10
C ALA K 54 36.08 6.11 0.86
N ALA K 55 36.03 5.79 2.15
CA ALA K 55 36.84 6.51 3.14
C ALA K 55 38.29 6.07 3.11
N ASP K 56 38.55 4.81 2.74
CA ASP K 56 39.91 4.30 2.74
C ASP K 56 40.73 4.91 1.61
N TYR K 57 40.12 5.15 0.46
CA TYR K 57 40.82 5.66 -0.71
C TYR K 57 40.67 7.17 -0.89
N GLY K 58 39.91 7.84 -0.02
CA GLY K 58 39.79 9.28 -0.10
C GLY K 58 38.78 9.79 -1.10
N TYR K 59 37.89 8.93 -1.58
CA TYR K 59 36.86 9.34 -2.54
C TYR K 59 35.72 10.00 -1.78
N LEU K 60 35.66 11.33 -1.84
CA LEU K 60 34.68 12.08 -1.06
C LEU K 60 33.30 12.08 -1.72
N GLU K 61 33.26 12.10 -3.05
CA GLU K 61 31.98 12.23 -3.74
C GLU K 61 31.09 11.02 -3.48
N VAL K 62 31.64 9.81 -3.62
CA VAL K 62 30.84 8.61 -3.41
C VAL K 62 30.50 8.43 -1.94
N ALA K 63 31.38 8.88 -1.04
CA ALA K 63 31.10 8.76 0.39
C ALA K 63 29.86 9.55 0.77
N GLU K 64 29.64 10.70 0.15
CA GLU K 64 28.44 11.49 0.42
C GLU K 64 27.22 10.87 -0.23
N VAL K 65 27.39 10.17 -1.36
CA VAL K 65 26.27 9.50 -2.00
C VAL K 65 25.81 8.31 -1.16
N LEU K 66 26.76 7.55 -0.61
CA LEU K 66 26.40 6.42 0.24
C LEU K 66 25.69 6.90 1.51
N LEU K 67 26.27 7.91 2.17
CA LEU K 67 25.66 8.42 3.40
C LEU K 67 24.28 9.00 3.16
N LYS K 68 24.04 9.56 1.98
CA LYS K 68 22.72 10.11 1.68
C LYS K 68 21.69 9.01 1.51
N HIS K 69 22.10 7.85 1.00
CA HIS K 69 21.19 6.73 0.78
C HIS K 69 21.14 5.76 1.96
N GLY K 70 21.63 6.18 3.13
CA GLY K 70 21.46 5.38 4.33
C GLY K 70 22.61 4.43 4.62
N ALA K 71 23.84 4.87 4.40
CA ALA K 71 25.00 4.06 4.74
C ALA K 71 25.26 4.11 6.23
N ASP K 72 25.66 2.98 6.80
CA ASP K 72 25.99 2.92 8.22
C ASP K 72 27.33 3.62 8.46
N VAL K 73 27.29 4.81 9.05
CA VAL K 73 28.51 5.57 9.28
C VAL K 73 29.40 4.92 10.33
N ASN K 74 28.83 4.08 11.19
CA ASN K 74 29.57 3.41 12.25
C ASN K 74 29.67 1.91 12.02
N ALA K 75 29.84 1.51 10.76
CA ALA K 75 30.00 0.10 10.44
C ALA K 75 31.39 -0.36 10.82
N HIS K 76 31.49 -1.58 11.33
CA HIS K 76 32.75 -2.17 11.74
C HIS K 76 33.10 -3.35 10.83
N ASP K 77 34.38 -3.48 10.51
CA ASP K 77 34.85 -4.60 9.71
C ASP K 77 35.22 -5.76 10.64
N VAL K 78 35.94 -6.75 10.11
CA VAL K 78 36.34 -7.90 10.92
C VAL K 78 37.29 -7.49 12.02
N TYR K 79 38.08 -6.44 11.80
CA TYR K 79 39.05 -5.96 12.78
C TYR K 79 38.53 -4.79 13.61
N GLY K 80 37.23 -4.51 13.54
CA GLY K 80 36.64 -3.46 14.36
C GLY K 80 36.84 -2.06 13.87
N ASP K 81 37.39 -1.87 12.67
CA ASP K 81 37.64 -0.52 12.16
C ASP K 81 36.38 0.06 11.52
N THR K 82 36.12 1.31 11.84
CA THR K 82 35.02 2.07 11.24
C THR K 82 35.53 2.86 10.05
N PRO K 83 34.63 3.39 9.22
CA PRO K 83 35.09 4.31 8.16
C PRO K 83 35.88 5.50 8.68
N LEU K 84 35.62 5.92 9.93
CA LEU K 84 36.41 6.99 10.52
C LEU K 84 37.81 6.52 10.89
N HIS K 85 37.97 5.24 11.25
CA HIS K 85 39.30 4.71 11.54
C HIS K 85 40.20 4.76 10.32
N LEU K 86 39.64 4.47 9.14
CA LEU K 86 40.45 4.40 7.93
C LEU K 86 40.84 5.78 7.43
N THR K 87 39.93 6.76 7.53
CA THR K 87 40.26 8.11 7.08
C THR K 87 41.33 8.75 7.96
N ALA K 88 41.27 8.53 9.27
CA ALA K 88 42.28 9.08 10.16
C ALA K 88 43.65 8.48 9.89
N THR K 89 43.70 7.28 9.32
CA THR K 89 44.99 6.66 9.01
C THR K 89 45.61 7.26 7.76
N TRP K 90 44.82 7.49 6.71
CA TRP K 90 45.33 7.98 5.44
C TRP K 90 45.29 9.50 5.32
N GLY K 91 44.79 10.20 6.33
CA GLY K 91 44.84 11.65 6.33
C GLY K 91 43.88 12.33 5.38
N HIS K 92 42.68 11.77 5.20
CA HIS K 92 41.65 12.39 4.36
C HIS K 92 40.79 13.28 5.25
N LEU K 93 41.17 14.55 5.34
CA LEU K 93 40.53 15.46 6.29
C LEU K 93 39.09 15.76 5.90
N GLU K 94 38.81 15.88 4.61
CA GLU K 94 37.47 16.26 4.17
C GLU K 94 36.45 15.19 4.53
N ILE K 95 36.83 13.91 4.39
CA ILE K 95 35.90 12.84 4.71
C ILE K 95 35.73 12.70 6.23
N VAL K 96 36.77 13.03 6.99
CA VAL K 96 36.66 12.98 8.45
C VAL K 96 35.56 13.91 8.94
N GLU K 97 35.49 15.11 8.36
CA GLU K 97 34.43 16.04 8.76
C GLU K 97 33.06 15.55 8.30
N VAL K 98 32.98 15.02 7.08
CA VAL K 98 31.69 14.54 6.57
C VAL K 98 31.18 13.38 7.42
N LEU K 99 32.08 12.49 7.84
CA LEU K 99 31.67 11.38 8.68
C LEU K 99 31.18 11.87 10.04
N LEU K 100 31.93 12.77 10.68
CA LEU K 100 31.54 13.29 11.98
C LEU K 100 30.25 14.08 11.91
N LYS K 101 29.98 14.74 10.78
CA LYS K 101 28.71 15.44 10.62
C LYS K 101 27.55 14.48 10.50
N ASN K 102 27.77 13.29 9.96
CA ASN K 102 26.74 12.27 9.82
C ASN K 102 26.61 11.39 11.05
N GLY K 103 27.20 11.79 12.17
CA GLY K 103 27.05 11.04 13.41
C GLY K 103 28.06 9.94 13.65
N ALA K 104 29.26 10.07 13.10
CA ALA K 104 30.29 9.06 13.34
C ALA K 104 30.79 9.14 14.77
N ASP K 105 31.06 7.98 15.36
CA ASP K 105 31.53 7.90 16.73
C ASP K 105 33.02 8.25 16.76
N ALA K 106 33.37 9.37 17.40
CA ALA K 106 34.74 9.82 17.44
C ALA K 106 35.60 8.97 18.37
N ASN K 107 34.98 8.27 19.33
CA ASN K 107 35.71 7.44 20.28
C ASN K 107 35.53 5.95 20.01
N ALA K 108 35.12 5.59 18.79
CA ALA K 108 34.98 4.19 18.44
C ALA K 108 36.34 3.49 18.47
N ILE K 109 36.33 2.23 18.86
CA ILE K 109 37.55 1.46 19.01
C ILE K 109 37.49 0.26 18.07
N ASP K 110 38.67 -0.24 17.70
CA ASP K 110 38.81 -1.45 16.90
C ASP K 110 39.24 -2.60 17.81
N PHE K 111 39.77 -3.67 17.21
CA PHE K 111 40.22 -4.80 18.01
C PHE K 111 41.56 -4.55 18.69
N PHE K 112 42.25 -3.45 18.37
CA PHE K 112 43.47 -3.07 19.06
C PHE K 112 43.25 -2.01 20.12
N GLY K 113 42.01 -1.58 20.34
CA GLY K 113 41.73 -0.50 21.26
C GLY K 113 42.03 0.87 20.71
N TRP K 114 42.32 1.00 19.43
CA TRP K 114 42.66 2.27 18.83
C TRP K 114 41.40 3.07 18.49
N THR K 115 41.35 4.30 18.96
CA THR K 115 40.35 5.25 18.50
C THR K 115 40.85 5.93 17.23
N PRO K 116 39.97 6.60 16.47
CA PRO K 116 40.47 7.39 15.34
C PRO K 116 41.50 8.43 15.74
N LEU K 117 41.50 8.86 17.00
CA LEU K 117 42.53 9.76 17.48
C LEU K 117 43.88 9.06 17.60
N HIS K 118 43.88 7.77 17.94
CA HIS K 118 45.14 7.02 18.01
C HIS K 118 45.79 6.91 16.64
N LEU K 119 45.00 6.56 15.62
CA LEU K 119 45.55 6.37 14.28
C LEU K 119 45.98 7.70 13.67
N ALA K 120 45.22 8.77 13.91
CA ALA K 120 45.60 10.08 13.40
C ALA K 120 46.85 10.60 14.07
N ALA K 121 47.06 10.27 15.35
CA ALA K 121 48.26 10.71 16.04
C ALA K 121 49.48 9.87 15.65
N TYR K 122 49.27 8.60 15.33
CA TYR K 122 50.39 7.75 14.93
C TYR K 122 50.98 8.20 13.60
N PHE K 123 50.13 8.57 12.65
CA PHE K 123 50.57 8.94 11.31
C PHE K 123 50.71 10.45 11.13
N GLY K 124 50.72 11.21 12.22
CA GLY K 124 51.02 12.62 12.16
C GLY K 124 50.01 13.47 11.41
N HIS K 125 48.74 13.09 11.41
CA HIS K 125 47.69 13.90 10.78
C HIS K 125 47.11 14.84 11.84
N LEU K 126 47.81 15.96 12.03
CA LEU K 126 47.46 16.87 13.12
C LEU K 126 46.14 17.59 12.86
N GLU K 127 45.87 17.94 11.61
CA GLU K 127 44.61 18.61 11.28
C GLU K 127 43.41 17.72 11.59
N ILE K 128 43.58 16.40 11.46
CA ILE K 128 42.51 15.48 11.83
C ILE K 128 42.42 15.34 13.35
N VAL K 129 43.55 15.43 14.05
CA VAL K 129 43.55 15.34 15.50
C VAL K 129 42.71 16.47 16.10
N GLU K 130 42.93 17.70 15.63
CA GLU K 130 42.18 18.83 16.15
C GLU K 130 40.70 18.74 15.80
N VAL K 131 40.37 18.16 14.64
CA VAL K 131 38.96 17.97 14.28
C VAL K 131 38.32 16.92 15.16
N LEU K 132 39.03 15.83 15.43
CA LEU K 132 38.50 14.80 16.32
C LEU K 132 38.33 15.32 17.73
N LEU K 133 39.28 16.16 18.19
CA LEU K 133 39.14 16.77 19.51
C LEU K 133 37.95 17.72 19.57
N LYS K 134 37.64 18.40 18.45
CA LYS K 134 36.49 19.28 18.43
C LYS K 134 35.18 18.51 18.57
N TYR K 135 35.13 17.28 18.07
CA TYR K 135 33.93 16.45 18.13
C TYR K 135 33.93 15.52 19.33
N GLY K 136 34.79 15.74 20.32
CA GLY K 136 34.72 15.02 21.57
C GLY K 136 35.60 13.80 21.70
N ALA K 137 36.78 13.81 21.09
CA ALA K 137 37.70 12.69 21.26
C ALA K 137 38.36 12.75 22.63
N ASP K 138 38.53 11.58 23.25
CA ASP K 138 39.13 11.48 24.58
C ASP K 138 40.64 11.32 24.43
N VAL K 139 41.39 12.29 24.96
CA VAL K 139 42.85 12.21 24.90
C VAL K 139 43.37 11.14 25.84
N ASN K 140 42.65 10.86 26.92
CA ASN K 140 43.07 9.88 27.92
C ASN K 140 42.68 8.46 27.56
N ALA K 141 42.15 8.24 26.35
CA ALA K 141 41.76 6.91 25.94
C ALA K 141 43.00 6.04 25.72
N GLN K 142 43.04 4.89 26.39
CA GLN K 142 44.14 3.97 26.27
C GLN K 142 43.76 2.82 25.34
N ASP K 143 44.72 2.38 24.53
CA ASP K 143 44.52 1.20 23.69
C ASP K 143 44.81 -0.05 24.51
N LYS K 144 44.87 -1.21 23.85
CA LYS K 144 45.12 -2.44 24.59
C LYS K 144 46.58 -2.63 24.96
N PHE K 145 47.37 -1.56 24.79
CA PHE K 145 48.78 -1.56 25.15
C PHE K 145 49.11 -0.42 26.11
N GLY K 146 48.10 0.19 26.71
CA GLY K 146 48.30 1.25 27.68
C GLY K 146 48.77 2.56 27.10
N LYS K 147 48.61 2.77 25.80
CA LYS K 147 49.11 3.96 25.13
C LYS K 147 48.00 4.96 24.91
N THR K 148 48.27 6.22 25.24
CA THR K 148 47.41 7.35 24.94
C THR K 148 48.01 8.14 23.79
N VAL K 149 47.34 9.24 23.42
CA VAL K 149 47.89 10.14 22.42
C VAL K 149 49.15 10.82 22.96
N PHE K 150 49.23 11.03 24.28
CA PHE K 150 50.45 11.57 24.86
C PHE K 150 51.62 10.61 24.68
N ASP K 151 51.38 9.31 24.89
CA ASP K 151 52.44 8.33 24.69
C ASP K 151 52.89 8.27 23.24
N ILE K 152 51.97 8.54 22.30
CA ILE K 152 52.33 8.49 20.87
C ILE K 152 53.24 9.66 20.51
N SER K 153 52.96 10.84 21.05
CA SER K 153 53.77 12.01 20.73
C SER K 153 55.19 11.87 21.27
N VAL K 154 55.36 11.23 22.42
CA VAL K 154 56.70 10.98 22.95
C VAL K 154 57.43 9.96 22.09
N TYR K 155 56.74 8.90 21.68
CA TYR K 155 57.37 7.86 20.89
C TYR K 155 57.77 8.39 19.51
N ASN K 156 56.83 9.03 18.81
CA ASN K 156 57.15 9.57 17.50
C ASN K 156 58.01 10.83 17.56
N GLY K 157 58.21 11.40 18.74
CA GLY K 157 58.93 12.65 18.85
C GLY K 157 58.24 13.81 18.17
N ASP K 158 56.92 13.75 18.04
CA ASP K 158 56.15 14.78 17.35
C ASP K 158 56.06 16.01 18.24
N GLU K 159 56.84 17.05 17.90
CA GLU K 159 56.82 18.28 18.68
C GLU K 159 55.49 19.01 18.55
N ASP K 160 54.94 19.06 17.33
CA ASP K 160 53.72 19.80 17.11
C ASP K 160 52.51 19.10 17.73
N LEU K 161 52.50 17.77 17.75
CA LEU K 161 51.40 17.04 18.37
C LEU K 161 51.40 17.24 19.88
N ALA K 162 52.58 17.19 20.51
CA ALA K 162 52.66 17.41 21.94
C ALA K 162 52.28 18.84 22.32
N GLU K 163 52.51 19.80 21.41
CA GLU K 163 52.11 21.18 21.68
C GLU K 163 50.60 21.36 21.64
N ILE K 164 49.90 20.53 20.85
CA ILE K 164 48.45 20.62 20.79
C ILE K 164 47.82 20.07 22.07
N LEU K 165 48.41 19.02 22.64
CA LEU K 165 47.88 18.33 23.81
C LEU K 165 47.98 19.14 25.11
N GLN K 166 48.15 20.46 25.05
CA GLN K 166 48.20 21.27 26.26
C GLN K 166 46.81 21.43 26.86
N ASP L 13 43.58 -3.90 -19.24
CA ASP L 13 42.34 -4.66 -19.29
C ASP L 13 42.53 -6.02 -18.63
N LEU L 14 43.50 -6.78 -19.14
CA LEU L 14 43.81 -8.07 -18.53
C LEU L 14 44.48 -7.91 -17.17
N GLY L 15 45.21 -6.81 -16.96
CA GLY L 15 45.82 -6.59 -15.67
C GLY L 15 44.83 -6.24 -14.58
N LYS L 16 43.75 -5.55 -14.93
CA LYS L 16 42.72 -5.23 -13.95
C LYS L 16 42.02 -6.49 -13.45
N LYS L 17 41.69 -7.40 -14.36
CA LYS L 17 41.00 -8.63 -13.97
C LYS L 17 41.90 -9.54 -13.14
N LEU L 18 43.21 -9.51 -13.39
CA LEU L 18 44.13 -10.30 -12.59
C LEU L 18 44.26 -9.77 -11.17
N LEU L 19 44.18 -8.44 -11.00
CA LEU L 19 44.19 -7.87 -9.66
C LEU L 19 42.95 -8.25 -8.88
N GLU L 20 41.78 -8.21 -9.52
CA GLU L 20 40.54 -8.60 -8.85
C GLU L 20 40.49 -10.10 -8.61
N ALA L 21 41.16 -10.89 -9.45
CA ALA L 21 41.21 -12.33 -9.23
C ALA L 21 42.13 -12.68 -8.07
N ALA L 22 43.30 -12.05 -8.00
CA ALA L 22 44.21 -12.29 -6.88
C ALA L 22 43.62 -11.78 -5.57
N ARG L 23 42.83 -10.70 -5.62
CA ARG L 23 42.18 -10.21 -4.42
C ARG L 23 41.11 -11.17 -3.92
N ALA L 24 40.45 -11.88 -4.84
CA ALA L 24 39.41 -12.84 -4.48
C ALA L 24 39.94 -14.21 -4.13
N GLY L 25 41.23 -14.48 -4.37
CA GLY L 25 41.79 -15.77 -4.06
C GLY L 25 41.42 -16.87 -5.02
N GLN L 26 41.12 -16.54 -6.28
CA GLN L 26 40.76 -17.52 -7.28
C GLN L 26 42.01 -17.89 -8.07
N ASP L 27 42.76 -18.86 -7.51
CA ASP L 27 43.99 -19.31 -8.16
C ASP L 27 43.70 -20.00 -9.50
N ASP L 28 42.51 -20.58 -9.64
CA ASP L 28 42.15 -21.18 -10.92
C ASP L 28 41.93 -20.10 -11.98
N GLU L 29 41.30 -18.99 -11.60
CA GLU L 29 41.13 -17.88 -12.54
C GLU L 29 42.45 -17.20 -12.83
N VAL L 30 43.39 -17.22 -11.89
CA VAL L 30 44.69 -16.60 -12.12
C VAL L 30 45.46 -17.35 -13.19
N ARG L 31 45.48 -18.69 -13.11
CA ARG L 31 46.20 -19.48 -14.10
C ARG L 31 45.67 -19.27 -15.51
N ILE L 32 44.36 -19.04 -15.64
CA ILE L 32 43.77 -18.81 -16.96
C ILE L 32 44.25 -17.48 -17.53
N LEU L 33 44.22 -16.44 -16.72
CA LEU L 33 44.70 -15.12 -17.18
C LEU L 33 46.19 -15.13 -17.45
N MET L 34 46.95 -15.97 -16.74
CA MET L 34 48.39 -16.08 -16.99
C MET L 34 48.64 -16.61 -18.39
N ALA L 35 47.97 -17.70 -18.77
CA ALA L 35 48.16 -18.27 -20.09
C ALA L 35 47.66 -17.35 -21.19
N ASN L 36 46.78 -16.40 -20.87
CA ASN L 36 46.28 -15.45 -21.86
C ASN L 36 47.21 -14.27 -22.06
N GLY L 37 48.31 -14.18 -21.31
CA GLY L 37 49.27 -13.12 -21.48
C GLY L 37 49.09 -11.92 -20.58
N ALA L 38 48.43 -12.09 -19.43
CA ALA L 38 48.23 -10.96 -18.52
C ALA L 38 49.54 -10.56 -17.86
N ASP L 39 49.67 -9.26 -17.59
CA ASP L 39 50.87 -8.74 -16.95
C ASP L 39 50.88 -9.12 -15.48
N VAL L 40 51.85 -9.95 -15.09
CA VAL L 40 51.95 -10.41 -13.71
C VAL L 40 52.28 -9.28 -12.75
N ASN L 41 52.92 -8.21 -13.23
CA ASN L 41 53.32 -7.09 -12.39
C ASN L 41 52.42 -5.88 -12.57
N ALA L 42 51.14 -6.10 -12.88
CA ALA L 42 50.20 -5.00 -13.03
C ALA L 42 49.91 -4.37 -11.67
N LYS L 43 49.84 -3.04 -11.65
CA LYS L 43 49.65 -2.28 -10.42
C LYS L 43 48.28 -1.60 -10.43
N ASP L 44 47.68 -1.50 -9.25
CA ASP L 44 46.37 -0.88 -9.10
C ASP L 44 46.56 0.61 -8.79
N SER L 45 45.55 1.23 -8.16
CA SER L 45 45.63 2.65 -7.85
C SER L 45 46.71 2.96 -6.82
N ARG L 46 47.04 2.00 -5.96
CA ARG L 46 48.06 2.18 -4.94
C ARG L 46 49.36 1.46 -5.28
N GLY L 47 49.54 1.10 -6.55
CA GLY L 47 50.80 0.48 -6.98
C GLY L 47 51.02 -0.94 -6.51
N LYS L 48 49.96 -1.64 -6.11
CA LYS L 48 50.10 -3.00 -5.60
C LYS L 48 49.95 -4.00 -6.74
N THR L 49 50.86 -4.96 -6.78
CA THR L 49 50.84 -6.03 -7.76
C THR L 49 49.93 -7.16 -7.29
N PRO L 50 49.58 -8.10 -8.17
CA PRO L 50 48.82 -9.28 -7.71
C PRO L 50 49.52 -10.05 -6.61
N LEU L 51 50.85 -9.99 -6.54
CA LEU L 51 51.56 -10.62 -5.44
C LEU L 51 51.34 -9.88 -4.13
N HIS L 52 51.17 -8.55 -4.20
CA HIS L 52 50.83 -7.78 -3.01
C HIS L 52 49.49 -8.24 -2.42
N LEU L 53 48.47 -8.36 -3.27
CA LEU L 53 47.15 -8.72 -2.79
C LEU L 53 47.11 -10.16 -2.28
N ALA L 54 47.78 -11.07 -2.99
CA ALA L 54 47.85 -12.46 -2.53
C ALA L 54 48.55 -12.55 -1.18
N ALA L 55 49.60 -11.75 -0.99
CA ALA L 55 50.28 -11.71 0.30
C ALA L 55 49.49 -10.94 1.34
N ASP L 56 48.74 -9.92 0.93
CA ASP L 56 47.98 -9.12 1.87
C ASP L 56 46.81 -9.91 2.46
N TYR L 57 46.15 -10.72 1.64
CA TYR L 57 44.99 -11.48 2.07
C TYR L 57 45.32 -12.91 2.49
N GLY L 58 46.58 -13.32 2.40
CA GLY L 58 46.96 -14.64 2.85
C GLY L 58 46.63 -15.77 1.90
N TYR L 59 46.64 -15.51 0.60
CA TYR L 59 46.35 -16.53 -0.40
C TYR L 59 47.65 -17.17 -0.85
N LEU L 60 47.95 -18.34 -0.28
CA LEU L 60 49.24 -18.99 -0.54
C LEU L 60 49.30 -19.54 -1.97
N GLU L 61 48.24 -20.22 -2.41
CA GLU L 61 48.26 -20.83 -3.74
C GLU L 61 48.38 -19.77 -4.83
N VAL L 62 47.75 -18.61 -4.63
CA VAL L 62 47.85 -17.53 -5.61
C VAL L 62 49.27 -17.00 -5.69
N ALA L 63 49.90 -16.81 -4.53
CA ALA L 63 51.26 -16.27 -4.50
C ALA L 63 52.25 -17.22 -5.16
N GLU L 64 52.07 -18.53 -4.97
CA GLU L 64 52.98 -19.50 -5.56
C GLU L 64 52.80 -19.57 -7.08
N VAL L 65 51.57 -19.41 -7.57
CA VAL L 65 51.35 -19.40 -9.01
C VAL L 65 51.92 -18.14 -9.64
N LEU L 66 51.76 -17.00 -8.97
CA LEU L 66 52.33 -15.75 -9.48
C LEU L 66 53.85 -15.82 -9.53
N LEU L 67 54.48 -16.33 -8.46
CA LEU L 67 55.93 -16.39 -8.41
C LEU L 67 56.49 -17.32 -9.47
N LYS L 68 55.80 -18.43 -9.75
CA LYS L 68 56.26 -19.36 -10.78
C LYS L 68 56.12 -18.80 -12.18
N HIS L 69 55.37 -17.71 -12.37
CA HIS L 69 55.22 -17.08 -13.67
C HIS L 69 55.91 -15.72 -13.73
N GLY L 70 56.90 -15.48 -12.87
CA GLY L 70 57.71 -14.29 -12.99
C GLY L 70 57.19 -13.06 -12.25
N ALA L 71 56.60 -13.26 -11.08
CA ALA L 71 56.16 -12.14 -10.26
C ALA L 71 57.35 -11.49 -9.56
N ASP L 72 57.37 -10.17 -9.55
CA ASP L 72 58.44 -9.43 -8.88
C ASP L 72 58.25 -9.56 -7.37
N VAL L 73 59.12 -10.35 -6.72
CA VAL L 73 58.98 -10.62 -5.30
C VAL L 73 59.33 -9.39 -4.46
N ASN L 74 60.05 -8.43 -5.01
CA ASN L 74 60.46 -7.23 -4.29
C ASN L 74 59.82 -5.98 -4.88
N ALA L 75 58.62 -6.11 -5.44
CA ALA L 75 57.91 -4.95 -5.97
C ALA L 75 57.41 -4.08 -4.82
N HIS L 76 57.51 -2.76 -5.00
CA HIS L 76 57.07 -1.79 -4.02
C HIS L 76 55.82 -1.09 -4.52
N ASP L 77 54.89 -0.81 -3.61
CA ASP L 77 53.71 -0.01 -3.93
C ASP L 77 54.07 1.46 -3.81
N VAL L 78 53.07 2.34 -3.88
CA VAL L 78 53.33 3.77 -3.81
C VAL L 78 53.79 4.22 -2.42
N TYR L 79 53.70 3.35 -1.43
CA TYR L 79 54.19 3.65 -0.09
C TYR L 79 55.44 2.87 0.27
N GLY L 80 56.08 2.22 -0.71
CA GLY L 80 57.31 1.49 -0.48
C GLY L 80 57.17 0.11 0.11
N ASP L 81 55.94 -0.40 0.23
CA ASP L 81 55.71 -1.70 0.84
C ASP L 81 55.87 -2.82 -0.18
N THR L 82 56.64 -3.83 0.18
CA THR L 82 56.76 -5.04 -0.62
C THR L 82 55.72 -6.05 -0.19
N PRO L 83 55.51 -7.12 -0.98
CA PRO L 83 54.62 -8.19 -0.50
C PRO L 83 55.05 -8.78 0.83
N LEU L 84 56.35 -8.75 1.13
CA LEU L 84 56.82 -9.22 2.43
C LEU L 84 56.40 -8.28 3.55
N HIS L 85 56.32 -6.98 3.27
CA HIS L 85 55.83 -6.03 4.27
C HIS L 85 54.39 -6.32 4.65
N LEU L 86 53.57 -6.72 3.68
CA LEU L 86 52.16 -6.95 3.96
C LEU L 86 51.95 -8.25 4.74
N THR L 87 52.70 -9.31 4.40
CA THR L 87 52.58 -10.55 5.14
C THR L 87 53.07 -10.41 6.57
N ALA L 88 54.14 -9.63 6.77
CA ALA L 88 54.64 -9.38 8.12
C ALA L 88 53.64 -8.61 8.97
N THR L 89 52.73 -7.87 8.35
CA THR L 89 51.73 -7.12 9.10
C THR L 89 50.56 -8.01 9.53
N TRP L 90 50.09 -8.87 8.64
CA TRP L 90 48.92 -9.69 8.91
C TRP L 90 49.26 -11.06 9.48
N GLY L 91 50.55 -11.43 9.53
CA GLY L 91 50.94 -12.65 10.20
C GLY L 91 50.79 -13.92 9.38
N HIS L 92 50.94 -13.84 8.06
CA HIS L 92 50.86 -15.02 7.20
C HIS L 92 52.24 -15.64 7.13
N LEU L 93 52.51 -16.57 8.05
CA LEU L 93 53.85 -17.14 8.16
C LEU L 93 54.19 -17.99 6.94
N GLU L 94 53.21 -18.71 6.38
CA GLU L 94 53.51 -19.60 5.26
C GLU L 94 53.93 -18.82 4.02
N ILE L 95 53.32 -17.66 3.79
CA ILE L 95 53.72 -16.85 2.64
C ILE L 95 55.04 -16.15 2.90
N VAL L 96 55.36 -15.83 4.15
CA VAL L 96 56.65 -15.23 4.46
C VAL L 96 57.79 -16.13 4.03
N GLU L 97 57.67 -17.44 4.31
CA GLU L 97 58.71 -18.38 3.91
C GLU L 97 58.75 -18.56 2.40
N VAL L 98 57.58 -18.58 1.75
CA VAL L 98 57.53 -18.73 0.30
C VAL L 98 58.16 -17.52 -0.38
N LEU L 99 57.90 -16.32 0.14
CA LEU L 99 58.50 -15.13 -0.42
C LEU L 99 60.02 -15.15 -0.23
N LEU L 100 60.49 -15.48 0.97
CA LEU L 100 61.92 -15.49 1.24
C LEU L 100 62.64 -16.56 0.43
N LYS L 101 61.95 -17.65 0.09
CA LYS L 101 62.54 -18.67 -0.76
C LYS L 101 62.60 -18.25 -2.23
N ASN L 102 61.84 -17.23 -2.62
CA ASN L 102 61.86 -16.72 -3.98
C ASN L 102 62.66 -15.44 -4.12
N GLY L 103 63.51 -15.13 -3.14
CA GLY L 103 64.41 -14.00 -3.23
C GLY L 103 63.88 -12.70 -2.67
N ALA L 104 62.90 -12.75 -1.77
CA ALA L 104 62.39 -11.53 -1.16
C ALA L 104 63.44 -10.92 -0.24
N ASP L 105 63.72 -9.64 -0.44
CA ASP L 105 64.69 -8.93 0.39
C ASP L 105 64.12 -8.73 1.79
N ALA L 106 64.70 -9.40 2.78
CA ALA L 106 64.27 -9.29 4.17
C ALA L 106 64.52 -7.92 4.76
N ASN L 107 65.36 -7.09 4.13
CA ASN L 107 65.65 -5.74 4.60
C ASN L 107 65.03 -4.68 3.71
N ALA L 108 63.95 -5.01 3.02
CA ALA L 108 63.23 -4.02 2.23
C ALA L 108 62.65 -2.95 3.14
N ILE L 109 62.59 -1.71 2.65
CA ILE L 109 62.23 -0.57 3.46
C ILE L 109 61.17 0.24 2.73
N ASP L 110 60.11 0.62 3.45
CA ASP L 110 59.03 1.41 2.89
C ASP L 110 59.28 2.89 3.11
N PHE L 111 58.27 3.72 2.89
CA PHE L 111 58.43 5.17 3.02
C PHE L 111 58.56 5.62 4.47
N PHE L 112 58.23 4.77 5.44
CA PHE L 112 58.37 5.11 6.85
C PHE L 112 59.67 4.61 7.45
N GLY L 113 60.54 3.99 6.65
CA GLY L 113 61.76 3.41 7.17
C GLY L 113 61.60 2.03 7.74
N TRP L 114 60.44 1.41 7.60
CA TRP L 114 60.16 0.13 8.22
C TRP L 114 60.67 -1.01 7.36
N THR L 115 61.33 -1.97 7.98
CA THR L 115 61.61 -3.26 7.39
C THR L 115 60.49 -4.22 7.75
N PRO L 116 60.37 -5.35 7.04
CA PRO L 116 59.40 -6.37 7.47
C PRO L 116 59.62 -6.82 8.90
N LEU L 117 60.82 -6.66 9.44
CA LEU L 117 61.07 -6.95 10.85
C LEU L 117 60.39 -5.93 11.76
N HIS L 118 60.32 -4.67 11.33
CA HIS L 118 59.63 -3.66 12.13
C HIS L 118 58.14 -3.97 12.24
N LEU L 119 57.49 -4.24 11.10
CA LEU L 119 56.06 -4.50 11.11
C LEU L 119 55.73 -5.78 11.86
N ALA L 120 56.57 -6.81 11.72
CA ALA L 120 56.34 -8.05 12.45
C ALA L 120 56.52 -7.84 13.96
N ALA L 121 57.47 -6.98 14.35
CA ALA L 121 57.65 -6.69 15.76
C ALA L 121 56.54 -5.82 16.32
N TYR L 122 55.99 -4.92 15.50
CA TYR L 122 54.90 -4.08 15.97
C TYR L 122 53.65 -4.89 16.27
N PHE L 123 53.30 -5.84 15.41
CA PHE L 123 52.11 -6.64 15.58
C PHE L 123 52.36 -7.96 16.30
N GLY L 124 53.55 -8.15 16.87
CA GLY L 124 53.81 -9.29 17.72
C GLY L 124 53.78 -10.64 17.04
N HIS L 125 54.20 -10.71 15.78
CA HIS L 125 54.29 -11.98 15.07
C HIS L 125 55.69 -12.53 15.27
N LEU L 126 55.89 -13.23 16.39
CA LEU L 126 57.23 -13.65 16.78
C LEU L 126 57.79 -14.73 15.85
N GLU L 127 56.92 -15.62 15.36
CA GLU L 127 57.38 -16.66 14.45
C GLU L 127 57.93 -16.06 13.16
N ILE L 128 57.29 -14.99 12.65
CA ILE L 128 57.80 -14.32 11.47
C ILE L 128 59.10 -13.58 11.78
N VAL L 129 59.22 -13.05 13.00
CA VAL L 129 60.44 -12.34 13.37
C VAL L 129 61.65 -13.27 13.30
N GLU L 130 61.51 -14.48 13.85
CA GLU L 130 62.63 -15.43 13.82
C GLU L 130 62.94 -15.90 12.41
N VAL L 131 61.93 -15.99 11.55
CA VAL L 131 62.18 -16.38 10.16
C VAL L 131 62.89 -15.26 9.41
N LEU L 132 62.50 -14.01 9.65
CA LEU L 132 63.19 -12.89 9.02
C LEU L 132 64.62 -12.78 9.51
N LEU L 133 64.86 -13.04 10.80
CA LEU L 133 66.23 -13.04 11.31
C LEU L 133 67.05 -14.17 10.71
N LYS L 134 66.39 -15.29 10.37
CA LYS L 134 67.09 -16.39 9.71
C LYS L 134 67.57 -16.00 8.33
N TYR L 135 66.84 -15.12 7.64
CA TYR L 135 67.18 -14.70 6.29
C TYR L 135 67.95 -13.38 6.26
N GLY L 136 68.48 -12.93 7.40
CA GLY L 136 69.37 -11.80 7.43
C GLY L 136 68.74 -10.46 7.69
N ALA L 137 67.68 -10.40 8.48
CA ALA L 137 67.07 -9.13 8.84
C ALA L 137 67.94 -8.42 9.88
N ASP L 138 68.34 -7.18 9.57
CA ASP L 138 69.20 -6.41 10.45
C ASP L 138 68.36 -5.84 11.60
N VAL L 139 68.72 -6.19 12.83
CA VAL L 139 68.01 -5.68 14.00
C VAL L 139 68.37 -4.22 14.28
N ASN L 140 69.52 -3.76 13.79
CA ASN L 140 69.97 -2.39 14.04
C ASN L 140 69.42 -1.39 13.04
N ALA L 141 68.55 -1.82 12.12
CA ALA L 141 67.97 -0.90 11.15
C ALA L 141 66.98 0.04 11.84
N GLN L 142 67.16 1.33 11.63
CA GLN L 142 66.29 2.34 12.20
C GLN L 142 65.33 2.87 11.12
N ASP L 143 64.09 3.12 11.53
CA ASP L 143 63.11 3.74 10.64
C ASP L 143 63.31 5.25 10.67
N LYS L 144 62.42 5.99 10.02
CA LYS L 144 62.54 7.44 9.98
C LYS L 144 62.19 8.12 11.30
N PHE L 145 62.02 7.33 12.36
CA PHE L 145 61.76 7.85 13.70
C PHE L 145 62.80 7.35 14.70
N GLY L 146 63.93 6.82 14.21
CA GLY L 146 64.98 6.33 15.08
C GLY L 146 64.62 5.11 15.88
N LYS L 147 63.73 4.27 15.38
CA LYS L 147 63.23 3.11 16.11
C LYS L 147 63.78 1.83 15.50
N THR L 148 64.30 0.96 16.35
CA THR L 148 64.67 -0.40 15.99
C THR L 148 63.66 -1.37 16.57
N VAL L 149 63.90 -2.66 16.36
CA VAL L 149 63.05 -3.68 16.96
C VAL L 149 63.22 -3.71 18.48
N PHE L 150 64.38 -3.27 18.98
CA PHE L 150 64.56 -3.17 20.42
C PHE L 150 63.65 -2.08 21.00
N ASP L 151 63.53 -0.96 20.30
CA ASP L 151 62.64 0.11 20.75
C ASP L 151 61.18 -0.31 20.68
N ILE L 152 60.84 -1.19 19.73
CA ILE L 152 59.46 -1.65 19.60
C ILE L 152 59.11 -2.58 20.76
N SER L 153 60.03 -3.48 21.13
CA SER L 153 59.76 -4.38 22.24
C SER L 153 59.60 -3.64 23.55
N VAL L 154 60.33 -2.53 23.74
CA VAL L 154 60.18 -1.74 24.94
C VAL L 154 58.86 -0.97 24.91
N TYR L 155 58.49 -0.44 23.75
CA TYR L 155 57.24 0.32 23.64
C TYR L 155 56.03 -0.58 23.84
N ASN L 156 55.97 -1.69 23.11
CA ASN L 156 54.86 -2.63 23.25
C ASN L 156 54.93 -3.44 24.53
N GLY L 157 56.04 -3.37 25.27
CA GLY L 157 56.19 -4.20 26.45
C GLY L 157 56.22 -5.68 26.17
N ASP L 158 56.63 -6.06 24.96
CA ASP L 158 56.63 -7.46 24.54
C ASP L 158 57.78 -8.18 25.24
N GLU L 159 57.45 -9.02 26.23
CA GLU L 159 58.47 -9.75 26.96
C GLU L 159 59.14 -10.79 26.06
N ASP L 160 58.35 -11.53 25.28
CA ASP L 160 58.90 -12.59 24.45
C ASP L 160 59.74 -12.04 23.30
N LEU L 161 59.42 -10.84 22.82
CA LEU L 161 60.21 -10.25 21.73
C LEU L 161 61.58 -9.81 22.22
N ALA L 162 61.64 -9.18 23.40
CA ALA L 162 62.92 -8.77 23.96
C ALA L 162 63.79 -9.98 24.32
N GLU L 163 63.16 -11.10 24.68
CA GLU L 163 63.92 -12.31 24.95
C GLU L 163 64.54 -12.89 23.68
N ILE L 164 63.88 -12.69 22.53
CA ILE L 164 64.42 -13.15 21.26
C ILE L 164 65.58 -12.25 20.84
N LEU L 165 65.42 -10.93 21.00
CA LEU L 165 66.45 -9.99 20.57
C LEU L 165 67.67 -10.01 21.48
N GLN L 166 67.53 -10.47 22.72
CA GLN L 166 68.67 -10.53 23.63
C GLN L 166 69.70 -11.58 23.19
N LYS L 167 69.31 -12.49 22.31
CA LYS L 167 70.23 -13.48 21.76
C LYS L 167 71.42 -12.84 21.05
C1 6FE M . -4.60 22.03 2.04
N1 6FE M . -5.47 23.12 2.45
C2 6FE M . -4.92 24.43 2.72
C3 6FE M . -6.89 22.90 2.60
C4 6FE M . -7.51 21.82 1.99
C5 6FE M . -8.88 21.63 2.15
C6 6FE M . -9.61 22.53 2.91
C7 6FE M . -11.12 22.38 3.13
C8 6FE M . -12.00 23.60 2.88
C9 6FE M . -12.96 23.93 3.84
C10 6FE M . -13.78 25.02 3.65
C11 6FE M . -13.64 25.80 2.51
O1 6FE M . -14.47 26.91 2.32
C12 6FE M . -14.77 27.61 3.50
C28 6FE M . -12.69 25.48 1.56
C29 6FE M . -11.87 24.38 1.74
C30 6FE M . -11.78 21.00 3.19
C31 6FE M . -12.99 20.79 2.54
C32 6FE M . -13.60 19.55 2.60
C33 6FE M . -13.00 18.53 3.31
N6 6FE M . -13.65 17.23 3.39
C34 6FE M . -12.90 16.07 3.83
C35 6FE M . -15.06 17.11 3.07
C36 6FE M . -11.80 18.74 3.97
C37 6FE M . -11.19 19.98 3.91
C38 6FE M . -8.98 23.61 3.52
C39 6FE M . -7.62 23.79 3.37
C1 6FE N . 13.95 -26.32 -15.05
N1 6FE N . 13.01 -25.28 -14.66
C2 6FE N . 13.49 -23.94 -14.38
C3 6FE N . 11.59 -25.58 -14.55
C4 6FE N . 11.05 -26.70 -15.15
C5 6FE N . 9.69 -26.96 -15.04
C6 6FE N . 8.88 -26.08 -14.34
C7 6FE N . 7.37 -26.31 -14.18
C8 6FE N . 6.43 -25.11 -14.29
C9 6FE N . 5.55 -24.86 -13.25
C10 6FE N . 4.68 -23.79 -13.32
C11 6FE N . 4.68 -22.97 -14.44
O1 6FE N . 3.80 -21.88 -14.51
C12 6FE N . 3.77 -21.10 -13.36
C28 6FE N . 5.56 -23.22 -15.49
C29 6FE N . 6.44 -24.30 -15.41
C30 6FE N . 6.77 -27.71 -14.11
C31 6FE N . 5.57 -27.94 -14.75
C32 6FE N . 4.99 -29.19 -14.69
C33 6FE N . 5.61 -30.20 -13.98
N6 6FE N . 4.99 -31.52 -13.92
C34 6FE N . 5.77 -32.67 -13.54
C35 6FE N . 3.58 -31.65 -14.22
C36 6FE N . 6.81 -29.97 -13.33
C37 6FE N . 7.39 -28.72 -13.40
C38 6FE N . 9.43 -24.95 -13.75
C39 6FE N . 10.78 -24.69 -13.85
C1 6FE O . -41.77 8.53 17.92
N1 6FE O . -40.70 8.58 18.89
C2 6FE O . -40.99 8.62 20.32
C3 6FE O . -39.31 8.59 18.46
C4 6FE O . -38.95 8.18 17.18
C5 6FE O . -37.61 8.19 16.80
C6 6FE O . -36.65 8.62 17.71
C7 6FE O . -35.16 8.67 17.35
C8 6FE O . -34.23 7.82 18.22
C9 6FE O . -33.06 8.41 18.69
C10 6FE O . -32.20 7.68 19.49
C11 6FE O . -32.49 6.36 19.81
O1 6FE O . -31.61 5.61 20.60
C12 6FE O . -30.37 6.21 20.79
C28 6FE O . -33.65 5.78 19.33
C29 6FE O . -34.53 6.50 18.54
C30 6FE O . -34.75 8.99 15.92
C31 6FE O . -33.83 8.18 15.24
C32 6FE O . -33.45 8.51 13.95
C33 6FE O . -33.99 9.62 13.33
N6 6FE O . -33.59 9.96 11.99
C34 6FE O . -34.32 10.99 11.26
C35 6FE O . -32.45 9.31 11.38
C36 6FE O . -34.89 10.42 14.00
C37 6FE O . -35.26 10.10 15.30
C38 6FE O . -37.02 9.04 18.98
C39 6FE O . -38.34 9.02 19.36
C1 6FE P . -23.08 -41.09 0.33
N1 6FE P . -22.04 -41.01 1.32
C2 6FE P . -22.37 -40.99 2.73
C3 6FE P . -20.65 -40.93 0.92
C4 6FE P . -20.26 -41.30 -0.37
C5 6FE P . -18.91 -41.23 -0.73
C6 6FE P . -17.99 -40.77 0.18
C7 6FE P . -16.49 -40.64 -0.14
C8 6FE P . -15.57 -41.52 0.70
C9 6FE P . -14.46 -40.94 1.29
C10 6FE P . -13.59 -41.69 2.06
C11 6FE P . -13.84 -43.04 2.24
O1 6FE P . -12.97 -43.81 3.03
C12 6FE P . -11.64 -43.35 3.01
C28 6FE P . -14.94 -43.63 1.67
C29 6FE P . -15.82 -42.88 0.90
C30 6FE P . -16.06 -40.40 -1.58
C31 6FE P . -15.07 -41.17 -2.15
C32 6FE P . -14.67 -40.93 -3.46
C33 6FE P . -15.26 -39.91 -4.18
N6 6FE P . -14.84 -39.64 -5.55
C34 6FE P . -15.63 -38.79 -6.40
C35 6FE P . -13.59 -40.20 -6.03
C36 6FE P . -16.24 -39.14 -3.61
C37 6FE P . -16.65 -39.37 -2.31
C38 6FE P . -18.39 -40.40 1.46
C39 6FE P . -19.72 -40.48 1.82
C1 6FE Q . 15.68 36.91 -15.13
N1 6FE Q . 14.78 36.69 -16.25
C2 6FE Q . 14.65 37.70 -17.28
C3 6FE Q . 14.00 35.47 -16.33
C4 6FE Q . 14.39 34.36 -15.61
C5 6FE Q . 13.64 33.19 -15.70
C6 6FE Q . 12.52 33.15 -16.51
C7 6FE Q . 11.68 31.88 -16.63
C8 6FE Q . 11.28 31.35 -18.00
C9 6FE Q . 9.94 31.12 -18.27
C10 6FE Q . 9.54 30.63 -19.49
C11 6FE Q . 10.49 30.36 -20.47
O1 6FE Q . 10.09 29.87 -21.71
C12 6FE Q . 9.13 30.67 -22.35
C28 6FE Q . 11.83 30.59 -20.21
C29 6FE Q . 12.24 31.08 -18.98
C30 6FE Q . 11.38 31.02 -15.41
C31 6FE Q . 11.36 29.65 -15.54
C32 6FE Q . 11.08 28.84 -14.46
C33 6FE Q . 10.82 29.41 -13.23
N6 6FE Q . 10.52 28.57 -12.10
C34 6FE Q . 10.75 29.05 -10.75
C35 6FE Q . 9.97 27.24 -12.32
C36 6FE Q . 10.84 30.79 -13.08
C37 6FE Q . 11.12 31.60 -14.17
C38 6FE Q . 12.14 34.27 -17.23
C39 6FE Q . 12.89 35.43 -17.15
C1 6FE R . 51.19 -0.65 20.20
N1 6FE R . 51.10 -1.41 18.98
C2 6FE R . 50.91 -2.85 19.01
C3 6FE R . 51.19 -0.74 17.69
C4 6FE R . 51.06 0.64 17.63
C5 6FE R . 51.15 1.29 16.40
C6 6FE R . 51.36 0.55 15.25
C7 6FE R . 51.47 1.22 13.89
C8 6FE R . 50.44 0.90 12.79
C9 6FE R . 50.91 0.59 11.53
C10 6FE R . 50.01 0.30 10.51
C11 6FE R . 48.65 0.31 10.78
O1 6FE R . 47.74 0.01 9.76
C12 6FE R . 48.23 -0.87 8.79
C28 6FE R . 48.19 0.61 12.04
C29 6FE R . 49.09 0.91 13.06
C30 6FE R . 52.35 2.45 13.72
C31 6FE R . 51.93 3.50 12.92
C32 6FE R . 52.74 4.61 12.76
C33 6FE R . 53.96 4.67 13.41
N6 6FE R . 54.81 5.83 13.24
C34 6FE R . 55.87 6.10 14.19
C35 6FE R . 54.61 6.69 12.09
C36 6FE R . 54.38 3.62 14.20
C37 6FE R . 53.58 2.51 14.35
C38 6FE R . 51.49 -0.83 15.33
C39 6FE R . 51.41 -1.47 16.55
#